data_6DSZ
#
_entry.id   6DSZ
#
_cell.length_a   63.196
_cell.length_b   219.175
_cell.length_c   89.317
_cell.angle_alpha   90.000
_cell.angle_beta   89.980
_cell.angle_gamma   90.000
#
_symmetry.space_group_name_H-M   'P 1 21 1'
#
loop_
_entity.id
_entity.type
_entity.pdbx_description
1 polymer 'DNA damage-binding protein 1'
2 polymer 'DET1- and DDB1-associated protein 1'
#
loop_
_entity_poly.entity_id
_entity_poly.type
_entity_poly.pdbx_seq_one_letter_code
_entity_poly.pdbx_strand_id
1 'polypeptide(L)'
;MSYNYVVTAQKPTAVNGCVTGHFTSAEDLNLLIAKNTRLEIYVVTAEGLRPVKEVGMYGKIAVMELFRPKGESKDLLFIL
TAKYNACILEYKQSGESIDIITRAHGNVQDRIGRPSETGIIGIIDPECRMIGLRLYDGLFKVIPLDRDNKELKAFNIRLE
ELHVIDVKFLYGCQAPTICFVYQDPQGRHVKTYEVSLREKEFNKGPWKQENVEAEASMVIAVPEPFGGAIIIGQESITYH
NGDKYLAIAPPIIKQSTIVCHNRVDPNGSRYLLGDMEGRLFMLLLEKEEQMDGTVTLKDLRVELLGETSIAECLTYLDNG
VVFVGSRLGDSQLVKLNVDSNEQGSYVVAMETFTNLGPIVDMCVVDLERQGQGQLVTCSGAFKEGSLRIIRNGIGIHEHA
SIDLPGIKGLWPLRSDPNRETDDTLVLSFVGQTRVLMLNGEEVEETELMGFVDDQQTFFCGNVAHQQLIQITSASVRLVS
QEPKALVSEWKEPQAKNISVASCNSSQVVVAVGRALYYLQIHPQELRQISHTEMEHEVACLDITPLGDSNGLSPLCAIGL
WTDISARILKLPSFELLHKEMLGGEIIPRSILMTTFESSHYLLCALGDGALFYFGLNIETGLLSDRKKVTLGTQPTVLRT
FRSLSTTNVFACSDRPTVIYSSNHKLVFSNVNLKEVNYMCPLNSDGYPDSLALANNSTLTIGTIDEIQKLHIRTVPLYES
PRKICYQEVSQCFGVLSSRIEVQDTSGGTTALRPSASTQALSSSVSSSKLFSSSTAPHETSFGEEVEVHNLLIIDQHTFE
VLHAHQFLQNEYALSLVSCKLGKDPNTYFIVGTAMVYPEEAEPKQGRIVVFQYSDGKLQTVAEKEVKGAVYSMVEFNGKL
LASINSTVRLYEWTTEKELRTECNHYNNIMALYLKTKGDFILVGDLMRSVLLLAYKPMEGNFEEIARDFNPNWMSAVEIL
DDDNFLGAENAFNLFVCQKDSAATTDEERQHLQEVGLFHLGEFVNVFCHGSLVMQNLGETSTPTQGSVLFGTVNGMIGLV
TSLSESWYNLLLDMQNRLNKVIKSVGKIEHSFWRSFHTERKTEPATGFIDGDLIESFLDISRPKMQEVVANLQYDDGSGM
KREATADDLIKVVEELTRIH
;
A,B
2 'polypeptide(L)' MADFLKGLPVYNKSNFSRF C,D
#
# COMPACT_ATOMS: atom_id res chain seq x y z
N MET A 1 0.82 -29.36 6.70
CA MET A 1 0.83 -28.08 5.94
C MET A 1 1.54 -26.98 6.71
N SER A 2 2.63 -27.35 7.40
CA SER A 2 3.48 -26.41 8.12
C SER A 2 4.89 -26.58 7.57
N TYR A 3 5.38 -25.57 6.86
CA TYR A 3 6.65 -25.66 6.15
C TYR A 3 7.50 -24.46 6.53
N ASN A 4 8.49 -24.70 7.39
CA ASN A 4 9.27 -23.65 8.02
C ASN A 4 10.71 -23.68 7.52
N TYR A 5 11.56 -22.86 8.15
CA TYR A 5 12.89 -22.58 7.61
C TYR A 5 13.75 -21.85 8.63
N VAL A 6 14.91 -22.40 8.97
CA VAL A 6 15.76 -21.86 10.01
C VAL A 6 17.13 -21.53 9.42
N VAL A 7 17.62 -20.32 9.70
CA VAL A 7 18.96 -19.91 9.29
C VAL A 7 19.70 -19.40 10.52
N THR A 8 21.02 -19.46 10.43
CA THR A 8 21.88 -18.86 11.45
C THR A 8 22.01 -17.37 11.15
N ALA A 9 21.62 -16.54 12.11
CA ALA A 9 21.85 -15.10 12.01
C ALA A 9 23.15 -14.69 12.70
N GLN A 10 23.75 -15.58 13.48
CA GLN A 10 25.02 -15.32 14.14
C GLN A 10 25.60 -16.63 14.64
N LYS A 11 26.84 -16.94 14.28
CA LYS A 11 27.45 -18.18 14.71
C LYS A 11 27.49 -18.22 16.25
N PRO A 12 27.48 -19.42 16.84
CA PRO A 12 27.69 -19.52 18.28
C PRO A 12 29.03 -18.92 18.69
N THR A 13 29.00 -18.04 19.70
CA THR A 13 30.18 -17.33 20.13
C THR A 13 30.79 -17.88 21.41
N ALA A 14 30.02 -18.63 22.21
CA ALA A 14 30.57 -19.23 23.41
C ALA A 14 31.68 -20.22 23.06
N VAL A 15 32.66 -20.33 23.95
CA VAL A 15 33.81 -21.21 23.75
C VAL A 15 33.67 -22.37 24.72
N ASN A 16 33.56 -23.59 24.19
CA ASN A 16 33.40 -24.79 25.01
C ASN A 16 34.67 -25.62 25.13
N GLY A 17 35.59 -25.52 24.16
CA GLY A 17 36.83 -26.26 24.24
C GLY A 17 37.90 -25.60 23.41
N CYS A 18 39.14 -25.70 23.89
CA CYS A 18 40.28 -25.15 23.17
C CYS A 18 41.52 -25.96 23.51
N VAL A 19 42.30 -26.31 22.48
CA VAL A 19 43.47 -27.16 22.65
C VAL A 19 44.62 -26.56 21.86
N THR A 20 45.84 -26.92 22.27
CA THR A 20 47.05 -26.48 21.60
C THR A 20 47.80 -27.69 21.06
N GLY A 21 48.54 -27.46 19.97
CA GLY A 21 49.35 -28.51 19.39
C GLY A 21 49.90 -28.09 18.05
N HIS A 22 50.47 -29.08 17.35
CA HIS A 22 51.08 -28.88 16.04
C HIS A 22 50.19 -29.57 15.01
N PHE A 23 49.28 -28.80 14.41
CA PHE A 23 48.23 -29.33 13.56
C PHE A 23 48.42 -28.99 12.09
N THR A 24 48.77 -27.75 11.77
CA THR A 24 49.05 -27.39 10.38
C THR A 24 50.31 -28.07 9.90
N SER A 25 51.45 -27.74 10.49
CA SER A 25 52.72 -28.39 10.17
C SER A 25 53.37 -28.80 11.50
N ALA A 26 54.67 -29.08 11.45
CA ALA A 26 55.45 -29.28 12.65
C ALA A 26 55.98 -27.93 13.13
N GLU A 27 56.04 -27.76 14.45
CA GLU A 27 56.23 -26.44 15.07
C GLU A 27 55.38 -25.39 14.36
N ASP A 28 54.08 -25.67 14.34
CA ASP A 28 53.05 -24.71 13.96
C ASP A 28 52.14 -24.60 15.17
N LEU A 29 52.32 -23.56 15.97
CA LEU A 29 51.57 -23.46 17.22
C LEU A 29 50.14 -23.12 16.89
N ASN A 30 49.28 -24.13 16.92
CA ASN A 30 47.89 -23.99 16.56
C ASN A 30 47.02 -23.85 17.81
N LEU A 31 46.03 -22.95 17.72
CA LEU A 31 44.98 -22.86 18.71
C LEU A 31 43.68 -23.30 18.06
N LEU A 32 43.10 -24.38 18.58
CA LEU A 32 41.87 -24.94 18.03
C LEU A 32 40.74 -24.66 19.01
N ILE A 33 39.79 -23.82 18.61
CA ILE A 33 38.70 -23.39 19.47
C ILE A 33 37.42 -24.11 19.04
N ALA A 34 36.73 -24.71 20.00
CA ALA A 34 35.46 -25.37 19.76
C ALA A 34 34.33 -24.48 20.27
N LYS A 35 33.40 -24.14 19.37
CA LYS A 35 32.25 -23.33 19.74
C LYS A 35 31.05 -24.22 20.04
N ASN A 36 30.34 -24.64 18.99
CA ASN A 36 29.29 -25.64 19.14
C ASN A 36 29.29 -26.65 18.00
N THR A 37 28.89 -26.21 16.82
CA THR A 37 29.04 -26.95 15.58
C THR A 37 30.20 -26.44 14.74
N ARG A 38 30.89 -25.40 15.22
CA ARG A 38 32.00 -24.79 14.49
C ARG A 38 33.32 -25.17 15.13
N LEU A 39 34.36 -25.24 14.30
CA LEU A 39 35.72 -25.52 14.73
C LEU A 39 36.64 -24.50 14.08
N GLU A 40 37.46 -23.83 14.88
CA GLU A 40 38.33 -22.77 14.42
C GLU A 40 39.77 -23.18 14.63
N ILE A 41 40.60 -22.97 13.61
CA ILE A 41 42.02 -23.31 13.65
C ILE A 41 42.81 -22.04 13.42
N TYR A 42 43.84 -21.84 14.24
CA TYR A 42 44.67 -20.65 14.16
C TYR A 42 46.13 -21.05 14.18
N VAL A 43 46.98 -20.12 13.72
CA VAL A 43 48.44 -20.28 13.78
C VAL A 43 48.99 -19.10 14.56
N VAL A 44 49.76 -19.39 15.60
CA VAL A 44 50.38 -18.34 16.40
C VAL A 44 51.49 -17.71 15.56
N THR A 45 51.25 -16.47 15.12
CA THR A 45 52.23 -15.69 14.39
C THR A 45 52.54 -14.42 15.16
N ALA A 46 53.62 -13.75 14.77
CA ALA A 46 54.01 -12.49 15.39
C ALA A 46 52.79 -11.60 15.59
N GLU A 47 51.95 -11.55 14.54
CA GLU A 47 50.77 -10.68 14.55
C GLU A 47 49.93 -10.90 15.80
N GLY A 48 49.93 -12.12 16.31
CA GLY A 48 48.86 -12.62 17.15
C GLY A 48 48.15 -13.75 16.45
N LEU A 49 46.99 -14.09 16.98
CA LEU A 49 46.21 -15.19 16.43
C LEU A 49 45.75 -14.87 15.01
N ARG A 50 46.20 -15.66 14.04
CA ARG A 50 45.76 -15.53 12.66
C ARG A 50 45.19 -16.86 12.18
N PRO A 51 43.96 -16.92 11.68
CA PRO A 51 43.37 -18.21 11.32
C PRO A 51 43.81 -18.71 9.96
N VAL A 52 43.73 -20.04 9.81
CA VAL A 52 43.98 -20.71 8.54
C VAL A 52 42.68 -21.22 7.92
N LYS A 53 41.82 -21.85 8.71
CA LYS A 53 40.62 -22.46 8.16
C LYS A 53 39.60 -22.68 9.26
N GLU A 54 38.42 -22.08 9.11
CA GLU A 54 37.29 -22.31 10.01
C GLU A 54 36.35 -23.30 9.35
N VAL A 55 36.35 -24.53 9.85
CA VAL A 55 35.52 -25.60 9.30
C VAL A 55 34.19 -25.61 10.02
N GLY A 56 33.31 -26.53 9.64
CA GLY A 56 32.00 -26.63 10.26
C GLY A 56 31.44 -28.04 10.17
N MET A 57 31.17 -28.65 11.31
CA MET A 57 30.73 -30.02 11.38
C MET A 57 29.22 -30.11 11.56
N TYR A 58 28.70 -31.32 11.35
CA TYR A 58 27.30 -31.64 11.60
C TYR A 58 27.12 -32.27 12.98
N GLY A 59 27.69 -31.65 14.00
CA GLY A 59 27.58 -32.19 15.35
C GLY A 59 28.06 -31.20 16.38
N LYS A 60 27.73 -31.50 17.62
CA LYS A 60 28.14 -30.71 18.77
C LYS A 60 29.44 -31.28 19.33
N ILE A 61 30.55 -30.57 19.10
CA ILE A 61 31.87 -31.04 19.53
C ILE A 61 31.87 -31.18 21.04
N ALA A 62 32.01 -32.42 21.52
CA ALA A 62 32.01 -32.72 22.95
C ALA A 62 33.37 -33.15 23.47
N VAL A 63 34.21 -33.75 22.63
CA VAL A 63 35.57 -34.11 22.99
C VAL A 63 36.48 -33.64 21.87
N MET A 64 37.50 -32.88 22.22
CA MET A 64 38.47 -32.38 21.24
C MET A 64 39.86 -32.54 21.85
N GLU A 65 40.67 -33.41 21.26
CA GLU A 65 42.02 -33.67 21.76
C GLU A 65 42.96 -33.83 20.57
N LEU A 66 44.23 -33.47 20.80
CA LEU A 66 45.26 -33.58 19.79
C LEU A 66 46.28 -34.63 20.16
N PHE A 67 46.94 -35.19 19.14
CA PHE A 67 47.98 -36.19 19.33
C PHE A 67 48.57 -36.62 17.99
N ARG A 68 49.85 -36.96 17.96
CA ARG A 68 50.45 -37.65 16.81
C ARG A 68 51.02 -38.97 17.28
N PRO A 69 50.51 -40.12 16.82
CA PRO A 69 51.05 -41.41 17.29
C PRO A 69 52.46 -41.70 16.81
N LYS A 70 52.92 -42.90 17.15
CA LYS A 70 54.22 -43.41 16.74
C LYS A 70 54.45 -43.17 15.25
N GLY A 71 55.48 -42.38 14.94
CA GLY A 71 55.88 -42.14 13.57
C GLY A 71 54.83 -41.43 12.74
N GLU A 72 54.55 -40.18 13.07
CA GLU A 72 53.61 -39.35 12.32
C GLU A 72 54.25 -38.03 11.97
N SER A 73 53.79 -37.46 10.85
CA SER A 73 54.28 -36.15 10.43
C SER A 73 53.77 -35.05 11.36
N LYS A 74 52.46 -34.99 11.57
CA LYS A 74 51.84 -33.92 12.34
C LYS A 74 50.74 -34.51 13.21
N ASP A 75 50.31 -33.73 14.20
CA ASP A 75 49.30 -34.19 15.13
C ASP A 75 47.99 -34.50 14.41
N LEU A 76 47.33 -35.58 14.84
CA LEU A 76 46.03 -35.96 14.34
C LEU A 76 44.96 -35.49 15.32
N LEU A 77 43.99 -34.75 14.81
CA LEU A 77 42.91 -34.25 15.65
C LEU A 77 41.84 -35.33 15.83
N PHE A 78 41.22 -35.31 17.00
CA PHE A 78 40.15 -36.26 17.34
C PHE A 78 38.96 -35.51 17.89
N ILE A 79 37.77 -35.82 17.37
CA ILE A 79 36.55 -35.11 17.73
C ILE A 79 35.44 -36.13 17.95
N LEU A 80 34.60 -35.87 18.96
CA LEU A 80 33.46 -36.72 19.25
C LEU A 80 32.22 -35.84 19.38
N THR A 81 31.21 -36.14 18.59
CA THR A 81 29.94 -35.41 18.64
C THR A 81 29.13 -35.88 19.85
N ALA A 82 28.31 -34.97 20.38
CA ALA A 82 27.46 -35.33 21.52
C ALA A 82 26.46 -36.40 21.16
N LYS A 83 26.09 -36.49 19.88
CA LYS A 83 25.32 -37.60 19.34
C LYS A 83 26.18 -38.81 18.98
N TYR A 84 27.43 -38.85 19.47
CA TYR A 84 28.27 -40.06 19.42
C TYR A 84 28.82 -40.30 18.00
N ASN A 85 29.36 -39.26 17.40
CA ASN A 85 30.09 -39.38 16.13
C ASN A 85 31.57 -39.11 16.41
N ALA A 86 32.40 -40.12 16.22
CA ALA A 86 33.83 -40.00 16.41
C ALA A 86 34.54 -39.92 15.07
N CYS A 87 35.65 -39.20 15.05
CA CYS A 87 36.41 -39.02 13.81
C CYS A 87 37.81 -38.53 14.14
N ILE A 88 38.78 -39.04 13.40
CA ILE A 88 40.16 -38.55 13.44
C ILE A 88 40.41 -37.73 12.18
N LEU A 89 40.96 -36.54 12.35
CA LEU A 89 41.16 -35.61 11.25
C LEU A 89 42.65 -35.34 11.06
N GLU A 90 42.96 -34.70 9.92
CA GLU A 90 44.33 -34.37 9.58
C GLU A 90 44.33 -33.16 8.66
N TYR A 91 44.92 -32.06 9.13
CA TYR A 91 45.14 -30.90 8.28
C TYR A 91 46.12 -31.27 7.16
N LYS A 92 45.71 -31.01 5.92
CA LYS A 92 46.52 -31.37 4.75
C LYS A 92 46.47 -30.23 3.75
N GLN A 93 47.48 -29.37 3.79
CA GLN A 93 47.63 -28.26 2.84
C GLN A 93 48.54 -28.64 1.68
N SER A 94 48.45 -29.88 1.21
CA SER A 94 49.33 -30.34 0.14
C SER A 94 49.17 -29.47 -1.10
N GLY A 95 47.93 -29.13 -1.45
CA GLY A 95 47.68 -28.19 -2.53
C GLY A 95 47.61 -26.77 -2.03
N GLU A 96 47.46 -25.85 -2.99
CA GLU A 96 47.32 -24.44 -2.65
C GLU A 96 46.10 -24.17 -1.77
N SER A 97 45.18 -25.13 -1.66
CA SER A 97 43.99 -24.98 -0.84
C SER A 97 44.17 -25.73 0.47
N ILE A 98 43.07 -25.98 1.19
CA ILE A 98 43.11 -26.63 2.49
C ILE A 98 42.00 -27.67 2.52
N ASP A 99 42.32 -28.89 2.93
CA ASP A 99 41.35 -29.96 3.05
C ASP A 99 41.59 -30.73 4.33
N ILE A 100 40.53 -30.96 5.10
CA ILE A 100 40.61 -31.71 6.34
C ILE A 100 40.18 -33.14 5.99
N ILE A 101 41.17 -33.97 5.68
CA ILE A 101 40.89 -35.37 5.40
C ILE A 101 40.43 -36.07 6.69
N THR A 102 39.56 -37.05 6.53
CA THR A 102 38.97 -37.79 7.64
C THR A 102 39.59 -39.18 7.66
N ARG A 103 40.73 -39.30 8.34
CA ARG A 103 41.44 -40.57 8.37
C ARG A 103 40.54 -41.71 8.83
N ALA A 104 39.69 -41.46 9.82
CA ALA A 104 38.82 -42.49 10.37
C ALA A 104 37.53 -41.85 10.86
N HIS A 105 36.54 -42.70 11.12
CA HIS A 105 35.26 -42.24 11.64
C HIS A 105 34.42 -43.45 12.00
N GLY A 106 33.49 -43.24 12.94
CA GLY A 106 32.60 -44.29 13.38
C GLY A 106 31.73 -43.88 14.55
N ASN A 107 30.46 -44.26 14.51
CA ASN A 107 29.54 -43.96 15.59
C ASN A 107 29.69 -44.99 16.70
N VAL A 108 29.80 -44.52 17.95
CA VAL A 108 30.11 -45.39 19.07
C VAL A 108 29.04 -45.29 20.14
N GLN A 109 27.79 -45.06 19.74
CA GLN A 109 26.70 -45.09 20.70
C GLN A 109 26.45 -46.52 21.17
N ASP A 110 26.08 -46.65 22.44
CA ASP A 110 25.69 -47.92 23.02
C ASP A 110 24.19 -47.95 23.23
N ARG A 111 23.53 -48.99 22.73
CA ARG A 111 22.09 -49.07 22.91
C ARG A 111 21.67 -49.28 24.37
N ILE A 112 22.58 -49.37 25.35
CA ILE A 112 22.18 -49.78 26.70
C ILE A 112 22.89 -49.06 27.84
N GLY A 113 23.23 -47.78 27.69
CA GLY A 113 23.86 -47.04 28.77
C GLY A 113 23.09 -45.79 29.14
N ARG A 114 23.36 -45.30 30.35
CA ARG A 114 22.76 -44.07 30.85
C ARG A 114 23.81 -42.98 30.93
N PRO A 115 23.65 -41.87 30.22
CA PRO A 115 24.62 -40.77 30.38
C PRO A 115 24.75 -40.35 31.84
N SER A 116 25.99 -40.03 32.23
CA SER A 116 26.33 -39.81 33.62
C SER A 116 26.43 -38.32 33.93
N GLU A 117 26.16 -37.98 35.19
CA GLU A 117 26.48 -36.66 35.71
C GLU A 117 27.96 -36.37 35.47
N THR A 118 28.25 -35.15 35.04
CA THR A 118 29.58 -34.69 34.57
C THR A 118 29.81 -35.09 33.11
N GLY A 119 28.78 -35.62 32.43
CA GLY A 119 28.80 -35.74 30.98
C GLY A 119 29.85 -36.67 30.41
N ILE A 120 30.17 -36.40 29.15
CA ILE A 120 31.13 -37.20 28.39
C ILE A 120 32.55 -36.81 28.76
N ILE A 121 33.44 -37.80 28.75
CA ILE A 121 34.86 -37.58 28.96
C ILE A 121 35.61 -38.34 27.87
N GLY A 122 36.55 -37.66 27.22
CA GLY A 122 37.38 -38.28 26.21
C GLY A 122 38.85 -38.14 26.52
N ILE A 123 39.50 -39.26 26.82
CA ILE A 123 40.90 -39.28 27.21
C ILE A 123 41.69 -40.10 26.19
N ILE A 124 42.94 -39.72 25.98
CA ILE A 124 43.81 -40.37 25.01
C ILE A 124 45.10 -40.77 25.70
N ASP A 125 45.64 -41.90 25.28
CA ASP A 125 46.78 -42.49 25.95
C ASP A 125 48.00 -41.57 25.86
N PRO A 126 48.89 -41.60 26.86
CA PRO A 126 50.09 -40.75 26.79
C PRO A 126 50.97 -41.06 25.59
N GLU A 127 50.99 -42.30 25.11
CA GLU A 127 51.77 -42.68 23.94
C GLU A 127 50.87 -43.22 22.84
N CYS A 128 49.64 -42.71 22.77
CA CYS A 128 48.76 -42.93 21.62
C CYS A 128 48.47 -44.42 21.41
N ARG A 129 48.28 -45.13 22.53
CA ARG A 129 47.91 -46.54 22.48
C ARG A 129 46.42 -46.74 22.21
N MET A 130 45.59 -45.78 22.57
CA MET A 130 44.14 -45.97 22.52
C MET A 130 43.44 -44.66 22.83
N ILE A 131 42.16 -44.57 22.44
CA ILE A 131 41.27 -43.53 22.91
C ILE A 131 40.33 -44.14 23.94
N GLY A 132 40.09 -43.42 25.03
CA GLY A 132 39.23 -43.89 26.10
C GLY A 132 38.03 -42.97 26.26
N LEU A 133 36.85 -43.56 26.42
CA LEU A 133 35.60 -42.83 26.51
C LEU A 133 34.88 -43.18 27.81
N ARG A 134 34.11 -42.22 28.31
CA ARG A 134 33.29 -42.41 29.51
C ARG A 134 31.89 -41.85 29.23
N LEU A 135 31.21 -42.45 28.24
CA LEU A 135 29.93 -41.94 27.79
C LEU A 135 28.83 -42.25 28.80
N TYR A 136 28.74 -43.50 29.23
CA TYR A 136 27.65 -43.97 30.08
C TYR A 136 28.20 -44.49 31.41
N ASP A 137 27.33 -44.49 32.41
CA ASP A 137 27.72 -45.00 33.73
C ASP A 137 28.08 -46.48 33.64
N GLY A 138 29.16 -46.85 34.32
CA GLY A 138 29.56 -48.24 34.43
C GLY A 138 30.09 -48.85 33.15
N LEU A 139 30.28 -48.06 32.09
CA LEU A 139 30.80 -48.57 30.82
C LEU A 139 31.92 -47.67 30.35
N PHE A 140 33.16 -48.15 30.48
CA PHE A 140 34.31 -47.47 29.90
C PHE A 140 34.60 -48.07 28.53
N LYS A 141 34.58 -47.24 27.51
CA LYS A 141 34.74 -47.68 26.13
C LYS A 141 36.18 -47.46 25.69
N VAL A 142 36.73 -48.43 24.95
CA VAL A 142 38.09 -48.38 24.46
C VAL A 142 38.07 -48.43 22.94
N ILE A 143 38.91 -47.59 22.33
CA ILE A 143 39.07 -47.57 20.88
C ILE A 143 40.55 -47.72 20.56
N PRO A 144 41.05 -48.93 20.29
CA PRO A 144 42.49 -49.08 20.02
C PRO A 144 42.93 -48.28 18.81
N LEU A 145 44.20 -47.87 18.83
CA LEU A 145 44.76 -46.98 17.80
C LEU A 145 45.79 -47.74 16.98
N ASP A 146 45.39 -48.15 15.78
CA ASP A 146 46.31 -48.65 14.77
C ASP A 146 46.01 -47.94 13.45
N ARG A 147 46.34 -48.56 12.33
CA ARG A 147 46.10 -47.99 11.02
C ARG A 147 44.87 -48.57 10.34
N ASP A 148 44.62 -49.87 10.49
CA ASP A 148 43.49 -50.51 9.81
C ASP A 148 42.15 -50.15 10.43
N ASN A 149 42.14 -49.60 11.64
CA ASN A 149 40.88 -49.28 12.31
C ASN A 149 40.28 -48.00 11.74
N LYS A 150 40.18 -47.91 10.42
CA LYS A 150 39.72 -46.69 9.77
C LYS A 150 38.20 -46.52 9.92
N GLU A 151 37.45 -47.62 9.79
CA GLU A 151 36.08 -47.64 10.31
C GLU A 151 36.22 -47.81 11.82
N LEU A 152 36.19 -46.68 12.53
CA LEU A 152 36.43 -46.70 13.96
C LEU A 152 35.64 -47.82 14.60
N LYS A 153 36.34 -48.85 15.05
CA LYS A 153 35.76 -49.94 15.80
C LYS A 153 36.05 -49.70 17.27
N ALA A 154 35.22 -50.31 18.12
CA ALA A 154 35.36 -50.10 19.55
C ALA A 154 34.79 -51.31 20.29
N PHE A 155 35.16 -51.41 21.56
CA PHE A 155 34.60 -52.40 22.46
C PHE A 155 34.46 -51.78 23.84
N ASN A 156 33.51 -52.29 24.61
CA ASN A 156 33.27 -51.81 25.97
C ASN A 156 33.96 -52.72 26.98
N ILE A 157 34.59 -52.12 27.98
CA ILE A 157 34.94 -52.82 29.20
C ILE A 157 33.78 -52.52 30.16
N ARG A 158 33.75 -53.16 31.32
CA ARG A 158 32.76 -52.87 32.34
C ARG A 158 33.43 -52.20 33.53
N LEU A 159 32.75 -51.22 34.13
CA LEU A 159 33.29 -50.44 35.23
C LEU A 159 32.47 -50.71 36.48
N GLU A 160 33.06 -51.42 37.44
CA GLU A 160 32.38 -51.66 38.70
C GLU A 160 32.09 -50.35 39.42
N GLU A 161 32.93 -49.34 39.21
CA GLU A 161 32.71 -48.01 39.78
C GLU A 161 31.63 -47.30 38.97
N LEU A 162 30.51 -47.00 39.63
CA LEU A 162 29.28 -46.63 38.94
C LEU A 162 29.18 -45.12 38.69
N HIS A 163 29.39 -44.31 39.73
CA HIS A 163 29.35 -42.86 39.60
C HIS A 163 30.79 -42.35 39.54
N VAL A 164 31.19 -41.84 38.38
CA VAL A 164 32.58 -41.46 38.11
C VAL A 164 32.61 -39.98 37.74
N ILE A 165 33.57 -39.25 38.32
CA ILE A 165 33.64 -37.80 38.16
C ILE A 165 34.53 -37.43 36.99
N ASP A 166 35.83 -37.70 37.11
CA ASP A 166 36.81 -37.32 36.09
C ASP A 166 37.85 -38.42 35.96
N VAL A 167 38.22 -38.71 34.72
CA VAL A 167 39.15 -39.80 34.40
C VAL A 167 40.32 -39.22 33.62
N LYS A 168 41.50 -39.80 33.83
CA LYS A 168 42.71 -39.36 33.15
C LYS A 168 43.64 -40.55 32.96
N PHE A 169 44.40 -40.49 31.87
CA PHE A 169 45.44 -41.49 31.61
C PHE A 169 46.74 -41.05 32.25
N LEU A 170 47.32 -41.92 33.06
CA LEU A 170 48.53 -41.60 33.79
C LEU A 170 49.76 -41.70 32.90
N TYR A 171 50.72 -40.80 33.13
CA TYR A 171 51.98 -40.79 32.42
C TYR A 171 52.98 -41.73 33.08
N GLY A 172 53.90 -42.25 32.27
CA GLY A 172 54.98 -43.07 32.75
C GLY A 172 54.56 -44.30 33.52
N CYS A 173 53.90 -45.24 32.84
CA CYS A 173 53.48 -46.50 33.44
C CYS A 173 53.93 -47.66 32.56
N GLN A 174 53.86 -48.87 33.13
CA GLN A 174 54.28 -50.06 32.40
C GLN A 174 53.39 -50.32 31.20
N ALA A 175 52.13 -49.92 31.28
CA ALA A 175 51.16 -50.06 30.19
C ALA A 175 50.05 -49.05 30.44
N PRO A 176 49.09 -48.89 29.52
CA PRO A 176 47.96 -48.01 29.81
C PRO A 176 47.41 -48.19 31.21
N THR A 177 47.35 -47.08 31.96
CA THR A 177 46.83 -47.07 33.31
C THR A 177 45.93 -45.85 33.46
N ILE A 178 44.87 -45.99 34.22
CA ILE A 178 43.84 -44.98 34.32
C ILE A 178 43.69 -44.55 35.78
N CYS A 179 43.56 -43.25 35.99
CA CYS A 179 43.32 -42.67 37.30
C CYS A 179 42.05 -41.85 37.26
N PHE A 180 41.12 -42.13 38.16
CA PHE A 180 39.84 -41.45 38.16
C PHE A 180 39.34 -41.27 39.58
N VAL A 181 38.36 -40.38 39.71
CA VAL A 181 37.67 -40.14 40.96
C VAL A 181 36.23 -40.58 40.78
N TYR A 182 35.77 -41.49 41.65
CA TYR A 182 34.42 -42.02 41.56
C TYR A 182 33.75 -41.88 42.92
N GLN A 183 32.42 -41.92 42.90
CA GLN A 183 31.62 -41.74 44.10
C GLN A 183 30.75 -42.96 44.35
N ASP A 184 30.59 -43.29 45.62
CA ASP A 184 29.66 -44.29 46.12
C ASP A 184 29.24 -43.83 47.50
N PRO A 185 28.50 -44.62 48.28
CA PRO A 185 28.35 -44.30 49.69
C PRO A 185 29.71 -44.20 50.37
N GLN A 186 29.72 -43.47 51.49
CA GLN A 186 30.95 -43.21 52.25
C GLN A 186 31.93 -42.39 51.41
N GLY A 187 31.51 -41.18 51.06
CA GLY A 187 32.34 -40.26 50.31
C GLY A 187 32.68 -40.79 48.92
N ARG A 188 33.71 -40.18 48.34
CA ARG A 188 34.20 -40.55 47.02
C ARG A 188 35.71 -40.76 47.12
N HIS A 189 36.25 -41.54 46.17
CA HIS A 189 37.61 -42.02 46.26
C HIS A 189 38.30 -41.91 44.91
N VAL A 190 39.56 -42.32 44.88
CA VAL A 190 40.37 -42.37 43.66
C VAL A 190 40.92 -43.77 43.53
N LYS A 191 40.60 -44.44 42.43
CA LYS A 191 41.06 -45.80 42.17
C LYS A 191 41.95 -45.80 40.94
N THR A 192 42.75 -46.86 40.81
CA THR A 192 43.67 -47.03 39.70
C THR A 192 43.35 -48.33 38.97
N TYR A 193 43.35 -48.28 37.63
CA TYR A 193 43.12 -49.44 36.80
C TYR A 193 44.14 -49.49 35.68
N GLU A 194 44.28 -50.68 35.09
CA GLU A 194 45.12 -50.88 33.92
C GLU A 194 44.24 -51.38 32.78
N VAL A 195 44.31 -50.70 31.65
CA VAL A 195 43.57 -51.09 30.45
C VAL A 195 44.43 -52.08 29.67
N SER A 196 43.88 -53.27 29.42
CA SER A 196 44.57 -54.33 28.69
C SER A 196 43.78 -54.58 27.41
N LEU A 197 44.18 -53.92 26.33
CA LEU A 197 43.51 -54.08 25.04
C LEU A 197 43.89 -55.38 24.34
N ARG A 198 44.58 -56.30 25.02
CA ARG A 198 44.81 -57.64 24.51
C ARG A 198 43.79 -58.64 25.03
N GLU A 199 43.27 -58.42 26.24
CA GLU A 199 42.24 -59.28 26.81
C GLU A 199 40.93 -58.54 27.08
N LYS A 200 40.87 -57.24 26.82
CA LYS A 200 39.64 -56.47 26.98
C LYS A 200 39.13 -56.54 28.41
N GLU A 201 40.02 -56.30 29.37
CA GLU A 201 39.67 -56.41 30.79
C GLU A 201 40.39 -55.32 31.57
N PHE A 202 40.02 -55.22 32.85
CA PHE A 202 40.66 -54.31 33.78
C PHE A 202 41.58 -55.10 34.70
N ASN A 203 42.80 -54.61 34.87
CA ASN A 203 43.76 -55.20 35.79
C ASN A 203 43.99 -54.27 36.97
N LYS A 204 44.36 -54.85 38.11
CA LYS A 204 44.60 -54.07 39.31
C LYS A 204 45.63 -52.98 39.03
N GLY A 205 45.33 -51.76 39.46
CA GLY A 205 46.09 -50.60 39.07
C GLY A 205 47.36 -50.37 39.87
N PRO A 206 48.25 -49.53 39.34
CA PRO A 206 49.57 -49.35 39.97
C PRO A 206 49.58 -49.11 41.47
N TRP A 207 48.65 -48.34 42.06
CA TRP A 207 48.79 -48.02 43.47
C TRP A 207 47.47 -48.10 44.21
N LYS A 208 47.58 -47.89 45.52
CA LYS A 208 46.46 -48.06 46.45
C LYS A 208 45.34 -47.10 46.13
N GLN A 209 44.13 -47.49 46.51
CA GLN A 209 42.98 -46.60 46.44
C GLN A 209 43.02 -45.67 47.65
N GLU A 210 43.05 -44.37 47.40
CA GLU A 210 43.07 -43.37 48.45
C GLU A 210 41.67 -42.79 48.66
N ASN A 211 41.46 -42.24 49.84
CA ASN A 211 40.33 -41.36 50.09
C ASN A 211 40.73 -39.93 49.75
N VAL A 212 39.81 -39.19 49.13
CA VAL A 212 40.08 -37.83 48.70
C VAL A 212 39.02 -36.90 49.27
N GLU A 213 39.03 -35.64 48.83
CA GLU A 213 38.05 -34.67 49.28
C GLU A 213 36.66 -35.05 48.76
N ALA A 214 35.64 -34.62 49.50
CA ALA A 214 34.27 -34.95 49.14
C ALA A 214 33.86 -34.34 47.81
N GLU A 215 34.46 -33.21 47.44
CA GLU A 215 34.06 -32.47 46.24
C GLU A 215 35.15 -32.44 45.18
N ALA A 216 35.99 -33.49 45.14
CA ALA A 216 37.01 -33.59 44.12
C ALA A 216 36.36 -33.60 42.73
N SER A 217 36.76 -32.65 41.88
CA SER A 217 36.09 -32.44 40.60
C SER A 217 37.01 -32.56 39.39
N MET A 218 38.33 -32.62 39.57
CA MET A 218 39.24 -32.62 38.44
C MET A 218 40.45 -33.49 38.74
N VAL A 219 40.93 -34.18 37.71
CA VAL A 219 42.14 -35.01 37.76
C VAL A 219 43.07 -34.51 36.67
N ILE A 220 44.34 -34.29 37.03
CA ILE A 220 45.34 -33.74 36.11
C ILE A 220 46.37 -34.82 35.85
N ALA A 221 46.62 -35.10 34.57
CA ALA A 221 47.68 -36.00 34.17
C ALA A 221 49.01 -35.28 34.28
N VAL A 222 49.87 -35.77 35.18
CA VAL A 222 51.15 -35.12 35.46
C VAL A 222 52.21 -35.74 34.55
N PRO A 223 53.03 -34.94 33.85
CA PRO A 223 53.92 -35.51 32.82
C PRO A 223 54.97 -36.49 33.32
N GLU A 224 55.91 -36.82 32.42
CA GLU A 224 56.84 -37.93 32.64
C GLU A 224 57.85 -37.64 33.75
N PRO A 225 58.53 -36.49 33.78
CA PRO A 225 59.63 -36.34 34.76
C PRO A 225 59.20 -36.57 36.20
N PHE A 226 57.98 -36.20 36.58
CA PHE A 226 57.46 -36.46 37.91
C PHE A 226 56.54 -37.67 37.96
N GLY A 227 55.56 -37.74 37.06
CA GLY A 227 54.59 -38.81 37.07
C GLY A 227 53.64 -38.69 38.24
N GLY A 228 52.40 -39.13 38.08
CA GLY A 228 51.39 -39.09 39.11
C GLY A 228 50.14 -38.41 38.61
N ALA A 229 49.31 -38.01 39.56
CA ALA A 229 48.04 -37.35 39.27
C ALA A 229 47.76 -36.28 40.31
N ILE A 230 47.29 -35.13 39.85
CA ILE A 230 46.88 -34.02 40.71
C ILE A 230 45.35 -33.98 40.72
N ILE A 231 44.77 -33.94 41.92
CA ILE A 231 43.33 -33.92 42.10
C ILE A 231 42.95 -32.58 42.71
N ILE A 232 42.11 -31.83 42.01
CA ILE A 232 41.65 -30.52 42.47
C ILE A 232 40.24 -30.66 42.99
N GLY A 233 40.08 -30.47 44.29
CA GLY A 233 38.78 -30.41 44.92
C GLY A 233 38.33 -28.98 45.13
N GLN A 234 37.45 -28.78 46.12
CA GLN A 234 36.97 -27.45 46.42
C GLN A 234 37.93 -26.67 47.31
N GLU A 235 38.55 -27.35 48.28
CA GLU A 235 39.39 -26.66 49.25
C GLU A 235 40.81 -27.21 49.39
N SER A 236 41.06 -28.46 49.00
CA SER A 236 42.39 -29.04 49.09
C SER A 236 42.85 -29.49 47.70
N ILE A 237 44.07 -29.08 47.33
CA ILE A 237 44.72 -29.56 46.13
C ILE A 237 45.72 -30.63 46.54
N THR A 238 45.55 -31.84 46.01
CA THR A 238 46.34 -32.99 46.42
C THR A 238 47.12 -33.54 45.23
N TYR A 239 48.25 -34.17 45.54
CA TYR A 239 49.07 -34.87 44.56
C TYR A 239 49.17 -36.32 44.95
N HIS A 240 48.84 -37.22 44.03
CA HIS A 240 48.89 -38.66 44.27
C HIS A 240 49.83 -39.31 43.27
N ASN A 241 50.81 -40.06 43.79
CA ASN A 241 51.65 -40.91 42.94
C ASN A 241 52.17 -42.05 43.81
N GLY A 242 51.52 -43.21 43.68
CA GLY A 242 51.94 -44.38 44.42
C GLY A 242 51.85 -44.19 45.92
N ASP A 243 53.00 -44.22 46.59
CA ASP A 243 53.08 -43.99 48.02
C ASP A 243 53.33 -42.52 48.34
N LYS A 244 54.01 -41.81 47.46
CA LYS A 244 54.21 -40.37 47.63
C LYS A 244 52.87 -39.65 47.62
N TYR A 245 52.75 -38.61 48.44
CA TYR A 245 51.48 -37.90 48.58
C TYR A 245 51.73 -36.54 49.21
N LEU A 246 51.28 -35.48 48.53
CA LEU A 246 51.36 -34.12 49.04
C LEU A 246 50.00 -33.45 48.88
N ALA A 247 49.78 -32.41 49.69
CA ALA A 247 48.50 -31.70 49.66
C ALA A 247 48.58 -30.38 50.41
N ILE A 248 48.04 -29.32 49.80
CA ILE A 248 47.92 -28.01 50.46
C ILE A 248 46.47 -27.58 50.38
N ALA A 249 46.00 -26.90 51.43
CA ALA A 249 44.63 -26.43 51.54
C ALA A 249 44.65 -24.94 51.85
N PRO A 250 44.81 -24.10 50.83
CA PRO A 250 44.72 -22.65 51.05
C PRO A 250 43.27 -22.21 51.15
N PRO A 251 42.89 -21.45 52.19
CA PRO A 251 41.53 -20.90 52.24
C PRO A 251 41.27 -19.90 51.13
N ILE A 252 42.30 -19.53 50.37
CA ILE A 252 42.17 -18.59 49.27
C ILE A 252 41.32 -19.17 48.14
N ILE A 253 40.99 -20.45 48.21
CA ILE A 253 40.41 -21.18 47.09
C ILE A 253 38.93 -21.48 47.31
N LYS A 254 38.52 -21.76 48.55
CA LYS A 254 37.18 -22.29 48.79
C LYS A 254 36.09 -21.36 48.28
N GLN A 255 36.37 -20.06 48.21
CA GLN A 255 35.33 -19.09 47.87
C GLN A 255 34.65 -19.45 46.56
N SER A 256 35.40 -20.00 45.61
CA SER A 256 34.83 -20.43 44.33
C SER A 256 35.45 -21.76 43.94
N THR A 257 34.64 -22.58 43.26
CA THR A 257 35.10 -23.89 42.82
C THR A 257 36.05 -23.74 41.64
N ILE A 258 37.17 -24.46 41.67
CA ILE A 258 38.07 -24.49 40.54
C ILE A 258 37.46 -25.37 39.45
N VAL A 259 37.44 -24.86 38.22
CA VAL A 259 36.67 -25.44 37.14
C VAL A 259 37.56 -26.00 36.04
N CYS A 260 38.64 -25.30 35.69
CA CYS A 260 39.49 -25.70 34.59
C CYS A 260 40.96 -25.63 34.98
N HIS A 261 41.78 -26.32 34.21
CA HIS A 261 43.22 -26.38 34.44
C HIS A 261 43.92 -26.50 33.11
N ASN A 262 45.15 -25.98 33.05
CA ASN A 262 45.94 -26.06 31.83
C ASN A 262 47.41 -26.21 32.20
N ARG A 263 48.11 -27.07 31.46
CA ARG A 263 49.53 -27.31 31.70
C ARG A 263 50.37 -26.26 31.00
N VAL A 264 51.28 -25.64 31.75
CA VAL A 264 52.11 -24.57 31.23
C VAL A 264 53.40 -25.16 30.67
N ASP A 265 54.29 -25.60 31.57
CA ASP A 265 55.57 -26.15 31.15
C ASP A 265 55.40 -27.57 30.66
N PRO A 266 56.28 -28.03 29.76
CA PRO A 266 56.29 -29.47 29.44
C PRO A 266 56.61 -30.33 30.64
N ASN A 267 57.35 -29.80 31.62
CA ASN A 267 57.68 -30.57 32.81
C ASN A 267 56.47 -30.77 33.70
N GLY A 268 55.52 -29.83 33.69
CA GLY A 268 54.43 -29.83 34.63
C GLY A 268 54.73 -29.14 35.94
N SER A 269 55.80 -28.34 35.99
CA SER A 269 56.11 -27.59 37.21
C SER A 269 55.12 -26.47 37.46
N ARG A 270 54.42 -26.01 36.43
CA ARG A 270 53.50 -24.89 36.56
C ARG A 270 52.16 -25.23 35.88
N TYR A 271 51.07 -24.87 36.54
CA TYR A 271 49.73 -25.10 36.03
C TYR A 271 48.90 -23.85 36.24
N LEU A 272 47.91 -23.67 35.36
CA LEU A 272 46.95 -22.57 35.46
C LEU A 272 45.60 -23.12 35.92
N LEU A 273 44.94 -22.38 36.80
CA LEU A 273 43.64 -22.78 37.33
C LEU A 273 42.65 -21.63 37.18
N GLY A 274 41.37 -21.97 37.22
CA GLY A 274 40.33 -20.99 37.01
C GLY A 274 39.15 -21.12 37.94
N ASP A 275 38.69 -20.00 38.48
CA ASP A 275 37.53 -19.95 39.35
C ASP A 275 36.28 -19.60 38.55
N MET A 276 35.12 -19.94 39.12
CA MET A 276 33.87 -19.39 38.60
C MET A 276 33.72 -17.93 38.96
N GLU A 277 34.45 -17.44 39.95
CA GLU A 277 34.55 -16.03 40.26
C GLU A 277 35.46 -15.28 39.29
N GLY A 278 36.04 -15.98 38.31
CA GLY A 278 36.84 -15.34 37.28
C GLY A 278 38.32 -15.24 37.59
N ARG A 279 38.82 -15.96 38.60
CA ARG A 279 40.21 -15.85 38.99
C ARG A 279 41.12 -16.59 38.00
N LEU A 280 42.43 -16.52 38.27
CA LEU A 280 43.42 -17.29 37.52
C LEU A 280 44.59 -17.56 38.45
N PHE A 281 44.73 -18.82 38.87
CA PHE A 281 45.79 -19.21 39.78
C PHE A 281 46.97 -19.81 39.01
N MET A 282 48.06 -20.04 39.75
CA MET A 282 49.24 -20.73 39.23
C MET A 282 49.60 -21.82 40.22
N LEU A 283 49.28 -23.07 39.88
CA LEU A 283 49.66 -24.21 40.71
C LEU A 283 51.10 -24.58 40.42
N LEU A 284 51.89 -24.77 41.48
CA LEU A 284 53.31 -25.01 41.37
C LEU A 284 53.68 -26.39 41.91
N LEU A 285 54.60 -27.05 41.22
CA LEU A 285 55.21 -28.29 41.66
C LEU A 285 56.72 -28.02 41.75
N GLU A 286 57.16 -27.52 42.90
CA GLU A 286 58.54 -27.06 43.04
C GLU A 286 59.50 -28.23 43.12
N LYS A 287 60.66 -28.06 42.49
CA LYS A 287 61.63 -29.14 42.30
C LYS A 287 62.76 -29.11 43.33
N GLU A 288 63.50 -30.22 43.41
CA GLU A 288 64.38 -30.56 44.52
C GLU A 288 65.55 -31.40 44.02
N GLU A 289 66.16 -31.04 42.89
CA GLU A 289 67.22 -31.85 42.30
C GLU A 289 68.24 -32.35 43.30
N GLN A 290 68.35 -33.67 43.42
CA GLN A 290 69.10 -34.32 44.48
C GLN A 290 70.52 -34.64 44.03
N MET A 291 71.24 -35.40 44.86
CA MET A 291 72.65 -35.68 44.59
C MET A 291 72.83 -36.51 43.33
N ASP A 292 71.99 -37.52 43.14
CA ASP A 292 72.17 -38.50 42.05
C ASP A 292 71.68 -37.97 40.71
N GLY A 293 71.79 -36.66 40.48
CA GLY A 293 71.36 -36.08 39.22
C GLY A 293 69.88 -36.14 38.94
N THR A 294 69.10 -36.88 39.74
CA THR A 294 67.68 -37.02 39.50
C THR A 294 66.92 -35.79 40.01
N VAL A 295 65.71 -35.63 39.49
CA VAL A 295 64.79 -34.58 39.93
C VAL A 295 63.64 -35.25 40.67
N THR A 296 63.22 -34.61 41.76
CA THR A 296 62.05 -35.04 42.51
C THR A 296 61.18 -33.80 42.77
N LEU A 297 60.03 -34.01 43.39
CA LEU A 297 59.09 -32.93 43.66
C LEU A 297 58.82 -32.88 45.16
N LYS A 298 58.85 -31.67 45.71
CA LYS A 298 58.89 -31.45 47.14
C LYS A 298 57.60 -30.89 47.73
N ASP A 299 57.00 -29.90 47.10
CA ASP A 299 55.83 -29.25 47.69
C ASP A 299 54.92 -28.71 46.60
N LEU A 300 53.74 -28.28 47.03
CA LEU A 300 52.78 -27.58 46.19
C LEU A 300 52.59 -26.18 46.71
N ARG A 301 52.46 -25.22 45.80
CA ARG A 301 52.19 -23.84 46.18
C ARG A 301 51.25 -23.22 45.15
N VAL A 302 50.20 -22.56 45.64
CA VAL A 302 49.23 -21.87 44.79
C VAL A 302 49.20 -20.41 45.23
N GLU A 303 49.48 -19.52 44.28
CA GLU A 303 49.39 -18.09 44.53
C GLU A 303 48.66 -17.43 43.38
N LEU A 304 47.84 -16.45 43.70
CA LEU A 304 46.90 -15.88 42.75
C LEU A 304 47.61 -14.93 41.79
N LEU A 305 47.24 -15.02 40.51
CA LEU A 305 47.85 -14.21 39.47
C LEU A 305 47.05 -12.96 39.12
N GLY A 306 45.77 -12.93 39.48
CA GLY A 306 44.89 -11.86 39.05
C GLY A 306 43.56 -12.46 38.64
N GLU A 307 42.84 -11.81 37.73
CA GLU A 307 41.58 -12.36 37.26
C GLU A 307 41.40 -12.12 35.76
N THR A 308 41.02 -13.17 35.06
CA THR A 308 40.55 -13.09 33.69
C THR A 308 39.02 -13.06 33.72
N SER A 309 38.39 -13.42 32.60
CA SER A 309 36.96 -13.66 32.63
C SER A 309 36.71 -15.11 33.01
N ILE A 310 35.44 -15.44 33.27
CA ILE A 310 35.09 -16.78 33.70
C ILE A 310 35.42 -17.74 32.57
N ALA A 311 36.28 -18.72 32.85
CA ALA A 311 36.87 -19.57 31.83
C ALA A 311 36.26 -20.96 31.88
N GLU A 312 35.84 -21.46 30.72
CA GLU A 312 35.51 -22.86 30.54
C GLU A 312 36.62 -23.63 29.85
N CYS A 313 37.47 -22.92 29.11
CA CYS A 313 38.69 -23.48 28.55
C CYS A 313 39.87 -22.63 29.01
N LEU A 314 41.07 -23.20 28.94
CA LEU A 314 42.26 -22.48 29.35
C LEU A 314 43.46 -23.04 28.60
N THR A 315 44.39 -22.16 28.22
CA THR A 315 45.41 -22.54 27.26
C THR A 315 46.51 -21.49 27.28
N TYR A 316 47.73 -21.91 27.65
CA TYR A 316 48.91 -21.10 27.42
C TYR A 316 49.35 -21.25 25.97
N LEU A 317 49.64 -20.13 25.31
CA LEU A 317 50.09 -20.15 23.93
C LEU A 317 51.60 -20.08 23.83
N ASP A 318 52.16 -18.88 23.99
CA ASP A 318 53.58 -18.67 23.77
C ASP A 318 53.94 -17.28 24.27
N ASN A 319 55.18 -17.15 24.76
CA ASN A 319 55.72 -15.87 25.22
C ASN A 319 54.85 -15.27 26.32
N GLY A 320 54.55 -16.07 27.33
CA GLY A 320 53.83 -15.57 28.48
C GLY A 320 52.42 -15.13 28.19
N VAL A 321 51.78 -15.70 27.18
CA VAL A 321 50.42 -15.31 26.80
C VAL A 321 49.50 -16.51 26.92
N VAL A 322 48.30 -16.27 27.44
CA VAL A 322 47.30 -17.31 27.69
C VAL A 322 46.01 -16.91 27.02
N PHE A 323 45.42 -17.82 26.26
CA PHE A 323 44.10 -17.63 25.68
C PHE A 323 43.05 -18.08 26.68
N VAL A 324 42.12 -17.19 26.99
CA VAL A 324 41.08 -17.44 28.00
C VAL A 324 39.78 -17.72 27.24
N GLY A 325 39.40 -18.99 27.15
CA GLY A 325 38.17 -19.37 26.50
C GLY A 325 36.98 -19.27 27.43
N SER A 326 36.12 -18.28 27.21
CA SER A 326 35.02 -17.98 28.11
C SER A 326 33.71 -18.44 27.49
N ARG A 327 32.90 -19.16 28.28
CA ARG A 327 31.59 -19.61 27.85
C ARG A 327 30.46 -18.71 28.35
N LEU A 328 30.61 -18.14 29.56
CA LEU A 328 29.62 -17.21 30.09
C LEU A 328 29.87 -15.77 29.65
N GLY A 329 31.06 -15.45 29.15
CA GLY A 329 31.36 -14.10 28.74
C GLY A 329 32.36 -14.03 27.61
N ASP A 330 32.93 -12.84 27.40
CA ASP A 330 33.86 -12.66 26.29
C ASP A 330 35.13 -13.47 26.50
N SER A 331 35.49 -14.25 25.50
CA SER A 331 36.82 -14.85 25.46
C SER A 331 37.84 -13.76 25.14
N GLN A 332 39.07 -13.96 25.59
CA GLN A 332 40.04 -12.88 25.56
C GLN A 332 41.44 -13.44 25.46
N LEU A 333 42.40 -12.53 25.28
CA LEU A 333 43.81 -12.85 25.24
C LEU A 333 44.50 -12.12 26.38
N VAL A 334 45.47 -12.78 27.01
CA VAL A 334 45.99 -12.34 28.29
C VAL A 334 47.51 -12.49 28.30
N LYS A 335 48.20 -11.44 28.75
CA LYS A 335 49.64 -11.46 28.95
C LYS A 335 49.94 -11.53 30.44
N LEU A 336 50.75 -12.50 30.83
CA LEU A 336 51.20 -12.64 32.21
C LEU A 336 52.60 -12.05 32.33
N ASN A 337 52.77 -11.14 33.29
CA ASN A 337 53.99 -10.38 33.45
C ASN A 337 54.64 -10.71 34.79
N VAL A 338 55.97 -10.80 34.78
CA VAL A 338 56.70 -11.08 36.02
C VAL A 338 56.50 -9.94 37.00
N ASP A 339 56.64 -8.70 36.54
CA ASP A 339 56.39 -7.52 37.35
C ASP A 339 54.89 -7.25 37.40
N SER A 340 54.26 -7.53 38.54
CA SER A 340 52.90 -7.04 38.75
C SER A 340 52.92 -5.52 38.72
N ASN A 341 52.58 -4.94 37.57
CA ASN A 341 52.77 -3.51 37.39
C ASN A 341 51.74 -2.70 38.18
N GLU A 342 50.47 -3.04 38.05
CA GLU A 342 49.38 -2.30 38.68
C GLU A 342 48.64 -3.22 39.64
N GLN A 343 48.41 -2.71 40.85
CA GLN A 343 47.77 -3.50 41.91
C GLN A 343 48.51 -4.80 42.21
N GLY A 344 47.79 -5.91 42.29
CA GLY A 344 48.38 -7.22 42.40
C GLY A 344 48.19 -8.13 41.21
N SER A 345 47.55 -7.64 40.13
CA SER A 345 47.20 -8.48 39.00
C SER A 345 48.40 -8.61 38.07
N TYR A 346 48.98 -9.82 38.00
CA TYR A 346 49.96 -10.16 36.98
C TYR A 346 49.31 -10.41 35.63
N VAL A 347 48.04 -10.06 35.48
CA VAL A 347 47.24 -10.37 34.30
C VAL A 347 46.91 -9.06 33.60
N VAL A 348 47.08 -9.03 32.28
CA VAL A 348 46.78 -7.85 31.47
C VAL A 348 46.04 -8.31 30.23
N ALA A 349 44.90 -7.68 29.97
CA ALA A 349 44.10 -8.02 28.79
C ALA A 349 44.73 -7.44 27.54
N MET A 350 44.76 -8.25 26.48
CA MET A 350 45.31 -7.84 25.19
C MET A 350 44.25 -7.75 24.10
N GLU A 351 43.31 -8.69 24.09
CA GLU A 351 42.25 -8.72 23.10
C GLU A 351 41.05 -9.42 23.71
N THR A 352 39.85 -8.93 23.40
CA THR A 352 38.62 -9.58 23.80
C THR A 352 37.83 -9.98 22.56
N PHE A 353 37.09 -11.08 22.67
CA PHE A 353 36.32 -11.63 21.57
C PHE A 353 34.84 -11.55 21.94
N THR A 354 34.05 -10.90 21.09
CA THR A 354 32.64 -10.71 21.36
C THR A 354 31.94 -12.04 21.56
N ASN A 355 31.46 -12.28 22.78
CA ASN A 355 30.64 -13.45 23.10
C ASN A 355 29.28 -12.95 23.54
N LEU A 356 28.26 -13.24 22.74
CA LEU A 356 26.89 -12.94 23.13
C LEU A 356 26.41 -13.82 24.28
N GLY A 357 27.33 -14.63 24.82
CA GLY A 357 27.11 -15.32 26.06
C GLY A 357 25.83 -16.12 26.07
N PRO A 358 25.44 -16.59 27.25
CA PRO A 358 24.11 -17.18 27.39
C PRO A 358 23.01 -16.15 27.20
N ILE A 359 22.34 -16.20 26.05
CA ILE A 359 21.26 -15.26 25.77
C ILE A 359 20.04 -15.71 26.58
N VAL A 360 19.73 -14.96 27.63
CA VAL A 360 18.62 -15.32 28.50
C VAL A 360 17.30 -14.76 28.00
N ASP A 361 17.30 -13.51 27.53
CA ASP A 361 16.11 -12.88 27.01
C ASP A 361 16.52 -11.80 26.02
N MET A 362 15.57 -11.33 25.24
CA MET A 362 15.87 -10.32 24.23
C MET A 362 14.58 -9.69 23.72
N CYS A 363 14.73 -8.67 22.90
CA CYS A 363 13.61 -7.91 22.35
C CYS A 363 14.12 -7.08 21.19
N VAL A 364 13.21 -6.70 20.30
CA VAL A 364 13.53 -5.99 19.08
C VAL A 364 13.04 -4.55 19.20
N VAL A 365 13.90 -3.61 18.79
CA VAL A 365 13.57 -2.19 18.83
C VAL A 365 14.04 -1.56 17.53
N ASP A 366 13.33 -0.50 17.12
CA ASP A 366 13.76 0.33 15.99
C ASP A 366 14.58 1.48 16.56
N LEU A 367 15.81 1.16 16.94
CA LEU A 367 16.72 2.20 17.42
C LEU A 367 17.18 3.10 16.28
N GLU A 368 17.28 2.56 15.06
CA GLU A 368 17.61 3.34 13.88
C GLU A 368 16.39 3.97 13.23
N ARG A 369 15.23 3.31 13.31
CA ARG A 369 13.93 3.91 13.02
C ARG A 369 13.62 4.07 11.54
N GLN A 370 13.93 3.06 10.70
CA GLN A 370 13.32 3.05 9.38
C GLN A 370 12.36 1.88 9.26
N GLY A 371 12.88 0.69 8.97
CA GLY A 371 12.13 -0.54 9.11
C GLY A 371 12.98 -1.59 9.80
N GLN A 372 14.28 -1.34 9.82
CA GLN A 372 15.27 -2.26 10.36
C GLN A 372 15.38 -2.08 11.86
N GLY A 373 15.21 -3.18 12.59
CA GLY A 373 15.31 -3.18 14.03
C GLY A 373 16.65 -3.72 14.53
N GLN A 374 16.86 -3.59 15.83
CA GLN A 374 18.07 -4.05 16.49
C GLN A 374 17.70 -4.94 17.66
N LEU A 375 18.47 -6.02 17.85
CA LEU A 375 18.23 -6.93 18.95
C LEU A 375 18.97 -6.44 20.19
N VAL A 376 18.27 -6.40 21.31
CA VAL A 376 18.84 -6.04 22.61
C VAL A 376 18.67 -7.26 23.51
N THR A 377 19.77 -7.92 23.83
CA THR A 377 19.73 -9.20 24.52
C THR A 377 20.24 -9.05 25.96
N CYS A 378 20.01 -10.09 26.74
CA CYS A 378 20.53 -10.22 28.10
C CYS A 378 21.59 -11.32 28.06
N SER A 379 22.82 -10.93 27.81
CA SER A 379 23.92 -11.86 27.64
C SER A 379 24.71 -12.01 28.93
N GLY A 380 25.41 -13.13 29.05
CA GLY A 380 26.34 -13.34 30.12
C GLY A 380 25.65 -13.62 31.44
N ALA A 381 26.44 -14.16 32.37
CA ALA A 381 26.01 -14.42 33.73
C ALA A 381 27.06 -13.90 34.71
N PHE A 382 26.61 -13.62 35.93
CA PHE A 382 27.49 -13.12 36.97
C PHE A 382 28.24 -11.88 36.49
N LYS A 383 29.55 -11.80 36.76
CA LYS A 383 30.28 -10.57 36.49
C LYS A 383 30.38 -10.26 35.00
N GLU A 384 30.26 -11.26 34.14
CA GLU A 384 30.34 -11.04 32.69
C GLU A 384 28.97 -10.75 32.08
N GLY A 385 27.95 -10.48 32.90
CA GLY A 385 26.63 -10.20 32.36
C GLY A 385 26.59 -8.82 31.73
N SER A 386 25.98 -8.74 30.55
CA SER A 386 25.94 -7.49 29.80
C SER A 386 24.64 -7.43 29.01
N LEU A 387 24.43 -6.30 28.34
CA LEU A 387 23.45 -6.17 27.28
C LEU A 387 24.18 -6.08 25.95
N ARG A 388 23.62 -6.71 24.93
CA ARG A 388 24.20 -6.68 23.59
C ARG A 388 23.17 -6.09 22.64
N ILE A 389 23.59 -5.10 21.86
CA ILE A 389 22.70 -4.42 20.92
C ILE A 389 23.16 -4.75 19.51
N ILE A 390 22.62 -5.83 18.95
CA ILE A 390 23.04 -6.31 17.64
C ILE A 390 22.44 -5.40 16.58
N ARG A 391 23.27 -4.58 15.95
CA ARG A 391 22.88 -3.73 14.83
C ARG A 391 23.39 -4.36 13.55
N ASN A 392 22.52 -4.43 12.54
CA ASN A 392 22.80 -5.17 11.32
C ASN A 392 23.10 -4.21 10.18
N GLY A 393 24.29 -4.30 9.63
CA GLY A 393 24.69 -3.49 8.49
C GLY A 393 25.53 -2.30 8.89
N ILE A 394 26.40 -1.87 7.97
CA ILE A 394 27.21 -0.68 8.22
C ILE A 394 26.29 0.52 8.32
N GLY A 395 26.51 1.34 9.33
CA GLY A 395 25.68 2.51 9.53
C GLY A 395 26.49 3.79 9.55
N ILE A 396 25.82 4.93 9.36
CA ILE A 396 26.45 6.24 9.47
C ILE A 396 25.63 7.07 10.45
N HIS A 397 26.25 8.14 10.94
CA HIS A 397 25.57 9.12 11.78
C HIS A 397 25.88 10.50 11.24
N GLU A 398 24.87 11.13 10.66
CA GLU A 398 25.08 12.35 9.89
C GLU A 398 25.41 13.54 10.80
N HIS A 399 26.20 14.46 10.27
CA HIS A 399 26.57 15.68 10.98
C HIS A 399 25.99 16.94 10.35
N ALA A 400 25.54 16.88 9.10
CA ALA A 400 24.98 18.06 8.44
C ALA A 400 24.25 17.61 7.19
N SER A 401 23.61 18.57 6.53
CA SER A 401 22.80 18.27 5.36
C SER A 401 22.39 19.57 4.70
N ILE A 402 22.31 19.55 3.36
CA ILE A 402 22.00 20.74 2.57
C ILE A 402 21.07 20.33 1.44
N ASP A 403 19.96 21.05 1.27
CA ASP A 403 18.99 20.76 0.22
C ASP A 403 19.63 21.02 -1.14
N LEU A 404 20.10 19.95 -1.79
CA LEU A 404 20.62 20.05 -3.15
C LEU A 404 19.71 19.28 -4.11
N PRO A 405 19.69 19.63 -5.40
CA PRO A 405 18.79 18.93 -6.33
C PRO A 405 19.52 18.25 -7.48
N GLY A 406 19.97 17.02 -7.30
CA GLY A 406 20.51 16.25 -8.42
C GLY A 406 21.96 16.51 -8.73
N ILE A 407 22.85 16.13 -7.81
CA ILE A 407 24.29 16.19 -8.08
C ILE A 407 24.69 15.04 -9.01
N LYS A 408 25.83 15.22 -9.69
CA LYS A 408 26.38 14.21 -10.60
C LYS A 408 27.87 13.98 -10.37
N GLY A 409 28.36 14.26 -9.16
CA GLY A 409 29.74 14.01 -8.81
C GLY A 409 30.15 14.65 -7.50
N LEU A 410 31.07 14.01 -6.79
CA LEU A 410 31.60 14.51 -5.52
C LEU A 410 33.11 14.40 -5.56
N TRP A 411 33.81 15.47 -5.19
CA TRP A 411 35.26 15.47 -5.25
C TRP A 411 35.86 16.35 -4.14
N PRO A 412 36.75 15.82 -3.31
CA PRO A 412 37.47 16.70 -2.37
C PRO A 412 38.49 17.56 -3.09
N LEU A 413 38.77 18.72 -2.51
CA LEU A 413 39.77 19.62 -3.09
C LEU A 413 40.43 20.43 -1.99
N ARG A 414 41.73 20.69 -2.17
CA ARG A 414 42.56 21.36 -1.19
C ARG A 414 43.18 22.58 -1.86
N SER A 415 42.78 23.79 -1.44
CA SER A 415 43.23 25.01 -2.10
C SER A 415 43.89 25.98 -1.13
N ASP A 416 45.01 25.59 -0.51
CA ASP A 416 45.65 26.49 0.44
C ASP A 416 47.07 25.99 0.68
N PRO A 417 47.92 26.81 1.31
CA PRO A 417 49.11 26.24 1.96
C PRO A 417 48.73 24.97 2.70
N ASN A 418 49.22 23.85 2.19
CA ASN A 418 48.64 22.55 2.50
C ASN A 418 48.63 22.28 4.00
N ARG A 419 47.43 22.28 4.57
CA ARG A 419 47.20 22.03 5.98
C ARG A 419 46.93 20.57 6.25
N GLU A 420 46.95 19.73 5.20
CA GLU A 420 46.64 18.31 5.23
C GLU A 420 45.16 18.04 5.42
N THR A 421 44.32 19.07 5.52
CA THR A 421 42.88 18.92 5.71
C THR A 421 42.19 19.59 4.53
N ASP A 422 41.50 18.78 3.72
CA ASP A 422 40.73 19.31 2.60
C ASP A 422 39.84 20.46 3.08
N ASP A 423 39.86 21.55 2.33
CA ASP A 423 39.09 22.74 2.66
C ASP A 423 38.02 23.08 1.63
N THR A 424 38.04 22.45 0.46
CA THR A 424 37.07 22.76 -0.59
C THR A 424 36.42 21.47 -1.07
N LEU A 425 35.10 21.52 -1.24
CA LEU A 425 34.33 20.42 -1.80
C LEU A 425 33.66 20.91 -3.07
N VAL A 426 33.79 20.13 -4.14
CA VAL A 426 33.33 20.55 -5.47
C VAL A 426 32.27 19.58 -5.94
N LEU A 427 31.13 20.13 -6.36
CA LEU A 427 30.02 19.34 -6.85
C LEU A 427 29.86 19.56 -8.35
N SER A 428 28.94 18.81 -8.94
CA SER A 428 28.69 18.94 -10.37
C SER A 428 27.26 18.55 -10.67
N PHE A 429 26.58 19.41 -11.42
CA PHE A 429 25.24 19.13 -11.94
C PHE A 429 25.35 18.90 -13.43
N VAL A 430 24.24 18.45 -14.01
CA VAL A 430 24.29 17.87 -15.35
C VAL A 430 25.11 18.73 -16.30
N GLY A 431 25.12 20.04 -16.07
CA GLY A 431 26.04 20.94 -16.73
C GLY A 431 26.77 21.81 -15.71
N GLN A 432 26.01 22.66 -15.03
CA GLN A 432 26.59 23.61 -14.08
C GLN A 432 27.49 22.91 -13.08
N THR A 433 28.53 23.63 -12.68
CA THR A 433 29.48 23.21 -11.65
C THR A 433 29.67 24.37 -10.69
N ARG A 434 29.67 24.09 -9.40
CA ARG A 434 29.79 25.13 -8.38
C ARG A 434 30.79 24.70 -7.32
N VAL A 435 31.90 25.43 -7.23
CA VAL A 435 33.01 25.12 -6.33
C VAL A 435 32.64 25.68 -4.96
N LEU A 436 32.09 24.83 -4.10
CA LEU A 436 31.70 25.28 -2.77
C LEU A 436 32.92 25.77 -2.01
N MET A 437 32.92 27.06 -1.66
CA MET A 437 33.90 27.61 -0.73
C MET A 437 33.40 27.37 0.68
N LEU A 438 34.08 26.50 1.45
CA LEU A 438 33.64 26.17 2.81
C LEU A 438 34.87 26.20 3.73
N ASN A 439 35.19 27.40 4.22
CA ASN A 439 36.14 27.50 5.33
C ASN A 439 35.51 26.94 6.61
N GLY A 440 34.25 27.24 6.84
CA GLY A 440 33.48 26.59 7.89
C GLY A 440 32.65 25.46 7.31
N GLU A 441 31.38 25.77 7.00
CA GLU A 441 30.49 24.84 6.31
C GLU A 441 29.64 25.58 5.29
N GLU A 442 30.22 26.60 4.66
CA GLU A 442 29.44 27.57 3.91
C GLU A 442 28.79 26.97 2.68
N VAL A 443 27.68 27.58 2.27
CA VAL A 443 26.99 27.25 1.02
C VAL A 443 27.63 28.04 -0.11
N GLU A 444 27.67 29.37 0.05
CA GLU A 444 28.14 30.25 -1.01
C GLU A 444 29.39 29.67 -1.65
N GLU A 445 29.34 29.58 -2.97
CA GLU A 445 30.46 29.10 -3.75
C GLU A 445 31.08 30.31 -4.42
N THR A 446 32.39 30.31 -4.43
CA THR A 446 33.19 31.10 -5.35
C THR A 446 33.86 30.09 -6.25
N GLU A 447 33.53 30.12 -7.52
CA GLU A 447 34.30 29.23 -8.39
C GLU A 447 35.74 29.69 -8.14
N LEU A 448 36.52 28.87 -7.42
CA LEU A 448 37.94 29.15 -7.35
C LEU A 448 38.34 29.00 -8.83
N MET A 449 39.02 30.00 -9.38
CA MET A 449 38.48 30.80 -10.49
C MET A 449 38.72 30.42 -11.95
N GLY A 450 39.33 29.28 -12.27
CA GLY A 450 39.47 28.93 -13.68
C GLY A 450 38.60 27.76 -14.04
N PHE A 451 38.19 27.01 -13.02
CA PHE A 451 37.27 25.89 -13.19
C PHE A 451 36.08 26.31 -14.05
N VAL A 452 35.59 25.35 -14.84
CA VAL A 452 34.54 25.66 -15.80
C VAL A 452 33.22 25.85 -15.06
N ASP A 453 32.32 26.59 -15.71
CA ASP A 453 31.14 27.16 -15.06
C ASP A 453 29.89 26.32 -15.26
N ASP A 454 29.52 26.02 -16.52
CA ASP A 454 28.39 25.16 -16.79
C ASP A 454 28.76 24.18 -17.90
N GLN A 455 29.56 23.17 -17.52
CA GLN A 455 29.95 22.10 -18.42
C GLN A 455 30.10 20.74 -17.74
N GLN A 456 29.78 20.62 -16.44
CA GLN A 456 29.68 19.37 -15.70
C GLN A 456 30.67 18.31 -15.21
N THR A 457 31.60 18.49 -14.47
CA THR A 457 33.00 18.39 -14.13
C THR A 457 32.84 16.88 -14.06
N PHE A 458 33.86 16.16 -14.53
CA PHE A 458 33.95 14.70 -14.42
C PHE A 458 35.00 14.24 -13.41
N PHE A 459 36.04 15.05 -13.19
CA PHE A 459 37.02 14.76 -12.15
C PHE A 459 37.54 16.07 -11.61
N CYS A 460 37.85 16.09 -10.31
CA CYS A 460 38.36 17.29 -9.65
C CYS A 460 39.23 16.83 -8.48
N GLY A 461 40.54 16.80 -8.69
CA GLY A 461 41.44 16.31 -7.66
C GLY A 461 42.63 17.21 -7.42
N ASN A 462 43.64 16.68 -6.73
CA ASN A 462 44.85 17.40 -6.38
C ASN A 462 46.03 16.64 -7.01
N VAL A 463 46.41 17.06 -8.21
CA VAL A 463 47.48 16.38 -8.92
C VAL A 463 48.83 16.77 -8.32
N ALA A 464 49.83 15.92 -8.57
CA ALA A 464 51.17 16.13 -8.03
C ALA A 464 51.78 17.39 -8.65
N HIS A 465 53.06 17.62 -8.36
CA HIS A 465 53.71 18.88 -8.70
C HIS A 465 52.98 20.06 -8.07
N GLN A 466 52.33 19.79 -6.95
CA GLN A 466 51.52 20.76 -6.21
C GLN A 466 50.62 21.56 -7.14
N GLN A 467 49.70 20.85 -7.79
CA GLN A 467 48.72 21.52 -8.63
C GLN A 467 47.36 20.85 -8.44
N LEU A 468 46.35 21.46 -9.06
CA LEU A 468 44.96 21.04 -8.93
C LEU A 468 44.37 20.96 -10.32
N ILE A 469 43.97 19.76 -10.74
CA ILE A 469 43.42 19.55 -12.06
C ILE A 469 41.91 19.50 -11.97
N GLN A 470 41.25 19.72 -13.11
CA GLN A 470 39.83 19.51 -13.27
C GLN A 470 39.58 18.97 -14.67
N ILE A 471 39.01 17.78 -14.76
CA ILE A 471 38.54 17.24 -16.03
C ILE A 471 37.06 17.56 -16.15
N THR A 472 36.67 18.08 -17.30
CA THR A 472 35.30 18.50 -17.54
C THR A 472 34.93 18.14 -18.96
N SER A 473 33.79 18.64 -19.41
CA SER A 473 33.32 18.37 -20.77
C SER A 473 33.97 19.31 -21.80
N ALA A 474 34.51 20.45 -21.35
CA ALA A 474 35.35 21.30 -22.20
C ALA A 474 36.74 20.71 -22.38
N SER A 475 37.56 20.72 -21.33
CA SER A 475 38.94 20.29 -21.41
C SER A 475 39.39 19.90 -20.01
N VAL A 476 40.54 19.23 -19.93
CA VAL A 476 41.22 19.13 -18.64
C VAL A 476 41.85 20.50 -18.37
N ARG A 477 41.86 20.90 -17.10
CA ARG A 477 42.31 22.22 -16.72
C ARG A 477 43.20 22.12 -15.50
N LEU A 478 44.31 22.86 -15.51
CA LEU A 478 45.27 22.83 -14.41
C LEU A 478 45.32 24.20 -13.76
N VAL A 479 44.80 24.28 -12.54
CA VAL A 479 44.95 25.44 -11.68
C VAL A 479 46.07 25.13 -10.68
N SER A 480 46.93 26.10 -10.44
CA SER A 480 48.20 25.87 -9.78
C SER A 480 48.15 26.20 -8.29
N GLN A 481 49.14 25.69 -7.56
CA GLN A 481 49.42 26.12 -6.20
C GLN A 481 50.61 27.07 -6.12
N GLU A 482 50.86 27.83 -7.19
CA GLU A 482 51.90 28.85 -7.14
C GLU A 482 51.25 30.24 -7.23
N PRO A 483 50.52 30.57 -8.30
CA PRO A 483 49.72 31.80 -8.27
C PRO A 483 48.21 31.56 -8.18
N LYS A 484 47.80 30.29 -8.23
CA LYS A 484 46.39 29.91 -8.15
C LYS A 484 45.62 30.45 -9.36
N ALA A 485 46.12 30.16 -10.56
CA ALA A 485 45.49 30.59 -11.79
C ALA A 485 45.60 29.48 -12.83
N LEU A 486 44.76 29.59 -13.86
CA LEU A 486 44.79 28.64 -14.97
C LEU A 486 46.08 28.80 -15.75
N VAL A 487 46.92 27.76 -15.73
CA VAL A 487 48.23 27.82 -16.37
C VAL A 487 48.37 26.84 -17.53
N SER A 488 47.49 25.85 -17.65
CA SER A 488 47.59 24.88 -18.72
C SER A 488 46.21 24.33 -19.01
N GLU A 489 46.02 23.88 -20.26
CA GLU A 489 44.73 23.40 -20.71
C GLU A 489 44.93 22.57 -21.96
N TRP A 490 44.22 21.44 -22.03
CA TRP A 490 44.28 20.54 -23.18
C TRP A 490 42.91 20.57 -23.83
N LYS A 491 42.76 21.43 -24.83
CA LYS A 491 41.56 21.43 -25.64
C LYS A 491 41.55 20.15 -26.48
N GLU A 492 40.51 19.98 -27.28
CA GLU A 492 40.48 18.74 -28.02
C GLU A 492 40.92 18.97 -29.46
N PRO A 493 41.66 18.02 -30.07
CA PRO A 493 42.00 18.14 -31.49
C PRO A 493 40.83 18.59 -32.35
N GLN A 494 39.76 17.79 -32.36
CA GLN A 494 38.54 18.17 -33.07
C GLN A 494 37.77 19.26 -32.36
N ALA A 495 38.20 19.67 -31.16
CA ALA A 495 37.50 20.66 -30.35
C ALA A 495 36.14 20.16 -29.86
N LYS A 496 36.02 18.85 -29.68
CA LYS A 496 34.77 18.24 -29.24
C LYS A 496 34.90 17.76 -27.79
N ASN A 497 33.76 17.35 -27.25
CA ASN A 497 33.60 17.12 -25.83
C ASN A 497 34.39 15.89 -25.36
N ILE A 498 34.61 15.82 -24.04
CA ILE A 498 35.19 14.65 -23.40
C ILE A 498 34.05 13.83 -22.80
N SER A 499 34.15 12.51 -22.93
CA SER A 499 33.12 11.60 -22.42
C SER A 499 33.52 11.01 -21.09
N VAL A 500 34.57 10.18 -21.09
CA VAL A 500 35.02 9.50 -19.88
C VAL A 500 36.26 10.21 -19.34
N ALA A 501 36.44 10.16 -18.03
CA ALA A 501 37.57 10.79 -17.37
C ALA A 501 38.15 9.85 -16.33
N SER A 502 39.48 9.86 -16.22
CA SER A 502 40.19 9.00 -15.27
C SER A 502 41.49 9.69 -14.92
N CYS A 503 41.61 10.17 -13.68
CA CYS A 503 42.75 10.99 -13.28
C CYS A 503 43.29 10.51 -11.93
N ASN A 504 44.61 10.43 -11.83
CA ASN A 504 45.28 10.17 -10.56
C ASN A 504 46.25 11.31 -10.26
N SER A 505 47.25 11.06 -9.42
CA SER A 505 48.10 12.16 -8.94
C SER A 505 48.86 12.83 -10.08
N SER A 506 49.37 12.04 -11.04
CA SER A 506 50.17 12.60 -12.12
C SER A 506 49.79 12.11 -13.51
N GLN A 507 48.83 11.20 -13.64
CA GLN A 507 48.35 10.75 -14.94
C GLN A 507 46.91 11.17 -15.17
N VAL A 508 46.52 11.19 -16.44
CA VAL A 508 45.16 11.48 -16.86
C VAL A 508 44.86 10.63 -18.08
N VAL A 509 43.78 9.85 -18.02
CA VAL A 509 43.27 9.13 -19.17
C VAL A 509 41.86 9.62 -19.42
N VAL A 510 41.64 10.21 -20.60
CA VAL A 510 40.33 10.71 -20.99
C VAL A 510 39.89 9.96 -22.25
N ALA A 511 38.63 10.13 -22.61
CA ALA A 511 38.06 9.43 -23.75
C ALA A 511 37.07 10.34 -24.46
N VAL A 512 37.13 10.33 -25.79
CA VAL A 512 36.17 11.02 -26.65
C VAL A 512 35.66 10.00 -27.65
N GLY A 513 34.36 9.75 -27.64
CA GLY A 513 33.80 8.73 -28.50
C GLY A 513 34.50 7.40 -28.31
N ARG A 514 35.32 7.02 -29.30
CA ARG A 514 36.09 5.80 -29.23
C ARG A 514 37.56 6.04 -28.90
N ALA A 515 38.00 7.30 -28.85
CA ALA A 515 39.42 7.60 -28.68
C ALA A 515 39.82 7.58 -27.22
N LEU A 516 41.09 7.25 -26.98
CA LEU A 516 41.69 7.25 -25.65
C LEU A 516 42.96 8.07 -25.69
N TYR A 517 42.98 9.19 -24.98
CA TYR A 517 44.14 10.06 -24.91
C TYR A 517 44.79 9.93 -23.54
N TYR A 518 46.12 10.02 -23.53
CA TYR A 518 46.93 9.89 -22.32
C TYR A 518 47.65 11.21 -22.08
N LEU A 519 47.63 11.69 -20.83
CA LEU A 519 48.28 12.93 -20.46
C LEU A 519 49.07 12.73 -19.18
N GLN A 520 50.17 13.47 -19.06
CA GLN A 520 51.02 13.45 -17.87
C GLN A 520 51.10 14.85 -17.29
N ILE A 521 51.08 14.93 -15.97
CA ILE A 521 51.04 16.21 -15.27
C ILE A 521 52.47 16.65 -14.99
N HIS A 522 52.82 17.83 -15.47
CA HIS A 522 54.10 18.48 -15.22
C HIS A 522 53.84 19.93 -14.84
N PRO A 523 54.81 20.61 -14.24
CA PRO A 523 54.56 21.97 -13.73
C PRO A 523 54.01 22.89 -14.81
N GLN A 524 52.80 23.39 -14.57
CA GLN A 524 52.14 24.37 -15.43
C GLN A 524 51.98 23.89 -16.87
N GLU A 525 52.14 22.59 -17.13
CA GLU A 525 52.05 22.06 -18.48
C GLU A 525 51.31 20.73 -18.45
N LEU A 526 50.66 20.40 -19.56
CA LEU A 526 49.95 19.15 -19.74
C LEU A 526 50.53 18.44 -20.96
N ARG A 527 51.22 17.34 -20.73
CA ARG A 527 52.01 16.65 -21.75
C ARG A 527 51.24 15.47 -22.31
N GLN A 528 51.33 15.29 -23.63
CA GLN A 528 50.65 14.21 -24.33
C GLN A 528 51.64 13.08 -24.60
N ILE A 529 51.25 11.86 -24.23
CA ILE A 529 52.13 10.70 -24.34
C ILE A 529 51.54 9.71 -25.33
N SER A 530 50.57 8.90 -24.88
CA SER A 530 49.98 7.87 -25.71
C SER A 530 48.78 8.42 -26.49
N HIS A 531 48.27 7.58 -27.41
CA HIS A 531 47.20 7.97 -28.31
C HIS A 531 46.67 6.75 -29.05
N THR A 532 45.37 6.47 -28.92
CA THR A 532 44.79 5.28 -29.54
C THR A 532 43.28 5.43 -29.62
N GLU A 533 42.70 4.79 -30.63
CA GLU A 533 41.26 4.57 -30.72
C GLU A 533 40.98 3.09 -30.52
N MET A 534 40.06 2.80 -29.60
CA MET A 534 39.75 1.41 -29.26
C MET A 534 38.89 0.78 -30.35
N GLU A 535 38.63 -0.52 -30.20
CA GLU A 535 37.75 -1.21 -31.14
C GLU A 535 36.33 -0.65 -31.07
N HIS A 536 35.85 -0.39 -29.86
CA HIS A 536 34.48 0.07 -29.63
C HIS A 536 34.50 1.39 -28.87
N GLU A 537 33.34 1.81 -28.38
CA GLU A 537 33.20 3.10 -27.72
C GLU A 537 33.42 2.96 -26.22
N VAL A 538 34.18 3.90 -25.66
CA VAL A 538 34.60 3.85 -24.26
C VAL A 538 33.44 4.22 -23.36
N ALA A 539 33.25 3.44 -22.30
CA ALA A 539 32.18 3.68 -21.34
C ALA A 539 32.67 4.08 -19.94
N CYS A 540 33.81 3.54 -19.50
CA CYS A 540 34.30 3.83 -18.16
C CYS A 540 35.78 3.51 -18.10
N LEU A 541 36.53 4.34 -17.37
CA LEU A 541 37.97 4.19 -17.24
C LEU A 541 38.37 4.17 -15.77
N ASP A 542 39.59 3.70 -15.51
CA ASP A 542 40.17 3.77 -14.19
C ASP A 542 41.68 3.64 -14.28
N ILE A 543 42.38 4.47 -13.52
CA ILE A 543 43.82 4.37 -13.32
C ILE A 543 44.07 4.41 -11.82
N THR A 544 45.04 3.64 -11.36
CA THR A 544 45.26 3.55 -9.92
C THR A 544 46.76 3.51 -9.58
N PRO A 545 47.31 4.55 -8.95
CA PRO A 545 48.71 4.52 -8.50
C PRO A 545 48.95 3.47 -7.43
N GLY A 551 52.60 7.80 -8.67
CA GLY A 551 51.57 8.39 -9.50
C GLY A 551 51.67 7.95 -10.94
N LEU A 552 51.92 6.66 -11.13
CA LEU A 552 52.14 6.09 -12.45
C LEU A 552 51.61 4.66 -12.43
N SER A 553 50.82 4.29 -13.43
CA SER A 553 50.10 3.03 -13.42
C SER A 553 50.54 2.14 -14.59
N PRO A 554 51.04 0.93 -14.35
CA PRO A 554 51.31 0.04 -15.49
C PRO A 554 50.06 -0.28 -16.29
N LEU A 555 48.92 -0.40 -15.63
CA LEU A 555 47.67 -0.82 -16.26
C LEU A 555 46.70 0.34 -16.37
N CYS A 556 45.68 0.15 -17.21
CA CYS A 556 44.59 1.11 -17.36
C CYS A 556 43.35 0.33 -17.77
N ALA A 557 42.44 0.13 -16.82
CA ALA A 557 41.24 -0.64 -17.07
C ALA A 557 40.21 0.20 -17.84
N ILE A 558 39.38 -0.50 -18.63
CA ILE A 558 38.41 0.16 -19.50
C ILE A 558 37.16 -0.71 -19.61
N GLY A 559 36.04 -0.06 -19.91
CA GLY A 559 34.81 -0.76 -20.25
C GLY A 559 34.19 -0.19 -21.51
N LEU A 560 33.81 -1.06 -22.45
CA LEU A 560 33.39 -0.63 -23.77
C LEU A 560 31.87 -0.75 -23.94
N TRP A 561 31.35 0.02 -24.89
CA TRP A 561 29.93 0.22 -25.09
C TRP A 561 29.25 -0.91 -25.87
N THR A 562 29.99 -1.93 -26.30
CA THR A 562 29.47 -2.88 -27.29
C THR A 562 29.32 -4.30 -26.76
N ASP A 563 30.27 -4.79 -25.97
CA ASP A 563 30.28 -6.21 -25.63
C ASP A 563 30.56 -6.47 -24.16
N ILE A 564 30.47 -5.46 -23.30
CA ILE A 564 30.77 -5.62 -21.89
C ILE A 564 32.10 -6.35 -21.78
N SER A 565 33.16 -5.70 -22.25
CA SER A 565 34.49 -6.31 -22.31
C SER A 565 35.35 -5.68 -21.22
N ALA A 566 35.73 -6.50 -20.24
CA ALA A 566 36.74 -6.09 -19.27
C ALA A 566 38.09 -6.16 -19.96
N ARG A 567 38.57 -5.02 -20.45
CA ARG A 567 39.82 -4.95 -21.19
C ARG A 567 40.85 -4.17 -20.39
N ILE A 568 42.07 -4.67 -20.37
CA ILE A 568 43.16 -4.09 -19.61
C ILE A 568 44.25 -3.65 -20.58
N LEU A 569 44.78 -2.45 -20.37
CA LEU A 569 45.75 -1.85 -21.27
C LEU A 569 46.93 -1.31 -20.47
N LYS A 570 48.13 -1.47 -21.01
CA LYS A 570 49.25 -0.70 -20.51
C LYS A 570 49.02 0.78 -20.80
N LEU A 571 49.86 1.65 -20.23
CA LEU A 571 49.64 3.08 -20.45
C LEU A 571 50.69 3.74 -21.33
N PRO A 572 52.00 3.42 -21.18
CA PRO A 572 52.99 3.97 -22.11
C PRO A 572 52.64 3.68 -23.56
N SER A 573 51.75 2.72 -23.74
CA SER A 573 51.07 2.46 -25.00
C SER A 573 49.72 1.86 -24.64
N PHE A 574 48.92 1.54 -25.65
CA PHE A 574 47.60 0.96 -25.34
C PHE A 574 47.49 -0.46 -25.89
N GLU A 575 48.50 -1.28 -25.58
CA GLU A 575 48.48 -2.68 -25.97
C GLU A 575 47.43 -3.44 -25.16
N LEU A 576 46.51 -4.11 -25.86
CA LEU A 576 45.47 -4.88 -25.21
C LEU A 576 46.07 -6.09 -24.50
N LEU A 577 45.72 -6.26 -23.21
CA LEU A 577 46.24 -7.36 -22.41
C LEU A 577 45.22 -8.45 -22.11
N HIS A 578 43.93 -8.16 -22.24
CA HIS A 578 42.92 -9.19 -22.06
C HIS A 578 41.56 -8.64 -22.46
N LYS A 579 40.65 -9.55 -22.80
CA LYS A 579 39.23 -9.26 -22.92
C LYS A 579 38.48 -10.50 -22.46
N GLU A 580 37.34 -10.28 -21.82
CA GLU A 580 36.60 -11.36 -21.18
C GLU A 580 35.35 -11.70 -21.99
N MET A 581 35.00 -12.99 -21.97
CA MET A 581 33.83 -13.50 -22.68
C MET A 581 32.51 -13.16 -21.99
N LEU A 582 32.48 -12.13 -21.15
CA LEU A 582 31.30 -11.80 -20.33
C LEU A 582 30.54 -10.67 -21.00
N GLY A 583 29.82 -11.01 -22.06
CA GLY A 583 28.97 -10.04 -22.73
C GLY A 583 27.54 -10.08 -22.25
N GLY A 584 27.10 -9.01 -21.61
CA GLY A 584 25.71 -8.88 -21.20
C GLY A 584 24.87 -8.22 -22.28
N GLU A 585 24.04 -7.26 -21.89
CA GLU A 585 23.31 -6.44 -22.85
C GLU A 585 23.27 -4.96 -22.49
N ILE A 586 23.40 -4.60 -21.21
CA ILE A 586 23.45 -3.21 -20.80
C ILE A 586 24.90 -2.84 -20.53
N ILE A 587 25.20 -1.55 -20.56
CA ILE A 587 26.58 -1.05 -20.49
C ILE A 587 27.17 -1.24 -19.10
N PRO A 588 28.49 -1.46 -18.99
CA PRO A 588 29.15 -1.27 -17.70
C PRO A 588 29.26 0.21 -17.38
N ARG A 589 28.95 0.57 -16.14
CA ARG A 589 28.91 1.96 -15.73
C ARG A 589 30.15 2.39 -14.94
N SER A 590 30.57 1.57 -13.98
CA SER A 590 31.71 1.91 -13.13
C SER A 590 32.73 0.78 -13.16
N ILE A 591 34.01 1.17 -13.05
CA ILE A 591 35.11 0.23 -13.05
C ILE A 591 36.17 0.76 -12.09
N LEU A 592 36.85 -0.16 -11.41
CA LEU A 592 37.85 0.23 -10.42
C LEU A 592 38.73 -0.95 -10.08
N MET A 593 40.00 -0.67 -9.81
CA MET A 593 40.97 -1.67 -9.37
C MET A 593 41.77 -1.09 -8.21
N THR A 594 41.81 -1.81 -7.10
CA THR A 594 42.45 -1.32 -5.89
C THR A 594 43.07 -2.50 -5.14
N THR A 595 43.80 -2.18 -4.07
CA THR A 595 44.52 -3.16 -3.26
C THR A 595 43.85 -3.27 -1.90
N PHE A 596 43.25 -4.42 -1.61
CA PHE A 596 42.63 -4.67 -0.30
C PHE A 596 43.65 -5.25 0.67
N GLU A 597 44.01 -6.51 0.47
CA GLU A 597 44.99 -7.17 1.33
C GLU A 597 45.80 -8.16 0.50
N SER A 598 47.12 -7.95 0.47
CA SER A 598 48.04 -8.87 -0.20
C SER A 598 47.50 -9.36 -1.53
N SER A 599 46.82 -8.50 -2.29
CA SER A 599 46.20 -8.92 -3.53
C SER A 599 45.87 -7.69 -4.37
N HIS A 600 45.35 -7.95 -5.57
CA HIS A 600 44.89 -6.91 -6.48
C HIS A 600 43.62 -7.44 -7.15
N TYR A 601 42.49 -6.79 -6.89
CA TYR A 601 41.21 -7.17 -7.47
C TYR A 601 40.79 -6.17 -8.54
N LEU A 602 40.01 -6.66 -9.50
CA LEU A 602 39.39 -5.82 -10.51
C LEU A 602 37.89 -5.82 -10.29
N LEU A 603 37.29 -4.63 -10.26
CA LEU A 603 35.87 -4.48 -10.05
C LEU A 603 35.24 -3.79 -11.26
N CYS A 604 34.01 -4.19 -11.56
CA CYS A 604 33.28 -3.63 -12.69
C CYS A 604 31.79 -3.64 -12.37
N ALA A 605 31.10 -2.56 -12.71
CA ALA A 605 29.71 -2.35 -12.31
C ALA A 605 28.86 -2.22 -13.56
N LEU A 606 27.96 -3.18 -13.76
CA LEU A 606 27.03 -3.13 -14.89
C LEU A 606 25.94 -2.09 -14.61
N GLY A 607 25.28 -1.67 -15.69
CA GLY A 607 24.17 -0.74 -15.56
C GLY A 607 22.90 -1.36 -15.03
N ASP A 608 22.78 -2.69 -15.09
CA ASP A 608 21.57 -3.35 -14.61
C ASP A 608 21.54 -3.38 -13.10
N GLY A 609 22.69 -3.56 -12.45
CA GLY A 609 22.77 -3.59 -11.00
C GLY A 609 23.70 -4.65 -10.47
N ALA A 610 24.30 -5.44 -11.36
CA ALA A 610 25.21 -6.50 -10.96
C ALA A 610 26.65 -6.01 -10.98
N LEU A 611 27.52 -6.79 -10.34
CA LEU A 611 28.93 -6.44 -10.23
C LEU A 611 29.78 -7.69 -10.30
N PHE A 612 30.89 -7.62 -11.03
CA PHE A 612 31.86 -8.70 -11.12
C PHE A 612 33.11 -8.33 -10.35
N TYR A 613 33.78 -9.33 -9.79
CA TYR A 613 35.08 -9.16 -9.18
C TYR A 613 36.05 -10.15 -9.78
N PHE A 614 37.32 -9.74 -9.87
CA PHE A 614 38.37 -10.57 -10.43
C PHE A 614 39.61 -10.47 -9.56
N GLY A 615 40.56 -11.36 -9.83
CA GLY A 615 41.88 -11.28 -9.26
C GLY A 615 42.92 -11.30 -10.36
N LEU A 616 44.08 -10.76 -10.05
CA LEU A 616 45.18 -10.72 -11.02
C LEU A 616 46.41 -10.14 -10.34
N ASN A 617 47.52 -10.21 -11.05
CA ASN A 617 48.70 -9.43 -10.74
C ASN A 617 48.79 -8.31 -11.79
N ILE A 618 49.92 -7.60 -11.77
CA ILE A 618 50.09 -6.40 -12.58
C ILE A 618 51.24 -6.51 -13.57
N GLU A 619 51.88 -7.66 -13.64
CA GLU A 619 52.92 -7.92 -14.64
C GLU A 619 52.36 -8.68 -15.84
N THR A 620 51.12 -9.15 -15.75
CA THR A 620 50.35 -9.63 -16.88
C THR A 620 48.88 -9.36 -16.58
N GLY A 621 48.09 -9.19 -17.63
CA GLY A 621 46.71 -8.78 -17.47
C GLY A 621 45.72 -9.92 -17.45
N LEU A 622 46.02 -10.97 -16.69
CA LEU A 622 45.20 -12.18 -16.69
C LEU A 622 44.34 -12.24 -15.44
N LEU A 623 43.06 -12.56 -15.63
CA LEU A 623 42.08 -12.48 -14.57
C LEU A 623 40.93 -13.47 -14.82
N ASP A 625 37.81 -14.68 -12.00
CA ASP A 625 37.01 -14.97 -10.81
C ASP A 625 35.58 -14.48 -11.00
N ARG A 626 35.01 -14.78 -12.16
CA ARG A 626 33.66 -14.34 -12.47
C ARG A 626 32.67 -14.83 -11.42
N LYS A 627 31.85 -13.91 -10.91
CA LYS A 627 30.68 -14.28 -10.12
C LYS A 627 29.73 -13.10 -10.09
N LYS A 628 28.48 -13.32 -10.52
CA LYS A 628 27.48 -12.27 -10.63
C LYS A 628 26.90 -11.96 -9.26
N VAL A 629 27.59 -11.09 -8.53
CA VAL A 629 27.05 -10.58 -7.27
C VAL A 629 26.16 -9.38 -7.58
N THR A 630 24.95 -9.40 -7.06
CA THR A 630 23.96 -8.35 -7.31
C THR A 630 23.81 -7.48 -6.07
N LEU A 631 23.97 -6.17 -6.26
CA LEU A 631 23.85 -5.24 -5.14
C LEU A 631 22.52 -4.50 -5.21
N GLY A 632 22.45 -3.45 -6.02
CA GLY A 632 21.23 -2.72 -6.26
C GLY A 632 20.65 -3.03 -7.62
N THR A 633 19.73 -2.17 -8.05
CA THR A 633 19.11 -2.29 -9.36
C THR A 633 19.47 -1.13 -10.28
N GLN A 634 20.29 -0.19 -9.82
CA GLN A 634 20.68 0.97 -10.60
C GLN A 634 22.21 1.00 -10.73
N PRO A 635 22.73 1.64 -11.79
CA PRO A 635 24.19 1.63 -11.99
C PRO A 635 24.98 1.99 -10.75
N THR A 636 25.71 1.01 -10.21
CA THR A 636 26.46 1.20 -8.98
C THR A 636 27.77 1.92 -9.28
N VAL A 637 27.92 3.13 -8.73
CA VAL A 637 29.11 3.93 -8.94
C VAL A 637 30.11 3.60 -7.84
N LEU A 638 31.27 3.05 -8.23
CA LEU A 638 32.27 2.63 -7.28
C LEU A 638 33.15 3.81 -6.86
N ARG A 639 33.76 3.67 -5.68
CA ARG A 639 34.70 4.66 -5.19
C ARG A 639 35.47 4.06 -4.01
N THR A 640 36.76 4.35 -3.95
CA THR A 640 37.59 3.95 -2.82
C THR A 640 37.50 5.00 -1.72
N PHE A 641 37.53 4.54 -0.47
CA PHE A 641 37.46 5.45 0.66
C PHE A 641 38.46 5.04 1.74
N ARG A 642 38.60 5.91 2.73
CA ARG A 642 39.73 5.88 3.65
C ARG A 642 39.23 6.12 5.07
N SER A 643 39.02 5.05 5.82
CA SER A 643 38.79 5.13 7.27
C SER A 643 40.10 5.03 8.04
N LEU A 644 40.80 3.90 7.94
CA LEU A 644 42.17 3.78 8.39
C LEU A 644 43.09 3.78 7.16
N SER A 645 44.30 3.26 7.30
CA SER A 645 45.22 3.25 6.16
C SER A 645 44.91 2.09 5.21
N THR A 646 44.64 0.90 5.75
CA THR A 646 44.32 -0.28 4.94
C THR A 646 42.82 -0.26 4.68
N THR A 647 42.43 0.35 3.56
CA THR A 647 41.03 0.73 3.39
C THR A 647 40.46 0.23 2.08
N ASN A 648 39.15 0.40 1.96
CA ASN A 648 38.29 -0.35 1.08
C ASN A 648 37.50 0.59 0.16
N VAL A 649 36.53 0.03 -0.56
CA VAL A 649 35.80 0.77 -1.59
C VAL A 649 34.33 0.88 -1.22
N PHE A 650 33.73 1.99 -1.64
CA PHE A 650 32.33 2.30 -1.39
C PHE A 650 31.53 2.04 -2.67
N ALA A 651 30.39 1.37 -2.54
CA ALA A 651 29.56 1.00 -3.69
C ALA A 651 28.28 1.84 -3.65
N CYS A 652 28.34 3.01 -4.28
CA CYS A 652 27.17 3.87 -4.37
C CYS A 652 26.08 3.19 -5.17
N SER A 653 24.92 3.00 -4.55
CA SER A 653 23.77 2.39 -5.20
C SER A 653 22.55 2.66 -4.32
N ASP A 654 21.39 2.24 -4.82
CA ASP A 654 20.16 2.30 -4.03
C ASP A 654 20.13 1.24 -2.93
N ARG A 655 21.16 0.38 -2.88
CA ARG A 655 21.33 -0.59 -1.80
C ARG A 655 22.80 -0.55 -1.41
N PRO A 656 23.26 0.56 -0.83
CA PRO A 656 24.70 0.79 -0.70
C PRO A 656 25.43 -0.34 -0.01
N THR A 657 26.26 -1.04 -0.77
CA THR A 657 27.13 -2.09 -0.28
C THR A 657 28.53 -1.51 -0.04
N VAL A 658 29.31 -2.22 0.77
CA VAL A 658 30.71 -1.86 0.99
C VAL A 658 31.55 -3.13 0.95
N ILE A 659 32.61 -3.10 0.15
CA ILE A 659 33.48 -4.25 -0.05
C ILE A 659 34.69 -4.07 0.85
N TYR A 660 34.74 -4.81 1.96
CA TYR A 660 35.88 -4.81 2.85
C TYR A 660 36.75 -6.04 2.59
N SER A 661 37.73 -6.27 3.46
CA SER A 661 38.69 -7.36 3.33
C SER A 661 38.48 -8.33 4.48
N SER A 662 38.15 -9.58 4.16
CA SER A 662 37.72 -10.56 5.13
C SER A 662 38.71 -11.46 5.84
N ASN A 663 39.23 -12.48 5.15
CA ASN A 663 40.51 -13.14 5.32
C ASN A 663 41.32 -12.95 4.05
N HIS A 664 41.23 -11.75 3.49
CA HIS A 664 41.77 -11.36 2.18
C HIS A 664 40.78 -11.88 1.15
N LYS A 665 39.48 -11.85 1.47
CA LYS A 665 38.42 -11.99 0.49
C LYS A 665 37.37 -10.91 0.72
N LEU A 666 36.13 -11.15 0.31
CA LEU A 666 35.15 -10.09 0.08
C LEU A 666 34.10 -10.06 1.17
N VAL A 667 33.87 -8.88 1.74
CA VAL A 667 32.76 -8.62 2.65
C VAL A 667 31.78 -7.71 1.92
N PHE A 668 30.49 -8.06 1.97
CA PHE A 668 29.44 -7.30 1.30
C PHE A 668 28.37 -6.95 2.33
N SER A 669 28.61 -5.86 3.06
CA SER A 669 27.72 -5.42 4.13
C SER A 669 26.89 -4.23 3.63
N ASN A 670 25.57 -4.36 3.68
CA ASN A 670 24.70 -3.27 3.32
C ASN A 670 24.93 -2.09 4.26
N VAL A 671 24.61 -0.89 3.76
CA VAL A 671 24.70 0.34 4.54
C VAL A 671 23.29 0.77 4.88
N ASN A 672 23.08 1.16 6.14
CA ASN A 672 21.75 1.53 6.61
C ASN A 672 21.35 2.92 6.13
N LEU A 673 21.41 3.13 4.82
CA LEU A 673 20.89 4.34 4.19
C LEU A 673 20.00 3.93 3.04
N LYS A 674 19.06 4.82 2.69
CA LYS A 674 18.08 4.48 1.67
C LYS A 674 18.72 4.36 0.30
N GLU A 675 19.30 5.45 -0.19
CA GLU A 675 19.86 5.45 -1.54
C GLU A 675 21.00 6.46 -1.63
N VAL A 676 22.03 6.11 -2.37
CA VAL A 676 23.19 6.97 -2.61
C VAL A 676 23.59 6.82 -4.06
N ASN A 677 23.89 7.95 -4.72
CA ASN A 677 24.31 7.96 -6.11
C ASN A 677 25.78 8.32 -6.30
N TYR A 678 26.34 9.19 -5.46
CA TYR A 678 27.73 9.59 -5.58
C TYR A 678 28.30 9.84 -4.19
N MET A 679 29.60 9.62 -4.05
CA MET A 679 30.24 9.72 -2.75
C MET A 679 31.74 9.88 -2.92
N CYS A 680 32.37 10.51 -1.92
CA CYS A 680 33.81 10.66 -1.86
C CYS A 680 34.20 10.86 -0.40
N PRO A 681 35.39 10.43 0.03
CA PRO A 681 35.81 10.65 1.41
C PRO A 681 36.05 12.13 1.68
N LEU A 682 36.25 12.44 2.95
CA LEU A 682 36.47 13.84 3.34
C LEU A 682 37.16 13.89 4.70
N ASN A 683 38.35 14.48 4.74
CA ASN A 683 39.06 14.77 5.98
C ASN A 683 39.27 16.28 6.00
N SER A 684 38.28 16.98 6.53
CA SER A 684 38.20 18.43 6.40
C SER A 684 38.51 19.10 7.73
N ASP A 685 39.02 20.33 7.65
CA ASP A 685 39.24 21.12 8.86
C ASP A 685 37.93 21.57 9.51
N GLY A 686 36.79 21.07 9.02
CA GLY A 686 35.52 21.25 9.69
C GLY A 686 34.66 20.01 9.95
N TYR A 687 34.75 19.03 9.06
CA TYR A 687 34.22 17.67 9.23
C TYR A 687 35.37 16.67 9.05
N PRO A 688 36.14 16.37 10.08
CA PRO A 688 37.32 15.51 9.88
C PRO A 688 36.97 14.03 9.81
N ASP A 689 37.67 13.33 8.92
CA ASP A 689 37.46 11.90 8.68
C ASP A 689 35.99 11.58 8.41
N SER A 690 35.28 12.52 7.81
CA SER A 690 33.90 12.31 7.42
C SER A 690 33.83 11.80 5.98
N LEU A 691 32.62 11.44 5.56
CA LEU A 691 32.35 11.05 4.19
C LEU A 691 31.26 11.94 3.61
N ALA A 692 31.42 12.29 2.34
CA ALA A 692 30.41 13.07 1.62
C ALA A 692 29.56 12.11 0.81
N LEU A 693 28.26 12.11 1.10
CA LEU A 693 27.31 11.23 0.43
C LEU A 693 26.34 12.08 -0.37
N ALA A 694 26.19 11.75 -1.64
CA ALA A 694 25.25 12.45 -2.51
C ALA A 694 24.16 11.48 -2.94
N ASN A 695 22.99 12.02 -3.21
CA ASN A 695 21.86 11.23 -3.65
C ASN A 695 21.00 12.09 -4.54
N ASN A 696 19.74 11.78 -4.66
CA ASN A 696 18.90 12.60 -5.46
C ASN A 696 18.30 13.75 -4.68
N SER A 697 18.59 13.82 -3.39
CA SER A 697 18.01 14.84 -2.52
C SER A 697 18.93 15.79 -1.76
N THR A 698 19.38 15.29 -0.61
CA THR A 698 20.25 15.98 0.31
C THR A 698 21.70 15.66 0.04
N LEU A 699 22.59 16.32 0.80
CA LEU A 699 24.04 16.17 0.72
C LEU A 699 24.56 15.95 2.13
N THR A 700 24.43 14.74 2.63
CA THR A 700 24.79 14.41 3.98
C THR A 700 26.28 14.34 4.15
N ILE A 701 26.70 14.32 5.41
CA ILE A 701 28.09 14.20 5.76
C ILE A 701 28.17 13.56 7.15
N GLY A 702 28.88 12.46 7.31
CA GLY A 702 28.98 11.78 8.59
C GLY A 702 30.16 10.83 8.66
N THR A 703 30.03 9.77 9.46
CA THR A 703 31.12 8.82 9.66
C THR A 703 30.68 7.38 9.40
N ILE A 704 31.52 6.42 9.77
CA ILE A 704 31.32 5.00 9.46
C ILE A 704 31.56 4.20 10.75
N ASP A 705 31.27 2.90 10.69
CA ASP A 705 31.25 2.07 11.91
C ASP A 705 32.18 0.86 11.83
N GLU A 706 31.87 -0.14 11.00
CA GLU A 706 32.25 -1.52 11.27
C GLU A 706 32.99 -2.12 10.08
N ILE A 707 33.61 -3.28 10.32
CA ILE A 707 34.36 -3.99 9.29
C ILE A 707 33.56 -5.11 8.62
N GLN A 708 32.50 -5.60 9.25
CA GLN A 708 31.66 -6.65 8.67
C GLN A 708 30.20 -6.26 8.87
N LYS A 709 29.32 -7.26 8.89
CA LYS A 709 27.88 -7.02 8.89
C LYS A 709 27.43 -6.41 10.22
N LEU A 710 27.61 -7.15 11.31
CA LEU A 710 27.05 -6.76 12.60
C LEU A 710 27.92 -5.74 13.30
N HIS A 711 27.28 -4.82 14.01
CA HIS A 711 27.94 -3.91 14.94
C HIS A 711 27.35 -4.15 16.32
N ILE A 712 28.06 -4.87 17.17
CA ILE A 712 27.56 -5.32 18.45
C ILE A 712 28.01 -4.32 19.51
N ARG A 713 27.05 -3.57 20.03
CA ARG A 713 27.29 -2.65 21.15
C ARG A 713 27.17 -3.42 22.45
N THR A 714 28.00 -3.05 23.42
CA THR A 714 28.09 -3.75 24.69
C THR A 714 27.81 -2.79 25.85
N VAL A 715 27.01 -3.26 26.80
CA VAL A 715 26.71 -2.50 28.01
C VAL A 715 27.01 -3.37 29.23
N PRO A 716 28.22 -3.30 29.78
CA PRO A 716 28.55 -4.17 30.92
C PRO A 716 27.67 -3.88 32.13
N LEU A 717 27.12 -4.95 32.72
CA LEU A 717 26.31 -4.83 33.92
C LEU A 717 26.99 -5.39 35.17
N TYR A 718 27.96 -6.28 35.02
CA TYR A 718 28.71 -6.85 36.14
C TYR A 718 27.82 -7.67 37.07
N GLU A 719 26.64 -8.06 36.59
CA GLU A 719 25.76 -8.96 37.32
C GLU A 719 24.93 -9.72 36.29
N SER A 720 23.97 -10.51 36.77
CA SER A 720 23.23 -11.43 35.91
C SER A 720 21.93 -10.79 35.47
N PRO A 721 21.71 -10.54 34.16
CA PRO A 721 20.41 -10.05 33.69
C PRO A 721 19.51 -11.19 33.22
N ARG A 722 18.27 -11.20 33.70
CA ARG A 722 17.35 -12.32 33.48
C ARG A 722 16.27 -12.03 32.44
N LYS A 723 15.52 -10.95 32.61
CA LYS A 723 14.44 -10.59 31.71
C LYS A 723 14.61 -9.16 31.25
N ILE A 724 13.99 -8.84 30.11
CA ILE A 724 14.12 -7.51 29.52
C ILE A 724 12.80 -7.13 28.85
N CYS A 725 12.43 -5.87 28.98
CA CYS A 725 11.29 -5.29 28.28
C CYS A 725 11.69 -3.93 27.72
N TYR A 726 10.88 -3.41 26.81
CA TYR A 726 11.09 -2.10 26.24
C TYR A 726 9.83 -1.26 26.42
N GLN A 727 10.02 -0.02 26.87
CA GLN A 727 8.93 0.89 27.18
C GLN A 727 9.15 2.18 26.41
N GLU A 728 8.38 2.39 25.34
CA GLU A 728 8.59 3.54 24.47
C GLU A 728 8.21 4.85 25.15
N VAL A 729 7.15 4.85 25.98
CA VAL A 729 6.67 6.10 26.56
C VAL A 729 7.73 6.70 27.47
N SER A 730 8.52 5.87 28.14
CA SER A 730 9.62 6.34 28.97
C SER A 730 10.92 6.47 28.20
N GLN A 731 10.96 5.99 26.95
CA GLN A 731 12.19 6.00 26.16
C GLN A 731 13.33 5.35 26.94
N CYS A 732 13.08 4.14 27.42
CA CYS A 732 14.06 3.42 28.23
C CYS A 732 13.65 1.96 28.30
N PHE A 733 14.64 1.11 28.58
CA PHE A 733 14.42 -0.32 28.72
C PHE A 733 14.15 -0.70 30.17
N GLY A 734 13.46 -1.82 30.34
CA GLY A 734 13.28 -2.43 31.65
C GLY A 734 13.94 -3.78 31.71
N VAL A 735 14.77 -3.99 32.74
CA VAL A 735 15.58 -5.20 32.84
C VAL A 735 15.54 -5.71 34.29
N LEU A 736 15.21 -6.98 34.46
CA LEU A 736 15.34 -7.65 35.75
C LEU A 736 16.72 -8.31 35.83
N SER A 737 17.29 -8.31 37.03
CA SER A 737 18.64 -8.81 37.20
C SER A 737 18.86 -9.22 38.64
N SER A 738 19.72 -10.22 38.84
CA SER A 738 20.10 -10.67 40.17
C SER A 738 21.61 -10.65 40.30
N ARG A 739 22.05 -10.36 41.53
CA ARG A 739 23.47 -10.39 41.87
C ARG A 739 23.67 -11.33 43.05
N ILE A 740 24.92 -11.66 43.33
CA ILE A 740 25.28 -12.60 44.39
C ILE A 740 25.76 -11.82 45.59
N GLU A 741 25.38 -12.28 46.78
CA GLU A 741 25.80 -11.68 48.02
C GLU A 741 26.02 -12.78 49.06
N VAL A 742 27.06 -12.62 49.87
CA VAL A 742 27.49 -13.64 50.82
C VAL A 742 27.22 -13.14 52.23
N GLN A 743 26.81 -14.05 53.11
CA GLN A 743 26.43 -13.67 54.46
C GLN A 743 27.65 -13.17 55.23
N ASP A 744 27.56 -11.97 55.77
CA ASP A 744 28.68 -11.30 56.44
C ASP A 744 28.86 -11.88 57.85
N THR A 745 29.80 -11.29 58.60
CA THR A 745 29.96 -11.57 60.01
C THR A 745 28.82 -10.99 60.86
N SER A 746 27.83 -10.34 60.25
CA SER A 746 26.75 -9.68 60.96
C SER A 746 25.40 -10.36 60.78
N GLY A 747 25.32 -11.41 59.97
CA GLY A 747 24.06 -12.08 59.71
C GLY A 747 23.29 -11.53 58.54
N GLY A 748 23.88 -10.61 57.77
CA GLY A 748 23.28 -10.12 56.55
C GLY A 748 24.21 -10.36 55.38
N THR A 749 23.94 -9.73 54.25
CA THR A 749 24.67 -10.02 53.02
C THR A 749 25.76 -8.98 52.77
N THR A 750 26.45 -9.13 51.65
CA THR A 750 27.52 -8.21 51.25
C THR A 750 27.55 -8.12 49.73
N ALA A 751 28.31 -7.16 49.23
CA ALA A 751 28.55 -7.05 47.79
C ALA A 751 29.84 -7.78 47.44
N LEU A 752 29.77 -8.62 46.42
CA LEU A 752 31.00 -9.24 45.90
C LEU A 752 31.84 -8.24 45.15
N ARG A 753 31.24 -7.61 44.13
CA ARG A 753 31.87 -6.56 43.36
C ARG A 753 30.85 -5.47 43.12
N PRO A 754 31.28 -4.21 43.03
CA PRO A 754 30.33 -3.13 42.72
C PRO A 754 29.68 -3.33 41.37
N SER A 755 28.45 -3.83 41.35
CA SER A 755 27.73 -4.07 40.12
C SER A 755 26.81 -2.90 39.80
N ALA A 756 26.09 -3.02 38.68
CA ALA A 756 25.33 -1.89 38.15
C ALA A 756 24.17 -1.52 39.07
N SER A 757 23.50 -2.51 39.66
CA SER A 757 22.34 -2.21 40.51
C SER A 757 22.75 -1.48 41.78
N THR A 758 23.98 -1.68 42.25
CA THR A 758 24.43 -1.04 43.48
C THR A 758 25.02 0.35 43.24
N GLN A 759 25.46 0.64 42.02
CA GLN A 759 25.98 1.95 41.66
C GLN A 759 25.04 2.65 40.67
N ALA A 760 23.74 2.55 40.93
CA ALA A 760 22.72 3.19 40.12
C ALA A 760 22.47 4.61 40.60
N LEU A 761 21.82 5.40 39.75
CA LEU A 761 21.58 6.80 40.08
C LEU A 761 20.51 6.95 41.15
N SER A 762 19.39 6.25 41.00
CA SER A 762 18.26 6.39 41.93
C SER A 762 18.36 5.37 43.06
N SER A 763 18.21 4.09 42.72
CA SER A 763 18.52 3.00 43.65
C SER A 763 17.58 2.98 44.85
N SER A 764 16.29 2.74 44.63
CA SER A 764 15.34 2.56 45.71
C SER A 764 15.24 1.09 46.11
N VAL A 765 14.47 0.83 47.16
CA VAL A 765 14.25 -0.54 47.65
C VAL A 765 12.76 -0.75 47.87
N SER A 766 12.40 -1.71 48.75
CA SER A 766 11.03 -2.17 48.85
C SER A 766 10.47 -1.81 50.22
N SER A 767 10.63 -2.65 51.24
CA SER A 767 10.02 -2.44 52.55
C SER A 767 8.50 -2.50 52.44
N SER A 768 8.00 -3.65 52.00
CA SER A 768 6.57 -3.90 51.84
C SER A 768 6.17 -5.04 52.76
N LYS A 769 5.41 -4.73 53.81
CA LYS A 769 4.89 -5.75 54.71
C LYS A 769 3.77 -6.50 53.99
N LEU A 770 4.10 -7.67 53.43
CA LEU A 770 3.08 -8.57 52.90
C LEU A 770 3.24 -9.98 53.43
N PHE A 771 4.16 -10.22 54.36
CA PHE A 771 4.39 -11.55 54.91
C PHE A 771 4.55 -11.44 56.42
N SER A 772 4.17 -12.51 57.11
CA SER A 772 4.30 -12.58 58.56
C SER A 772 4.64 -13.96 59.10
N SER A 773 4.40 -15.04 58.36
CA SER A 773 4.67 -16.39 58.84
C SER A 773 5.99 -16.91 58.29
N THR A 780 18.16 -18.76 57.34
CA THR A 780 18.96 -17.73 58.00
C THR A 780 20.28 -18.33 58.48
N SER A 781 21.04 -18.88 57.53
CA SER A 781 22.33 -19.48 57.84
C SER A 781 23.45 -18.46 57.63
N PHE A 782 24.69 -18.91 57.78
CA PHE A 782 25.86 -18.06 57.63
C PHE A 782 26.83 -18.69 56.63
N GLY A 783 27.62 -17.82 55.99
CA GLY A 783 28.61 -18.28 55.03
C GLY A 783 28.06 -18.74 53.70
N GLU A 784 26.82 -18.38 53.36
CA GLU A 784 26.20 -18.80 52.11
C GLU A 784 26.37 -17.75 51.04
N GLU A 785 25.87 -18.07 49.84
CA GLU A 785 25.75 -17.11 48.74
C GLU A 785 24.27 -16.95 48.43
N VAL A 786 23.74 -15.75 48.65
CA VAL A 786 22.33 -15.47 48.43
C VAL A 786 22.21 -14.57 47.20
N GLU A 787 21.05 -14.65 46.55
CA GLU A 787 20.75 -13.81 45.40
C GLU A 787 19.93 -12.60 45.81
N VAL A 788 20.13 -11.50 45.10
CA VAL A 788 19.41 -10.25 45.33
C VAL A 788 18.96 -9.73 43.97
N HIS A 789 17.64 -9.66 43.78
CA HIS A 789 17.05 -9.30 42.50
C HIS A 789 16.63 -7.84 42.50
N ASN A 790 16.81 -7.20 41.34
CA ASN A 790 16.46 -5.80 41.16
C ASN A 790 15.69 -5.64 39.86
N LEU A 791 15.08 -4.47 39.70
CA LEU A 791 14.53 -4.04 38.43
C LEU A 791 15.34 -2.84 37.95
N LEU A 792 16.02 -3.00 36.82
CA LEU A 792 16.90 -1.98 36.29
C LEU A 792 16.17 -1.15 35.24
N ILE A 793 16.19 0.17 35.41
CA ILE A 793 15.61 1.07 34.42
C ILE A 793 16.74 1.61 33.56
N ILE A 794 17.23 0.77 32.64
CA ILE A 794 18.26 1.18 31.70
C ILE A 794 17.67 2.20 30.73
N ASP A 795 18.44 3.25 30.46
CA ASP A 795 18.06 4.23 29.44
C ASP A 795 18.42 3.69 28.06
N GLN A 796 17.74 4.24 27.04
CA GLN A 796 17.82 3.64 25.70
C GLN A 796 18.85 4.32 24.79
N HIS A 797 19.33 5.51 25.13
CA HIS A 797 20.41 6.14 24.36
C HIS A 797 21.71 6.02 25.14
N THR A 798 21.83 6.76 26.25
CA THR A 798 22.96 6.62 27.15
C THR A 798 22.64 5.49 28.11
N PHE A 799 22.87 4.26 27.65
CA PHE A 799 22.60 3.07 28.46
C PHE A 799 23.21 3.45 29.80
N GLU A 800 22.37 3.51 30.84
CA GLU A 800 22.80 3.72 32.20
C GLU A 800 21.68 3.27 33.13
N VAL A 801 22.05 2.92 34.36
CA VAL A 801 21.08 2.47 35.35
C VAL A 801 20.52 3.73 36.00
N LEU A 802 19.49 4.30 35.37
CA LEU A 802 18.76 5.40 35.96
C LEU A 802 18.23 5.02 37.33
N HIS A 803 17.38 4.00 37.38
CA HIS A 803 16.78 3.52 38.60
C HIS A 803 17.08 2.04 38.78
N ALA A 804 17.25 1.62 40.03
CA ALA A 804 17.46 0.22 40.37
C ALA A 804 16.64 -0.08 41.62
N HIS A 805 15.45 -0.62 41.41
CA HIS A 805 14.54 -0.94 42.51
C HIS A 805 14.81 -2.37 42.98
N GLN A 806 15.11 -2.52 44.26
CA GLN A 806 15.49 -3.80 44.83
C GLN A 806 14.29 -4.47 45.47
N PHE A 807 14.23 -5.79 45.36
CA PHE A 807 13.13 -6.58 45.90
C PHE A 807 13.44 -7.00 47.35
N LEU A 808 12.60 -7.86 47.90
CA LEU A 808 12.79 -8.36 49.24
C LEU A 808 13.79 -9.51 49.25
N GLN A 809 14.29 -9.83 50.45
CA GLN A 809 15.22 -10.93 50.59
C GLN A 809 14.55 -12.25 50.25
N ASN A 810 15.30 -13.13 49.59
CA ASN A 810 14.81 -14.44 49.18
C ASN A 810 13.67 -14.34 48.17
N GLU A 811 13.52 -13.20 47.51
CA GLU A 811 12.52 -13.00 46.48
C GLU A 811 13.21 -12.92 45.13
N TYR A 812 12.89 -13.85 44.24
CA TYR A 812 13.46 -13.90 42.90
C TYR A 812 12.43 -13.43 41.90
N ALA A 813 12.83 -12.48 41.04
CA ALA A 813 11.99 -12.04 39.95
C ALA A 813 12.12 -13.02 38.78
N LEU A 814 10.98 -13.33 38.15
CA LEU A 814 10.94 -14.34 37.10
C LEU A 814 10.23 -13.91 35.82
N SER A 815 9.54 -12.78 35.81
CA SER A 815 8.82 -12.35 34.62
C SER A 815 8.70 -10.84 34.61
N LEU A 816 8.70 -10.27 33.40
CA LEU A 816 8.68 -8.83 33.21
C LEU A 816 7.76 -8.48 32.06
N VAL A 817 6.95 -7.44 32.24
CA VAL A 817 5.98 -6.99 31.26
C VAL A 817 5.92 -5.48 31.27
N SER A 818 5.91 -4.88 30.08
CA SER A 818 5.79 -3.43 29.92
C SER A 818 4.62 -3.17 28.97
N CYS A 819 3.46 -2.83 29.54
CA CYS A 819 2.24 -2.68 28.74
C CYS A 819 1.29 -1.74 29.46
N LYS A 820 0.17 -1.45 28.80
CA LYS A 820 -0.96 -0.78 29.41
C LYS A 820 -2.05 -1.80 29.70
N LEU A 821 -2.85 -1.53 30.73
CA LEU A 821 -3.89 -2.45 31.16
C LEU A 821 -5.22 -1.74 31.24
N GLY A 822 -6.25 -2.40 30.72
CA GLY A 822 -7.59 -1.85 30.70
C GLY A 822 -7.63 -0.55 29.91
N LYS A 823 -8.51 0.35 30.35
CA LYS A 823 -8.59 1.69 29.78
C LYS A 823 -7.73 2.68 30.54
N ASP A 824 -6.72 2.20 31.25
CA ASP A 824 -5.82 3.08 31.99
C ASP A 824 -4.84 3.75 31.03
N PRO A 825 -4.74 5.08 31.04
CA PRO A 825 -3.84 5.73 30.08
C PRO A 825 -2.37 5.41 30.28
N ASN A 826 -1.96 5.06 31.50
CA ASN A 826 -0.54 4.89 31.82
C ASN A 826 -0.01 3.57 31.28
N THR A 827 1.28 3.58 30.96
CA THR A 827 2.03 2.38 30.61
C THR A 827 2.88 1.98 31.80
N TYR A 828 2.81 0.72 32.21
CA TYR A 828 3.41 0.26 33.44
C TYR A 828 4.47 -0.81 33.19
N PHE A 829 5.36 -0.95 34.17
CA PHE A 829 6.27 -2.09 34.25
C PHE A 829 5.69 -3.07 35.26
N ILE A 830 5.18 -4.20 34.77
CA ILE A 830 4.63 -5.23 35.63
C ILE A 830 5.71 -6.28 35.87
N VAL A 831 5.95 -6.61 37.13
CA VAL A 831 6.97 -7.58 37.52
C VAL A 831 6.32 -8.66 38.37
N GLY A 832 6.55 -9.91 38.01
CA GLY A 832 6.04 -11.02 38.78
C GLY A 832 7.16 -11.84 39.40
N THR A 833 7.13 -12.02 40.72
CA THR A 833 8.26 -12.59 41.45
C THR A 833 7.89 -13.95 42.03
N ALA A 834 8.78 -14.49 42.85
CA ALA A 834 8.58 -15.78 43.48
C ALA A 834 9.47 -15.86 44.71
N MET A 835 8.88 -16.19 45.86
CA MET A 835 9.63 -16.31 47.10
C MET A 835 10.35 -17.65 47.13
N VAL A 836 11.67 -17.60 47.16
CA VAL A 836 12.51 -18.80 47.10
C VAL A 836 13.22 -18.94 48.44
N TYR A 837 12.82 -19.94 49.21
CA TYR A 837 13.58 -20.31 50.41
C TYR A 837 14.48 -21.49 50.07
N PRO A 838 15.76 -21.45 50.44
CA PRO A 838 16.71 -22.45 49.92
C PRO A 838 16.46 -23.86 50.47
N GLU A 839 15.22 -24.33 50.45
CA GLU A 839 14.89 -25.61 51.05
C GLU A 839 13.87 -26.38 50.22
N GLU A 840 12.70 -25.79 49.99
CA GLU A 840 11.60 -26.45 49.31
C GLU A 840 11.54 -25.94 47.88
N ALA A 841 11.62 -26.86 46.90
CA ALA A 841 11.97 -26.51 45.53
C ALA A 841 10.79 -26.02 44.69
N GLU A 842 9.56 -26.04 45.20
CA GLU A 842 8.45 -25.43 44.48
C GLU A 842 7.91 -24.28 45.33
N PRO A 843 7.99 -23.03 44.87
CA PRO A 843 7.61 -21.91 45.74
C PRO A 843 6.13 -21.91 46.08
N LYS A 844 5.84 -21.45 47.29
CA LYS A 844 4.47 -21.30 47.77
C LYS A 844 4.01 -19.85 47.85
N GLN A 845 4.94 -18.89 47.90
CA GLN A 845 4.61 -17.48 48.00
C GLN A 845 5.14 -16.74 46.79
N GLY A 846 4.40 -15.73 46.33
CA GLY A 846 4.80 -14.91 45.21
C GLY A 846 4.31 -13.48 45.30
N ARG A 847 4.47 -12.74 44.19
CA ARG A 847 4.03 -11.34 44.14
C ARG A 847 3.97 -10.90 42.69
N ILE A 848 2.91 -10.17 42.35
CA ILE A 848 2.82 -9.43 41.09
C ILE A 848 2.77 -7.95 41.46
N VAL A 849 3.75 -7.18 40.99
CA VAL A 849 3.88 -5.77 41.32
C VAL A 849 3.78 -4.96 40.04
N VAL A 850 3.11 -3.81 40.13
CA VAL A 850 2.90 -2.91 39.00
C VAL A 850 3.58 -1.60 39.33
N PHE A 851 4.58 -1.23 38.54
CA PHE A 851 5.32 0.02 38.72
C PHE A 851 5.00 0.97 37.57
N GLN A 852 5.39 2.23 37.76
CA GLN A 852 5.33 3.23 36.70
C GLN A 852 6.55 4.13 36.81
N TYR A 853 7.18 4.41 35.67
CA TYR A 853 8.30 5.34 35.61
C TYR A 853 7.74 6.69 35.20
N SER A 854 7.40 7.51 36.19
CA SER A 854 6.76 8.80 35.94
C SER A 854 7.75 9.78 35.35
N ASP A 855 8.70 10.25 36.16
CA ASP A 855 9.77 11.11 35.67
C ASP A 855 11.11 10.49 36.01
N GLY A 856 11.53 10.63 37.28
CA GLY A 856 12.78 10.06 37.74
C GLY A 856 12.56 9.03 38.83
N LYS A 857 11.32 8.94 39.32
CA LYS A 857 10.99 7.97 40.34
C LYS A 857 10.25 6.78 39.73
N LEU A 858 10.26 5.68 40.48
CA LEU A 858 9.69 4.40 40.05
C LEU A 858 8.55 4.08 41.00
N GLN A 859 7.40 4.72 40.76
CA GLN A 859 6.26 4.58 41.65
C GLN A 859 5.79 3.13 41.71
N THR A 860 5.38 2.72 42.91
CA THR A 860 4.70 1.43 43.08
C THR A 860 3.20 1.68 43.05
N VAL A 861 2.56 1.27 41.95
CA VAL A 861 1.14 1.50 41.76
C VAL A 861 0.34 0.51 42.60
N ALA A 862 0.34 -0.75 42.16
CA ALA A 862 -0.48 -1.79 42.76
C ALA A 862 0.41 -2.95 43.22
N GLU A 863 -0.23 -3.93 43.86
CA GLU A 863 0.49 -5.05 44.44
C GLU A 863 -0.49 -6.15 44.83
N LYS A 864 -0.65 -7.15 43.97
CA LYS A 864 -1.55 -8.27 44.23
C LYS A 864 -0.76 -9.38 44.90
N GLU A 865 -1.00 -9.59 46.19
CA GLU A 865 -0.37 -10.71 46.88
C GLU A 865 -0.74 -12.00 46.17
N VAL A 866 0.25 -12.87 45.99
CA VAL A 866 0.10 -14.09 45.23
C VAL A 866 0.88 -15.18 45.96
N LYS A 867 0.36 -16.40 45.92
CA LYS A 867 0.99 -17.53 46.60
C LYS A 867 1.27 -18.60 45.54
N GLY A 868 2.52 -18.65 45.11
CA GLY A 868 2.94 -19.44 43.97
C GLY A 868 4.03 -18.70 43.22
N ALA A 869 4.61 -19.32 42.19
CA ALA A 869 5.71 -18.73 41.43
C ALA A 869 5.17 -18.17 40.13
N VAL A 870 5.36 -16.87 39.92
CA VAL A 870 4.85 -16.20 38.71
C VAL A 870 5.92 -16.38 37.65
N TYR A 871 5.90 -17.55 37.00
CA TYR A 871 6.98 -17.90 36.09
C TYR A 871 7.00 -16.99 34.87
N SER A 872 5.87 -16.81 34.20
CA SER A 872 5.78 -15.91 33.07
C SER A 872 4.41 -15.23 33.06
N MET A 873 4.30 -14.20 32.24
CA MET A 873 3.06 -13.45 32.10
C MET A 873 3.21 -12.51 30.92
N VAL A 874 2.09 -12.19 30.28
CA VAL A 874 2.10 -11.41 29.04
C VAL A 874 0.81 -10.61 28.96
N GLU A 875 0.90 -9.43 28.36
CA GLU A 875 -0.29 -8.65 28.03
C GLU A 875 -1.14 -9.42 27.04
N PHE A 876 -2.45 -9.49 27.31
CA PHE A 876 -3.35 -10.30 26.53
C PHE A 876 -4.35 -9.56 25.65
N ASN A 877 -5.26 -8.77 26.22
CA ASN A 877 -6.19 -7.94 25.46
C ASN A 877 -6.59 -6.86 26.46
N GLY A 878 -5.60 -6.07 26.88
CA GLY A 878 -5.80 -5.17 27.99
C GLY A 878 -5.89 -5.85 29.33
N LYS A 879 -5.78 -7.17 29.37
CA LYS A 879 -5.80 -7.96 30.60
C LYS A 879 -4.41 -8.52 30.86
N LEU A 880 -4.14 -8.82 32.13
CA LEU A 880 -2.81 -9.29 32.54
C LEU A 880 -2.87 -10.80 32.69
N LEU A 881 -2.55 -11.50 31.62
CA LEU A 881 -2.41 -12.95 31.67
C LEU A 881 -1.16 -13.32 32.45
N ALA A 882 -1.31 -14.20 33.44
CA ALA A 882 -0.22 -14.57 34.32
C ALA A 882 -0.21 -16.07 34.57
N SER A 883 0.98 -16.60 34.80
CA SER A 883 1.18 -18.02 35.08
C SER A 883 1.76 -18.17 36.47
N ILE A 884 1.00 -18.79 37.37
CA ILE A 884 1.39 -18.93 38.76
C ILE A 884 1.52 -20.42 39.04
N ASN A 885 2.74 -20.92 39.12
CA ASN A 885 2.88 -22.32 39.49
C ASN A 885 2.09 -23.17 38.51
N SER A 886 1.01 -23.82 38.94
CA SER A 886 0.21 -24.64 38.05
C SER A 886 -1.06 -23.95 37.56
N THR A 887 -1.34 -22.72 37.97
CA THR A 887 -2.54 -22.02 37.53
C THR A 887 -2.20 -20.95 36.50
N VAL A 888 -3.05 -20.82 35.48
CA VAL A 888 -2.92 -19.76 34.49
C VAL A 888 -4.09 -18.80 34.65
N ARG A 889 -3.89 -17.77 35.46
CA ARG A 889 -4.97 -16.82 35.72
C ARG A 889 -5.06 -15.78 34.60
N LEU A 890 -6.23 -15.16 34.50
CA LEU A 890 -6.41 -13.97 33.67
C LEU A 890 -6.86 -12.84 34.58
N TYR A 891 -5.96 -11.90 34.84
CA TYR A 891 -6.26 -10.76 35.70
C TYR A 891 -6.94 -9.66 34.88
N GLU A 892 -7.33 -8.59 35.57
CA GLU A 892 -8.03 -7.48 34.95
C GLU A 892 -7.79 -6.21 35.76
N TRP A 893 -7.49 -5.12 35.06
CA TRP A 893 -7.06 -3.88 35.68
C TRP A 893 -8.28 -3.10 36.16
N THR A 894 -8.46 -3.05 37.47
CA THR A 894 -9.57 -2.35 38.08
C THR A 894 -9.35 -0.84 38.06
N THR A 895 -10.46 -0.10 38.00
CA THR A 895 -10.36 1.36 37.94
C THR A 895 -9.66 1.93 39.17
N GLU A 896 -9.80 1.27 40.31
CA GLU A 896 -9.02 1.57 41.51
C GLU A 896 -7.58 1.16 41.39
N LYS A 897 -7.13 0.68 40.22
CA LYS A 897 -5.75 0.27 40.02
C LYS A 897 -5.36 -0.85 41.00
N GLU A 898 -6.13 -1.94 40.94
CA GLU A 898 -5.93 -3.06 41.85
C GLU A 898 -5.71 -4.40 41.15
N LEU A 899 -6.03 -4.55 39.88
CA LEU A 899 -5.76 -5.79 39.16
C LEU A 899 -6.48 -6.96 39.85
N ARG A 900 -7.80 -6.97 39.73
CA ARG A 900 -8.59 -8.01 40.35
C ARG A 900 -8.72 -9.21 39.40
N THR A 901 -8.93 -10.38 39.99
CA THR A 901 -9.07 -11.60 39.22
C THR A 901 -10.30 -12.40 39.67
N HIS A 905 -10.32 -17.34 34.09
CA HIS A 905 -9.44 -17.07 35.23
C HIS A 905 -8.85 -18.35 35.79
N TYR A 906 -8.86 -19.43 35.02
CA TYR A 906 -8.35 -20.67 35.56
C TYR A 906 -8.02 -21.68 34.47
N ASN A 907 -6.97 -22.43 34.75
CA ASN A 907 -6.64 -23.73 34.18
C ASN A 907 -5.89 -24.45 35.31
N ASN A 908 -5.32 -25.61 35.03
CA ASN A 908 -4.47 -26.26 36.03
C ASN A 908 -3.28 -26.89 35.32
N ILE A 909 -2.15 -26.18 35.32
CA ILE A 909 -0.96 -26.61 34.61
C ILE A 909 0.24 -25.73 34.96
N MET A 910 1.40 -26.37 35.14
CA MET A 910 2.64 -25.64 35.43
C MET A 910 3.15 -24.90 34.19
N ALA A 911 2.77 -23.64 34.03
CA ALA A 911 3.21 -22.86 32.89
C ALA A 911 4.51 -22.16 33.23
N LEU A 912 5.58 -22.47 32.50
CA LEU A 912 6.80 -21.65 32.53
C LEU A 912 6.77 -20.58 31.45
N TYR A 913 6.34 -20.95 30.26
CA TYR A 913 6.38 -20.07 29.10
C TYR A 913 4.97 -19.84 28.60
N LEU A 914 4.76 -18.66 28.03
CA LEU A 914 3.42 -18.18 27.74
C LEU A 914 3.50 -17.18 26.61
N LYS A 915 2.75 -17.42 25.54
CA LYS A 915 2.68 -16.51 24.42
C LYS A 915 1.22 -16.29 24.05
N THR A 916 0.99 -15.29 23.21
CA THR A 916 -0.38 -14.90 22.84
C THR A 916 -0.34 -14.44 21.40
N LYS A 917 -0.87 -15.27 20.49
CA LYS A 917 -1.13 -14.81 19.14
C LYS A 917 -2.00 -13.57 19.17
N GLY A 918 -3.12 -13.71 19.87
CA GLY A 918 -4.24 -12.80 19.95
C GLY A 918 -5.55 -13.56 19.82
N ASP A 919 -6.59 -12.85 19.39
CA ASP A 919 -7.83 -13.54 19.06
C ASP A 919 -8.24 -14.51 20.16
N PHE A 920 -7.80 -14.27 21.40
CA PHE A 920 -8.22 -15.03 22.57
C PHE A 920 -7.59 -16.42 22.66
N ILE A 921 -6.54 -16.69 21.89
CA ILE A 921 -5.90 -18.00 21.83
C ILE A 921 -4.52 -17.89 22.46
N LEU A 922 -4.15 -18.93 23.21
CA LEU A 922 -2.99 -18.90 24.11
C LEU A 922 -2.06 -20.07 23.80
N VAL A 923 -0.85 -20.01 24.35
CA VAL A 923 0.10 -21.11 24.30
C VAL A 923 0.76 -21.23 25.66
N GLY A 924 0.61 -22.39 26.29
CA GLY A 924 1.29 -22.68 27.53
C GLY A 924 2.01 -24.01 27.41
N ASP A 925 3.13 -24.09 28.09
CA ASP A 925 3.96 -25.28 28.04
C ASP A 925 3.88 -26.01 29.38
N LEU A 926 4.64 -27.09 29.46
CA LEU A 926 5.31 -27.52 30.68
C LEU A 926 4.55 -27.97 31.92
N MET A 927 3.69 -28.96 31.80
CA MET A 927 3.76 -29.98 32.83
C MET A 927 4.81 -30.83 32.18
N ARG A 928 4.63 -30.97 30.86
CA ARG A 928 5.75 -31.21 29.96
C ARG A 928 5.35 -30.48 28.67
N SER A 929 4.39 -31.02 27.93
CA SER A 929 4.16 -30.69 26.54
C SER A 929 3.45 -29.33 26.42
N VAL A 930 3.02 -29.01 25.20
CA VAL A 930 2.39 -27.73 24.89
C VAL A 930 0.88 -27.87 25.01
N LEU A 931 0.22 -26.74 25.23
CA LEU A 931 -1.24 -26.69 25.29
C LEU A 931 -1.75 -25.55 24.41
N LEU A 932 -3.05 -25.59 24.14
CA LEU A 932 -3.73 -24.51 23.40
C LEU A 932 -5.00 -24.15 24.15
N LEU A 933 -5.04 -22.91 24.65
CA LEU A 933 -6.17 -22.40 25.41
C LEU A 933 -6.81 -21.23 24.69
N ALA A 934 -8.13 -21.13 24.83
CA ALA A 934 -8.89 -20.03 24.25
C ALA A 934 -9.74 -19.35 25.31
N TYR A 935 -9.77 -18.02 25.26
CA TYR A 935 -10.63 -17.21 26.10
C TYR A 935 -11.91 -16.85 25.33
N LYS A 936 -13.01 -16.78 26.06
CA LYS A 936 -14.29 -16.50 25.42
C LYS A 936 -14.91 -15.40 26.27
N PRO A 937 -15.46 -14.32 25.66
CA PRO A 937 -16.32 -13.40 26.40
C PRO A 937 -17.66 -14.01 26.80
N MET A 938 -17.59 -15.01 27.66
CA MET A 938 -18.69 -15.93 27.92
C MET A 938 -18.82 -16.18 29.42
N GLU A 939 -17.70 -16.56 30.04
CA GLU A 939 -17.66 -16.83 31.46
C GLU A 939 -16.41 -16.28 32.12
N GLY A 940 -15.48 -15.69 31.37
CA GLY A 940 -14.16 -15.39 31.88
C GLY A 940 -13.24 -16.59 31.95
N ASN A 941 -13.74 -17.79 31.66
CA ASN A 941 -12.97 -19.02 31.75
C ASN A 941 -12.49 -19.43 30.36
N PHE A 942 -11.37 -20.17 30.35
CA PHE A 942 -10.82 -20.69 29.11
C PHE A 942 -11.41 -22.06 28.81
N GLU A 943 -11.28 -22.47 27.55
CA GLU A 943 -11.52 -23.84 27.12
C GLU A 943 -10.24 -24.43 26.55
N GLU A 944 -9.93 -25.65 26.96
CA GLU A 944 -8.75 -26.34 26.45
C GLU A 944 -9.07 -26.85 25.05
N ILE A 945 -8.58 -26.16 24.02
CA ILE A 945 -8.90 -26.51 22.64
C ILE A 945 -8.27 -27.86 22.30
N ALA A 946 -6.94 -27.89 22.24
CA ALA A 946 -6.24 -29.08 21.78
C ALA A 946 -4.80 -29.00 22.27
N ARG A 947 -4.38 -29.99 23.06
CA ARG A 947 -3.04 -30.00 23.63
C ARG A 947 -2.16 -31.02 22.90
N ASP A 948 -0.95 -31.20 23.41
CA ASP A 948 0.00 -32.18 22.89
C ASP A 948 0.37 -33.14 24.01
N PHE A 949 0.43 -34.43 23.69
CA PHE A 949 0.54 -35.47 24.70
C PHE A 949 1.90 -36.13 24.77
N ASN A 950 2.60 -36.31 23.65
CA ASN A 950 3.94 -36.88 23.72
C ASN A 950 4.85 -35.88 24.41
N PRO A 951 5.54 -36.25 25.50
CA PRO A 951 6.12 -35.24 26.39
C PRO A 951 7.35 -34.57 25.80
N ASN A 952 7.68 -33.41 26.38
CA ASN A 952 8.85 -32.65 26.00
C ASN A 952 9.23 -31.76 27.18
N TRP A 953 10.51 -31.79 27.57
CA TRP A 953 10.99 -30.96 28.68
C TRP A 953 11.40 -29.62 28.08
N MET A 954 10.43 -28.71 27.96
CA MET A 954 10.58 -27.62 27.02
C MET A 954 11.20 -26.38 27.66
N SER A 955 11.67 -25.47 26.79
CA SER A 955 12.38 -24.28 27.21
C SER A 955 11.97 -23.01 26.46
N ALA A 956 11.07 -23.11 25.48
CA ALA A 956 10.70 -21.92 24.70
C ALA A 956 9.45 -22.22 23.91
N VAL A 957 8.76 -21.15 23.49
CA VAL A 957 7.45 -21.25 22.87
C VAL A 957 7.25 -20.01 22.00
N GLU A 958 6.56 -20.20 20.88
CA GLU A 958 6.17 -19.07 20.03
C GLU A 958 5.07 -19.51 19.08
N ILE A 959 4.36 -18.53 18.53
CA ILE A 959 3.26 -18.77 17.59
C ILE A 959 3.66 -18.22 16.23
N LEU A 960 3.45 -19.03 15.19
CA LEU A 960 3.60 -18.57 13.82
C LEU A 960 2.28 -18.04 13.27
N ASP A 961 1.20 -18.80 13.47
CA ASP A 961 -0.15 -18.33 13.16
C ASP A 961 -1.12 -19.15 14.01
N ASP A 962 -2.40 -19.16 13.63
CA ASP A 962 -3.42 -19.79 14.46
C ASP A 962 -3.28 -21.31 14.53
N ASP A 963 -2.55 -21.92 13.59
CA ASP A 963 -2.41 -23.38 13.56
C ASP A 963 -0.95 -23.81 13.47
N ASN A 964 -0.03 -22.97 13.94
CA ASN A 964 1.39 -23.30 13.90
C ASN A 964 2.03 -22.77 15.18
N PHE A 965 2.61 -23.69 15.96
CA PHE A 965 3.15 -23.36 17.28
C PHE A 965 4.56 -23.92 17.36
N LEU A 966 5.52 -23.04 17.61
CA LEU A 966 6.93 -23.40 17.60
C LEU A 966 7.35 -23.81 19.00
N GLY A 967 7.98 -24.98 19.10
CA GLY A 967 8.49 -25.46 20.36
C GLY A 967 9.98 -25.72 20.34
N ALA A 968 10.58 -25.75 21.53
CA ALA A 968 11.98 -26.09 21.71
C ALA A 968 12.10 -26.68 23.09
N GLU A 969 12.86 -27.76 23.23
CA GLU A 969 12.93 -28.43 24.51
C GLU A 969 14.38 -28.64 24.91
N ASN A 970 14.55 -29.11 26.15
CA ASN A 970 15.85 -29.27 26.79
C ASN A 970 16.81 -30.14 25.98
N ALA A 971 16.36 -30.67 24.84
CA ALA A 971 17.12 -31.65 24.08
C ALA A 971 17.74 -31.05 22.82
N PHE A 972 17.66 -29.73 22.64
CA PHE A 972 18.30 -29.04 21.52
C PHE A 972 17.57 -29.28 20.20
N ASN A 973 16.30 -29.66 20.25
CA ASN A 973 15.49 -29.87 19.06
C ASN A 973 14.43 -28.80 18.95
N LEU A 974 13.95 -28.60 17.74
CA LEU A 974 12.76 -27.79 17.46
C LEU A 974 11.62 -28.70 17.03
N PHE A 975 10.41 -28.17 17.12
CA PHE A 975 9.25 -28.90 16.59
C PHE A 975 8.06 -27.96 16.54
N VAL A 976 7.19 -28.20 15.56
CA VAL A 976 6.00 -27.40 15.34
C VAL A 976 4.78 -28.27 15.60
N CYS A 977 3.80 -27.71 16.29
CA CYS A 977 2.51 -28.36 16.50
C CYS A 977 1.45 -27.71 15.62
N GLN A 978 0.36 -28.44 15.42
CA GLN A 978 -0.67 -28.00 14.49
C GLN A 978 -1.95 -28.78 14.77
N LYS A 979 -3.07 -28.09 14.76
CA LYS A 979 -4.35 -28.72 15.08
C LYS A 979 -4.68 -29.79 14.04
N ASP A 980 -5.08 -30.96 14.51
CA ASP A 980 -5.32 -32.10 13.64
C ASP A 980 -6.65 -31.96 12.92
N SER A 981 -6.69 -32.39 11.66
CA SER A 981 -7.87 -32.25 10.80
C SER A 981 -8.51 -33.61 10.50
N ALA A 982 -8.44 -34.55 11.44
CA ALA A 982 -8.85 -35.92 11.18
C ALA A 982 -10.38 -36.04 11.22
N ALA A 983 -10.86 -37.27 11.24
CA ALA A 983 -12.26 -37.57 10.92
C ALA A 983 -13.24 -36.97 11.91
N THR A 984 -13.25 -37.46 13.14
CA THR A 984 -14.18 -36.96 14.16
C THR A 984 -13.53 -35.80 14.91
N THR A 985 -14.14 -34.62 14.81
CA THR A 985 -13.72 -33.50 15.63
C THR A 985 -14.10 -33.66 17.09
N ASP A 986 -14.70 -34.79 17.47
CA ASP A 986 -15.06 -35.02 18.85
C ASP A 986 -13.83 -35.11 19.74
N GLU A 987 -12.78 -35.77 19.27
CA GLU A 987 -11.56 -35.93 20.05
C GLU A 987 -10.35 -35.70 19.15
N GLU A 988 -10.38 -36.30 17.95
CA GLU A 988 -9.22 -36.21 17.06
C GLU A 988 -8.84 -34.76 16.78
N ARG A 989 -9.80 -33.84 16.89
CA ARG A 989 -9.49 -32.41 16.86
C ARG A 989 -8.96 -31.93 18.21
N GLN A 990 -9.38 -32.58 19.30
CA GLN A 990 -8.91 -32.21 20.64
C GLN A 990 -7.42 -32.50 20.84
N HIS A 991 -6.76 -33.12 19.86
CA HIS A 991 -5.31 -33.28 19.85
C HIS A 991 -4.72 -32.39 18.76
N LEU A 992 -3.40 -32.21 18.85
CA LEU A 992 -2.64 -31.59 17.77
C LEU A 992 -1.32 -32.34 17.62
N GLN A 993 -0.95 -32.62 16.37
CA GLN A 993 0.21 -33.44 16.06
C GLN A 993 1.41 -32.56 15.75
N GLU A 994 2.53 -33.22 15.43
CA GLU A 994 3.82 -32.55 15.25
C GLU A 994 4.23 -32.68 13.79
N VAL A 995 3.70 -31.79 12.96
CA VAL A 995 4.06 -31.75 11.54
C VAL A 995 5.50 -31.30 11.31
N GLY A 996 6.22 -30.93 12.36
CA GLY A 996 7.60 -30.50 12.21
C GLY A 996 8.50 -30.98 13.33
N LEU A 997 9.63 -31.59 12.96
CA LEU A 997 10.66 -31.97 13.92
C LEU A 997 12.01 -31.58 13.33
N PHE A 998 12.93 -31.15 14.20
CA PHE A 998 14.20 -30.61 13.73
C PHE A 998 15.16 -30.53 14.90
N HIS A 999 16.41 -30.92 14.67
CA HIS A 999 17.46 -30.88 15.68
C HIS A 999 18.35 -29.67 15.39
N LEU A 1000 18.40 -28.74 16.33
CA LEU A 1000 19.21 -27.54 16.15
C LEU A 1000 20.60 -27.68 16.74
N GLY A 1001 20.73 -28.41 17.85
CA GLY A 1001 21.98 -28.47 18.58
C GLY A 1001 22.20 -27.31 19.51
N GLU A 1002 21.33 -26.31 19.50
CA GLU A 1002 21.43 -25.14 20.36
C GLU A 1002 20.32 -25.19 21.40
N PHE A 1003 20.56 -24.53 22.52
CA PHE A 1003 19.63 -24.48 23.65
C PHE A 1003 18.89 -23.16 23.58
N VAL A 1004 17.69 -23.18 22.97
CA VAL A 1004 16.91 -21.96 22.84
C VAL A 1004 16.37 -21.55 24.20
N ASN A 1005 16.48 -20.27 24.53
CA ASN A 1005 15.92 -19.71 25.74
C ASN A 1005 14.73 -18.80 25.50
N VAL A 1006 14.70 -18.09 24.37
CA VAL A 1006 13.68 -17.08 24.13
C VAL A 1006 13.35 -17.03 22.65
N PHE A 1007 12.07 -16.98 22.34
CA PHE A 1007 11.57 -16.67 21.01
C PHE A 1007 10.97 -15.26 21.00
N CYS A 1008 11.08 -14.59 19.87
CA CYS A 1008 10.43 -13.30 19.69
C CYS A 1008 10.35 -12.99 18.21
N HIS A 1009 9.48 -12.05 17.86
CA HIS A 1009 9.24 -11.69 16.48
C HIS A 1009 10.11 -10.50 16.08
N GLY A 1010 10.37 -10.40 14.78
CA GLY A 1010 11.12 -9.30 14.22
C GLY A 1010 12.18 -9.78 13.25
N SER A 1011 12.81 -8.81 12.60
CA SER A 1011 13.85 -9.07 11.61
C SER A 1011 14.94 -8.03 11.75
N LEU A 1012 16.19 -8.47 11.52
CA LEU A 1012 17.32 -7.55 11.57
C LEU A 1012 17.45 -6.75 10.29
N VAL A 1013 17.13 -7.34 9.14
CA VAL A 1013 17.12 -6.60 7.89
C VAL A 1013 15.86 -5.73 7.82
N MET A 1014 15.94 -4.68 7.00
CA MET A 1014 14.83 -3.74 6.89
C MET A 1014 13.75 -4.66 6.32
N GLN A 1015 12.85 -5.12 7.20
CA GLN A 1015 11.76 -6.01 6.82
C GLN A 1015 11.27 -6.77 8.05
N PRO A 1023 8.34 -12.29 -0.35
CA PRO A 1023 7.94 -13.51 -1.06
C PRO A 1023 7.77 -14.70 -0.11
N THR A 1024 8.55 -14.72 0.97
CA THR A 1024 8.41 -15.71 2.03
C THR A 1024 7.83 -15.02 3.26
N GLN A 1025 6.90 -15.71 3.93
CA GLN A 1025 6.09 -15.10 4.97
C GLN A 1025 6.66 -15.42 6.35
N GLY A 1026 6.69 -14.41 7.22
CA GLY A 1026 6.94 -14.58 8.62
C GLY A 1026 8.36 -14.19 9.02
N SER A 1027 8.54 -14.06 10.34
CA SER A 1027 9.85 -13.78 10.92
C SER A 1027 9.82 -13.97 12.44
N VAL A 1028 10.59 -14.93 12.93
CA VAL A 1028 10.69 -15.18 14.37
C VAL A 1028 12.17 -15.41 14.70
N LEU A 1029 12.70 -14.64 15.63
CA LEU A 1029 14.08 -14.76 16.06
C LEU A 1029 14.17 -15.50 17.39
N PHE A 1030 15.28 -16.18 17.59
CA PHE A 1030 15.54 -16.89 18.84
C PHE A 1030 17.00 -16.78 19.21
N GLY A 1031 17.26 -16.69 20.52
CA GLY A 1031 18.61 -16.69 21.05
C GLY A 1031 18.90 -17.97 21.81
N THR A 1032 20.17 -18.32 21.94
CA THR A 1032 20.56 -19.59 22.52
C THR A 1032 21.68 -19.39 23.53
N VAL A 1033 22.00 -20.46 24.25
CA VAL A 1033 23.00 -20.39 25.31
C VAL A 1033 24.38 -20.12 24.72
N ASN A 1034 24.70 -20.74 23.59
CA ASN A 1034 26.01 -20.58 22.97
C ASN A 1034 26.16 -19.25 22.25
N GLY A 1035 25.24 -18.32 22.43
CA GLY A 1035 25.32 -17.05 21.75
C GLY A 1035 24.89 -17.08 20.31
N MET A 1036 24.20 -18.13 19.88
CA MET A 1036 23.73 -18.25 18.51
C MET A 1036 22.37 -17.60 18.37
N ILE A 1037 22.16 -16.93 17.23
CA ILE A 1037 20.91 -16.24 16.93
C ILE A 1037 20.39 -16.80 15.62
N GLY A 1038 19.11 -17.15 15.58
CA GLY A 1038 18.53 -17.77 14.41
C GLY A 1038 17.15 -17.21 14.11
N LEU A 1039 16.75 -17.39 12.86
CA LEU A 1039 15.48 -16.87 12.35
C LEU A 1039 14.63 -18.01 11.84
N VAL A 1040 13.32 -17.90 12.02
CA VAL A 1040 12.36 -18.90 11.53
C VAL A 1040 11.39 -18.20 10.59
N THR A 1041 11.18 -18.80 9.42
CA THR A 1041 10.28 -18.28 8.40
C THR A 1041 9.33 -19.40 7.99
N SER A 1042 8.42 -19.10 7.06
CA SER A 1042 7.47 -20.08 6.57
C SER A 1042 7.48 -20.10 5.04
N LEU A 1043 7.22 -21.27 4.48
CA LEU A 1043 7.33 -21.51 3.05
C LEU A 1043 6.04 -22.12 2.53
N SER A 1044 5.62 -21.68 1.34
CA SER A 1044 4.50 -22.32 0.68
C SER A 1044 4.88 -23.73 0.24
N GLU A 1045 3.88 -24.52 -0.13
CA GLU A 1045 4.15 -25.90 -0.50
C GLU A 1045 4.94 -26.02 -1.80
N SER A 1046 5.17 -24.92 -2.51
CA SER A 1046 6.02 -24.92 -3.70
C SER A 1046 7.45 -24.52 -3.38
N TRP A 1047 7.68 -23.82 -2.28
CA TRP A 1047 9.04 -23.53 -1.84
C TRP A 1047 9.61 -24.68 -1.02
N TYR A 1048 8.79 -25.25 -0.13
CA TYR A 1048 9.26 -26.32 0.74
C TYR A 1048 9.71 -27.53 -0.09
N ASN A 1049 8.94 -27.91 -1.09
CA ASN A 1049 9.30 -29.06 -1.90
C ASN A 1049 10.44 -28.77 -2.85
N LEU A 1050 10.68 -27.50 -3.19
CA LEU A 1050 11.85 -27.15 -3.99
C LEU A 1050 13.12 -27.32 -3.16
N LEU A 1051 13.14 -26.75 -1.96
CA LEU A 1051 14.33 -26.79 -1.12
C LEU A 1051 14.50 -28.14 -0.44
N LEU A 1052 13.41 -28.86 -0.18
CA LEU A 1052 13.52 -30.20 0.41
C LEU A 1052 14.28 -31.13 -0.52
N ASP A 1053 13.90 -31.17 -1.79
CA ASP A 1053 14.65 -31.96 -2.75
C ASP A 1053 16.02 -31.35 -3.01
N MET A 1054 16.17 -30.05 -2.81
CA MET A 1054 17.49 -29.43 -2.84
C MET A 1054 18.33 -29.82 -1.64
N GLN A 1055 17.70 -30.31 -0.57
CA GLN A 1055 18.45 -30.87 0.55
C GLN A 1055 18.87 -32.31 0.25
N ASN A 1056 17.90 -33.16 -0.06
CA ASN A 1056 18.17 -34.57 -0.27
C ASN A 1056 18.99 -34.84 -1.53
N ARG A 1057 19.44 -33.81 -2.24
CA ARG A 1057 20.40 -33.95 -3.31
C ARG A 1057 21.73 -33.29 -2.98
N LEU A 1058 21.82 -32.51 -1.91
CA LEU A 1058 23.07 -31.88 -1.51
C LEU A 1058 23.86 -32.70 -0.51
N ASN A 1059 23.22 -33.62 0.21
CA ASN A 1059 23.96 -34.54 1.05
C ASN A 1059 24.89 -35.41 0.22
N LYS A 1060 24.48 -35.74 -1.01
CA LYS A 1060 25.27 -36.62 -1.86
C LYS A 1060 26.49 -35.92 -2.43
N VAL A 1061 26.42 -34.60 -2.59
CA VAL A 1061 27.44 -33.85 -3.31
C VAL A 1061 28.16 -32.86 -2.40
N ILE A 1062 28.02 -33.03 -1.08
CA ILE A 1062 28.77 -32.24 -0.12
C ILE A 1062 29.44 -33.20 0.85
N LYS A 1063 30.67 -32.85 1.23
CA LYS A 1063 31.57 -33.73 1.98
C LYS A 1063 31.52 -33.36 3.45
N SER A 1064 31.23 -34.34 4.30
CA SER A 1064 31.13 -34.12 5.73
C SER A 1064 32.49 -34.35 6.39
N VAL A 1065 32.85 -33.45 7.31
CA VAL A 1065 34.18 -33.49 7.90
C VAL A 1065 34.41 -34.81 8.63
N GLY A 1066 33.45 -35.22 9.44
CA GLY A 1066 33.50 -36.49 10.13
C GLY A 1066 32.82 -37.62 9.40
N LYS A 1067 32.47 -37.43 8.13
CA LYS A 1067 31.61 -38.37 7.41
C LYS A 1067 30.32 -38.61 8.18
N ILE A 1068 29.78 -37.53 8.73
CA ILE A 1068 28.51 -37.57 9.46
C ILE A 1068 27.43 -37.18 8.48
N GLU A 1069 26.53 -38.12 8.18
CA GLU A 1069 25.47 -37.84 7.22
C GLU A 1069 24.54 -36.79 7.78
N HIS A 1070 24.33 -35.72 7.01
CA HIS A 1070 23.43 -34.64 7.43
C HIS A 1070 22.07 -35.19 7.88
N SER A 1071 21.63 -36.29 7.26
CA SER A 1071 20.41 -36.96 7.70
C SER A 1071 20.43 -37.20 9.21
N PHE A 1072 21.54 -37.74 9.72
CA PHE A 1072 21.62 -38.10 11.13
C PHE A 1072 21.67 -36.86 12.02
N TRP A 1073 22.34 -35.80 11.56
CA TRP A 1073 22.54 -34.62 12.40
C TRP A 1073 21.21 -33.92 12.69
N ARG A 1074 20.34 -33.82 11.69
CA ARG A 1074 19.07 -33.12 11.86
C ARG A 1074 17.98 -33.99 12.46
N SER A 1075 18.20 -35.29 12.61
CA SER A 1075 17.16 -36.17 13.14
C SER A 1075 16.80 -35.77 14.57
N PHE A 1076 15.50 -35.71 14.83
CA PHE A 1076 14.98 -35.42 16.17
C PHE A 1076 15.49 -36.45 17.15
N HIS A 1077 16.44 -36.07 18.01
CA HIS A 1077 17.11 -37.01 18.90
C HIS A 1077 16.74 -36.72 20.35
N THR A 1078 16.34 -37.78 21.06
CA THR A 1078 16.18 -37.74 22.51
C THR A 1078 16.66 -39.09 23.06
N GLU A 1079 16.37 -39.34 24.33
CA GLU A 1079 16.58 -40.66 24.89
C GLU A 1079 15.47 -41.64 24.54
N ARG A 1080 14.51 -41.22 23.72
CA ARG A 1080 13.32 -42.01 23.45
C ARG A 1080 12.87 -42.16 22.01
N LYS A 1081 12.44 -41.06 21.39
CA LYS A 1081 12.01 -41.06 20.00
C LYS A 1081 13.08 -40.39 19.14
N THR A 1082 13.63 -41.16 18.21
CA THR A 1082 14.63 -40.64 17.28
C THR A 1082 13.99 -40.68 15.89
N GLU A 1083 13.38 -39.56 15.51
CA GLU A 1083 12.60 -39.44 14.30
C GLU A 1083 13.39 -38.74 13.20
N PRO A 1084 12.95 -38.82 11.95
CA PRO A 1084 13.51 -37.96 10.92
C PRO A 1084 12.90 -36.56 10.96
N ALA A 1085 13.61 -35.62 10.36
CA ALA A 1085 13.13 -34.25 10.31
C ALA A 1085 11.98 -34.12 9.32
N THR A 1086 11.13 -33.12 9.56
CA THR A 1086 10.01 -32.84 8.67
C THR A 1086 9.64 -31.37 8.79
N GLY A 1087 9.17 -30.80 7.69
CA GLY A 1087 8.69 -29.43 7.69
C GLY A 1087 9.71 -28.40 8.08
N PHE A 1088 11.00 -28.71 7.94
CA PHE A 1088 12.06 -27.79 8.29
C PHE A 1088 13.11 -27.76 7.21
N ILE A 1089 13.71 -26.59 7.01
CA ILE A 1089 14.75 -26.38 6.01
C ILE A 1089 15.77 -25.42 6.60
N ASP A 1090 17.05 -25.79 6.54
CA ASP A 1090 18.12 -24.95 7.07
C ASP A 1090 18.94 -24.39 5.91
N GLY A 1091 18.91 -23.06 5.76
CA GLY A 1091 19.75 -22.41 4.77
C GLY A 1091 21.23 -22.50 5.08
N ASP A 1092 21.59 -22.81 6.32
CA ASP A 1092 22.98 -23.09 6.64
C ASP A 1092 23.51 -24.28 5.85
N LEU A 1093 22.61 -25.12 5.34
CA LEU A 1093 22.96 -26.22 4.44
C LEU A 1093 22.57 -25.93 3.00
N ILE A 1094 21.86 -24.83 2.73
CA ILE A 1094 21.35 -24.53 1.40
C ILE A 1094 21.97 -23.24 0.87
N GLU A 1095 22.32 -22.31 1.76
CA GLU A 1095 23.07 -21.15 1.33
C GLU A 1095 24.51 -21.53 0.98
N SER A 1096 25.05 -22.52 1.67
CA SER A 1096 26.36 -23.06 1.33
C SER A 1096 26.42 -23.50 -0.13
N PHE A 1097 25.27 -23.84 -0.72
CA PHE A 1097 25.22 -24.22 -2.13
C PHE A 1097 25.84 -23.18 -3.06
N LEU A 1098 26.09 -21.96 -2.57
CA LEU A 1098 26.79 -20.93 -3.33
C LEU A 1098 28.30 -20.99 -3.13
N ASP A 1099 28.83 -22.11 -2.63
CA ASP A 1099 30.26 -22.22 -2.34
C ASP A 1099 30.86 -23.48 -2.96
N ILE A 1100 30.28 -23.97 -4.05
CA ILE A 1100 30.73 -25.20 -4.70
C ILE A 1100 31.15 -24.86 -6.13
N SER A 1101 31.74 -25.85 -6.78
CA SER A 1101 32.05 -25.76 -8.20
C SER A 1101 30.81 -26.03 -9.04
N ARG A 1102 30.89 -25.72 -10.33
CA ARG A 1102 29.72 -25.80 -11.19
C ARG A 1102 29.42 -27.25 -11.59
N PRO A 1103 30.41 -28.10 -11.84
CA PRO A 1103 30.09 -29.52 -12.05
C PRO A 1103 29.30 -30.12 -10.90
N LYS A 1104 29.79 -29.97 -9.66
CA LYS A 1104 29.00 -30.40 -8.51
C LYS A 1104 27.70 -29.62 -8.42
N MET A 1105 27.78 -28.30 -8.51
CA MET A 1105 26.60 -27.46 -8.36
C MET A 1105 25.52 -27.80 -9.36
N GLN A 1106 25.88 -28.39 -10.51
CA GLN A 1106 24.92 -28.82 -11.51
C GLN A 1106 24.60 -30.29 -11.44
N GLU A 1107 25.15 -31.02 -10.46
CA GLU A 1107 24.68 -32.38 -10.21
C GLU A 1107 23.41 -32.38 -9.39
N VAL A 1108 23.23 -31.37 -8.53
CA VAL A 1108 22.00 -31.25 -7.75
C VAL A 1108 20.88 -30.68 -8.61
N VAL A 1109 21.19 -29.73 -9.48
CA VAL A 1109 20.21 -29.06 -10.33
C VAL A 1109 20.38 -29.63 -11.74
N ALA A 1110 19.55 -30.62 -12.07
CA ALA A 1110 19.59 -31.23 -13.40
C ALA A 1110 18.17 -31.52 -13.86
N ASN A 1111 17.50 -32.45 -13.19
CA ASN A 1111 16.10 -32.74 -13.46
C ASN A 1111 15.21 -31.91 -12.54
N LEU A 1112 13.90 -31.98 -12.79
CA LEU A 1112 12.93 -31.18 -12.05
C LEU A 1112 13.10 -29.69 -12.34
N ALA A 1124 15.72 -25.40 -14.89
CA ALA A 1124 16.46 -25.50 -13.65
C ALA A 1124 17.96 -25.64 -13.93
N THR A 1125 18.68 -24.55 -13.74
CA THR A 1125 20.11 -24.50 -14.00
C THR A 1125 20.79 -23.76 -12.84
N ALA A 1126 22.08 -23.41 -12.99
CA ALA A 1126 22.81 -22.78 -11.90
C ALA A 1126 22.41 -21.31 -11.73
N ASP A 1127 22.34 -20.56 -12.83
CA ASP A 1127 21.94 -19.16 -12.74
C ASP A 1127 20.51 -18.97 -12.27
N ASP A 1128 19.74 -20.05 -12.11
CA ASP A 1128 18.38 -19.99 -11.59
C ASP A 1128 18.29 -20.49 -10.15
N LEU A 1129 19.43 -20.70 -9.49
CA LEU A 1129 19.46 -20.97 -8.07
C LEU A 1129 20.47 -20.05 -7.39
N ILE A 1130 21.55 -19.74 -8.11
CA ILE A 1130 22.61 -18.92 -7.55
C ILE A 1130 22.09 -17.55 -7.16
N LYS A 1131 21.16 -17.01 -7.95
CA LYS A 1131 20.60 -15.69 -7.67
C LYS A 1131 19.21 -15.76 -7.05
N VAL A 1132 18.64 -16.95 -6.92
CA VAL A 1132 17.44 -17.12 -6.09
C VAL A 1132 17.82 -17.16 -4.62
N VAL A 1133 18.84 -17.97 -4.28
CA VAL A 1133 19.33 -18.02 -2.91
C VAL A 1133 19.85 -16.66 -2.48
N GLU A 1134 20.37 -15.87 -3.42
CA GLU A 1134 20.86 -14.54 -3.08
C GLU A 1134 19.74 -13.66 -2.52
N GLU A 1135 18.48 -14.01 -2.77
CA GLU A 1135 17.38 -13.38 -2.05
C GLU A 1135 17.23 -13.96 -0.65
N LEU A 1136 17.58 -15.23 -0.46
CA LEU A 1136 17.36 -15.92 0.80
C LEU A 1136 18.47 -15.67 1.82
N THR A 1137 19.54 -14.98 1.44
CA THR A 1137 20.53 -14.53 2.40
C THR A 1137 20.21 -13.15 2.96
N ARG A 1138 19.36 -12.38 2.28
CA ARG A 1138 18.95 -11.05 2.74
C ARG A 1138 17.70 -11.11 3.61
N ILE A 1139 17.54 -12.16 4.41
CA ILE A 1139 16.44 -12.25 5.37
C ILE A 1139 16.92 -12.02 6.79
N HIS A 1140 18.22 -11.88 7.01
CA HIS A 1140 18.78 -11.78 8.36
C HIS A 1140 20.05 -10.94 8.36
N MET B 1 -4.98 32.62 -29.52
CA MET B 1 -4.73 31.49 -30.46
C MET B 1 -5.45 30.23 -30.01
N SER B 2 -6.56 30.39 -29.30
CA SER B 2 -7.35 29.27 -28.81
C SER B 2 -8.82 29.55 -29.10
N TYR B 3 -9.44 28.71 -29.90
CA TYR B 3 -10.84 28.87 -30.31
C TYR B 3 -11.58 27.60 -29.93
N ASN B 4 -12.35 27.66 -28.85
CA ASN B 4 -12.98 26.48 -28.25
C ASN B 4 -14.49 26.54 -28.43
N TYR B 5 -15.18 25.57 -27.82
CA TYR B 5 -16.60 25.35 -28.06
C TYR B 5 -17.16 24.34 -27.07
N VAL B 6 -18.17 24.72 -26.30
CA VAL B 6 -18.72 23.88 -25.24
C VAL B 6 -20.20 23.66 -25.50
N VAL B 7 -20.63 22.41 -25.43
CA VAL B 7 -22.04 22.06 -25.58
C VAL B 7 -22.49 21.29 -24.35
N THR B 8 -23.78 21.37 -24.06
CA THR B 8 -24.39 20.53 -23.04
C THR B 8 -24.65 19.16 -23.64
N ALA B 9 -24.03 18.12 -23.07
CA ALA B 9 -24.30 16.75 -23.45
C ALA B 9 -25.39 16.11 -22.58
N GLN B 10 -25.76 16.78 -21.49
CA GLN B 10 -26.80 16.31 -20.58
C GLN B 10 -27.24 17.44 -19.67
N LYS B 11 -28.53 17.75 -19.66
CA LYS B 11 -28.99 18.82 -18.79
C LYS B 11 -28.65 18.49 -17.34
N PRO B 12 -28.50 19.50 -16.48
CA PRO B 12 -28.32 19.22 -15.05
C PRO B 12 -29.51 18.46 -14.49
N THR B 13 -29.22 17.36 -13.79
CA THR B 13 -30.27 16.49 -13.27
C THR B 13 -30.52 16.68 -11.78
N ALA B 14 -29.60 17.28 -11.04
CA ALA B 14 -29.80 17.53 -9.62
C ALA B 14 -30.96 18.50 -9.41
N VAL B 15 -31.67 18.33 -8.30
CA VAL B 15 -32.78 19.19 -7.93
C VAL B 15 -32.35 20.04 -6.76
N ASN B 16 -32.34 21.36 -6.95
CA ASN B 16 -31.90 22.29 -5.92
C ASN B 16 -33.05 22.98 -5.21
N GLY B 17 -34.17 23.20 -5.88
CA GLY B 17 -35.31 23.83 -5.25
C GLY B 17 -36.58 23.49 -5.99
N CYS B 18 -37.68 23.39 -5.26
CA CYS B 18 -38.98 23.07 -5.85
C CYS B 18 -40.09 23.66 -5.00
N VAL B 19 -41.07 24.27 -5.67
CA VAL B 19 -42.16 24.96 -4.99
C VAL B 19 -43.47 24.56 -5.66
N THR B 20 -44.57 24.73 -4.91
CA THR B 20 -45.91 24.40 -5.38
C THR B 20 -46.75 25.67 -5.41
N GLY B 21 -47.72 25.69 -6.32
CA GLY B 21 -48.64 26.81 -6.39
C GLY B 21 -49.50 26.71 -7.63
N HIS B 22 -50.20 27.82 -7.89
CA HIS B 22 -51.15 27.92 -9.00
C HIS B 22 -50.56 28.87 -10.04
N PHE B 23 -49.86 28.29 -11.01
CA PHE B 23 -49.07 29.06 -11.97
C PHE B 23 -49.64 29.01 -13.38
N THR B 24 -50.10 27.85 -13.85
CA THR B 24 -50.73 27.77 -15.16
C THR B 24 -52.02 28.57 -15.18
N SER B 25 -53.00 28.16 -14.38
CA SER B 25 -54.25 28.91 -14.23
C SER B 25 -54.47 29.12 -12.74
N ALA B 26 -55.69 29.49 -12.37
CA ALA B 26 -56.11 29.52 -10.97
C ALA B 26 -56.65 28.15 -10.59
N GLU B 27 -56.37 27.75 -9.35
CA GLU B 27 -56.57 26.38 -8.91
C GLU B 27 -56.06 25.39 -9.97
N ASP B 28 -54.76 25.54 -10.26
CA ASP B 28 -54.04 24.62 -11.13
C ASP B 28 -52.80 24.18 -10.35
N LEU B 29 -52.79 22.94 -9.90
CA LEU B 29 -51.74 22.48 -8.99
C LEU B 29 -50.46 22.29 -9.79
N ASN B 30 -49.56 23.28 -9.68
CA ASN B 30 -48.30 23.26 -10.40
C ASN B 30 -47.18 22.82 -9.50
N LEU B 31 -46.25 22.04 -10.04
CA LEU B 31 -44.98 21.74 -9.40
C LEU B 31 -43.88 22.39 -10.22
N LEU B 32 -43.13 23.28 -9.59
CA LEU B 32 -42.04 24.01 -10.25
C LEU B 32 -40.72 23.50 -9.69
N ILE B 33 -39.93 22.87 -10.54
CA ILE B 33 -38.64 22.32 -10.16
C ILE B 33 -37.55 23.25 -10.67
N ALA B 34 -36.56 23.50 -9.83
CA ALA B 34 -35.38 24.27 -10.21
C ALA B 34 -34.22 23.31 -10.33
N LYS B 35 -33.81 23.03 -11.56
CA LYS B 35 -32.46 22.56 -11.78
C LYS B 35 -31.56 23.78 -11.74
N ASN B 36 -30.36 23.67 -12.31
CA ASN B 36 -29.38 24.73 -12.17
C ASN B 36 -29.71 25.95 -13.01
N THR B 37 -29.69 25.79 -14.33
CA THR B 37 -30.06 26.83 -15.28
C THR B 37 -31.44 26.55 -15.85
N ARG B 38 -32.02 25.42 -15.52
CA ARG B 38 -33.29 24.99 -16.08
C ARG B 38 -34.41 25.17 -15.06
N LEU B 39 -35.59 25.45 -15.59
CA LEU B 39 -36.79 25.57 -14.78
C LEU B 39 -37.88 24.72 -15.42
N GLU B 40 -38.48 23.86 -14.61
CA GLU B 40 -39.49 22.93 -15.07
C GLU B 40 -40.82 23.24 -14.40
N ILE B 41 -41.88 23.26 -15.19
CA ILE B 41 -43.23 23.53 -14.71
C ILE B 41 -44.09 22.32 -15.02
N TYR B 42 -44.88 21.89 -14.04
CA TYR B 42 -45.72 20.71 -14.18
C TYR B 42 -47.13 21.03 -13.73
N VAL B 43 -48.08 20.22 -14.20
CA VAL B 43 -49.46 20.27 -13.77
C VAL B 43 -49.83 18.88 -13.24
N VAL B 44 -50.36 18.84 -12.02
CA VAL B 44 -50.79 17.58 -11.43
C VAL B 44 -52.03 17.11 -12.17
N THR B 45 -51.90 16.03 -12.94
CA THR B 45 -53.01 15.45 -13.66
C THR B 45 -53.24 14.02 -13.20
N ALA B 46 -54.38 13.46 -13.61
CA ALA B 46 -54.74 12.10 -13.19
C ALA B 46 -53.59 11.13 -13.38
N GLU B 47 -52.95 11.16 -14.57
CA GLU B 47 -51.83 10.27 -14.83
C GLU B 47 -50.71 10.47 -13.83
N GLY B 48 -50.60 11.67 -13.27
CA GLY B 48 -49.42 12.09 -12.57
C GLY B 48 -48.89 13.36 -13.20
N LEU B 49 -47.62 13.67 -12.94
CA LEU B 49 -47.05 14.92 -13.44
C LEU B 49 -47.08 14.96 -14.97
N ARG B 50 -47.68 16.02 -15.50
CA ARG B 50 -47.64 16.31 -16.94
C ARG B 50 -46.90 17.65 -17.12
N PRO B 51 -45.79 17.68 -17.84
CA PRO B 51 -45.03 18.95 -17.95
C PRO B 51 -45.63 19.90 -18.96
N VAL B 52 -45.65 21.18 -18.58
CA VAL B 52 -45.93 22.26 -19.53
C VAL B 52 -44.60 22.94 -19.82
N LYS B 53 -44.63 24.14 -20.39
CA LYS B 53 -43.42 24.77 -20.90
C LYS B 53 -42.28 24.66 -19.90
N GLU B 54 -41.22 23.98 -20.32
CA GLU B 54 -40.03 23.77 -19.52
C GLU B 54 -38.96 24.73 -20.03
N VAL B 55 -38.75 25.83 -19.31
CA VAL B 55 -37.99 26.97 -19.81
C VAL B 55 -36.51 26.83 -19.45
N GLY B 56 -35.73 27.85 -19.78
CA GLY B 56 -34.31 27.85 -19.49
C GLY B 56 -33.74 29.26 -19.39
N MET B 57 -33.14 29.56 -18.25
CA MET B 57 -32.62 30.89 -17.96
C MET B 57 -31.12 30.96 -18.17
N TYR B 58 -30.61 32.18 -18.18
CA TYR B 58 -29.17 32.45 -18.24
C TYR B 58 -28.61 32.73 -16.85
N GLY B 59 -28.92 31.85 -15.90
CA GLY B 59 -28.43 32.02 -14.54
C GLY B 59 -28.67 30.79 -13.71
N LYS B 60 -27.97 30.74 -12.57
CA LYS B 60 -28.15 29.69 -11.58
C LYS B 60 -29.25 30.09 -10.61
N ILE B 61 -30.42 29.45 -10.74
CA ILE B 61 -31.58 29.75 -9.91
C ILE B 61 -31.24 29.50 -8.45
N ALA B 62 -31.23 30.56 -7.64
CA ALA B 62 -30.87 30.46 -6.23
C ALA B 62 -32.03 30.73 -5.29
N VAL B 63 -33.02 31.50 -5.71
CA VAL B 63 -34.23 31.74 -4.93
C VAL B 63 -35.42 31.58 -5.86
N MET B 64 -36.36 30.72 -5.49
CA MET B 64 -37.56 30.49 -6.29
C MET B 64 -38.75 30.43 -5.35
N GLU B 65 -39.65 31.40 -5.47
CA GLU B 65 -40.82 31.50 -4.61
C GLU B 65 -42.03 31.85 -5.46
N LEU B 66 -43.20 31.37 -5.03
CA LEU B 66 -44.46 31.65 -5.69
C LEU B 66 -45.33 32.53 -4.80
N PHE B 67 -46.20 33.31 -5.44
CA PHE B 67 -47.14 34.19 -4.76
C PHE B 67 -47.97 34.95 -5.79
N ARG B 68 -49.23 35.25 -5.47
CA ARG B 68 -50.00 36.22 -6.25
C ARG B 68 -50.33 37.40 -5.37
N PRO B 69 -49.83 38.60 -5.68
CA PRO B 69 -50.13 39.77 -4.83
C PRO B 69 -51.59 40.20 -4.90
N LYS B 70 -51.85 41.34 -4.27
CA LYS B 70 -53.17 41.94 -4.22
C LYS B 70 -53.85 41.94 -5.58
N GLY B 71 -54.94 41.20 -5.71
CA GLY B 71 -55.74 41.22 -6.93
C GLY B 71 -55.12 40.72 -8.22
N GLU B 72 -54.70 39.45 -8.24
CA GLU B 72 -54.02 38.87 -9.38
C GLU B 72 -54.80 37.67 -9.91
N SER B 73 -54.67 37.44 -11.21
CA SER B 73 -55.31 36.28 -11.83
C SER B 73 -54.69 34.98 -11.35
N LYS B 74 -53.37 34.87 -11.46
CA LYS B 74 -52.66 33.65 -11.10
C LYS B 74 -51.37 34.03 -10.38
N ASP B 75 -50.78 33.04 -9.71
CA ASP B 75 -49.57 33.28 -8.93
C ASP B 75 -48.44 33.79 -9.81
N LEU B 76 -47.69 34.75 -9.30
CA LEU B 76 -46.53 35.31 -9.99
C LEU B 76 -45.26 34.66 -9.44
N LEU B 77 -44.45 34.12 -10.35
CA LEU B 77 -43.21 33.49 -9.97
C LEU B 77 -42.11 34.52 -9.78
N PHE B 78 -41.19 34.22 -8.86
CA PHE B 78 -40.05 35.08 -8.58
C PHE B 78 -38.79 34.23 -8.57
N ILE B 79 -37.76 34.70 -9.27
CA ILE B 79 -36.52 33.95 -9.43
C ILE B 79 -35.35 34.90 -9.21
N LEU B 80 -34.31 34.40 -8.53
CA LEU B 80 -33.08 35.16 -8.32
C LEU B 80 -31.91 34.26 -8.64
N THR B 81 -31.07 34.70 -9.58
CA THR B 81 -29.88 33.99 -9.96
C THR B 81 -28.78 34.21 -8.92
N ALA B 82 -27.95 33.18 -8.72
CA ALA B 82 -26.81 33.33 -7.82
C ALA B 82 -25.96 34.52 -8.26
N LYS B 83 -25.83 34.68 -9.55
CA LYS B 83 -25.59 35.99 -10.14
C LYS B 83 -26.81 36.88 -9.90
N TYR B 84 -26.63 37.97 -9.17
CA TYR B 84 -27.77 38.71 -8.66
C TYR B 84 -28.48 39.13 -9.95
N ASN B 85 -29.56 38.43 -10.31
CA ASN B 85 -30.49 38.80 -11.38
C ASN B 85 -31.92 38.52 -10.91
N ALA B 86 -32.60 39.53 -10.38
CA ALA B 86 -33.97 39.35 -9.91
C ALA B 86 -34.96 39.56 -11.05
N CYS B 87 -36.07 38.83 -11.01
CA CYS B 87 -37.11 38.95 -12.02
C CYS B 87 -38.40 38.29 -11.51
N ILE B 88 -39.53 38.91 -11.85
CA ILE B 88 -40.86 38.33 -11.63
C ILE B 88 -41.37 37.83 -12.98
N LEU B 89 -41.86 36.59 -13.00
CA LEU B 89 -42.34 35.98 -14.22
C LEU B 89 -43.83 35.65 -14.09
N GLU B 90 -44.44 35.31 -15.22
CA GLU B 90 -45.87 35.05 -15.27
C GLU B 90 -46.18 34.10 -16.42
N TYR B 91 -46.68 32.92 -16.11
CA TYR B 91 -47.17 32.00 -17.12
C TYR B 91 -48.38 32.59 -17.81
N LYS B 92 -48.36 32.60 -19.15
CA LYS B 92 -49.45 33.18 -19.94
C LYS B 92 -49.64 32.35 -21.19
N GLN B 93 -50.67 31.51 -21.19
CA GLN B 93 -51.01 30.72 -22.37
C GLN B 93 -52.06 31.44 -23.21
N ILE B 98 -47.40 28.54 -25.53
CA ILE B 98 -47.08 28.78 -24.13
C ILE B 98 -45.86 29.70 -24.04
N ASP B 99 -45.98 30.79 -23.30
CA ASP B 99 -44.92 31.79 -23.23
C ASP B 99 -44.89 32.43 -21.86
N ILE B 100 -43.68 32.68 -21.37
CA ILE B 100 -43.45 33.23 -20.04
C ILE B 100 -43.14 34.71 -20.21
N ILE B 101 -44.13 35.57 -19.95
CA ILE B 101 -43.90 37.01 -19.93
C ILE B 101 -43.07 37.37 -18.70
N THR B 102 -42.23 38.39 -18.84
CA THR B 102 -41.31 38.83 -17.78
C THR B 102 -41.81 40.17 -17.25
N ARG B 103 -42.64 40.12 -16.21
CA ARG B 103 -43.23 41.33 -15.66
C ARG B 103 -42.17 42.35 -15.24
N ALA B 104 -41.09 41.87 -14.63
CA ALA B 104 -40.12 42.78 -14.04
C ALA B 104 -38.71 42.20 -14.17
N HIS B 105 -37.73 43.02 -13.87
CA HIS B 105 -36.32 42.60 -13.93
C HIS B 105 -35.46 43.68 -13.28
N GLY B 106 -34.24 43.28 -12.93
CA GLY B 106 -33.27 44.20 -12.38
C GLY B 106 -32.02 43.46 -11.96
N ASN B 107 -31.16 44.17 -11.25
CA ASN B 107 -29.94 43.59 -10.71
C ASN B 107 -29.63 44.28 -9.39
N VAL B 108 -29.43 43.50 -8.34
CA VAL B 108 -29.34 44.05 -6.99
C VAL B 108 -28.05 43.62 -6.30
N GLN B 109 -26.97 43.45 -7.07
CA GLN B 109 -25.68 43.22 -6.45
C GLN B 109 -25.20 44.46 -5.73
N ASP B 110 -24.57 44.27 -4.58
CA ASP B 110 -24.04 45.37 -3.78
C ASP B 110 -22.53 45.25 -3.68
N ARG B 111 -21.85 46.38 -3.81
CA ARG B 111 -20.38 46.44 -3.82
C ARG B 111 -19.78 46.64 -2.43
N ILE B 112 -20.47 46.23 -1.37
CA ILE B 112 -20.09 46.65 -0.02
C ILE B 112 -19.98 45.48 0.95
N GLY B 113 -20.97 44.59 0.96
CA GLY B 113 -21.01 43.50 1.91
C GLY B 113 -20.43 42.21 1.34
N ARG B 114 -20.01 41.24 2.31
CA ARG B 114 -19.50 39.97 1.79
C ARG B 114 -20.55 38.87 1.89
N PRO B 115 -20.65 38.00 0.89
CA PRO B 115 -21.60 36.88 0.97
C PRO B 115 -21.37 36.05 2.22
N SER B 116 -22.46 35.52 2.76
CA SER B 116 -22.46 34.89 4.07
C SER B 116 -22.58 33.38 3.95
N GLU B 117 -22.00 32.69 4.94
CA GLU B 117 -22.26 31.27 5.11
C GLU B 117 -23.76 31.05 5.27
N THR B 118 -24.27 29.96 4.72
CA THR B 118 -25.69 29.66 4.57
C THR B 118 -26.26 30.39 3.36
N GLY B 119 -25.42 31.08 2.59
CA GLY B 119 -25.73 31.54 1.25
C GLY B 119 -26.83 32.59 1.21
N ILE B 120 -27.49 32.65 0.05
CA ILE B 120 -28.57 33.60 -0.20
C ILE B 120 -29.86 33.07 0.41
N ILE B 121 -30.68 33.99 0.91
CA ILE B 121 -32.00 33.65 1.43
C ILE B 121 -33.01 34.60 0.79
N GLY B 122 -34.10 34.03 0.25
CA GLY B 122 -35.14 34.82 -0.36
C GLY B 122 -36.49 34.56 0.25
N ILE B 123 -37.01 35.54 0.99
CA ILE B 123 -38.30 35.44 1.66
C ILE B 123 -39.22 36.50 1.08
N ILE B 124 -40.52 36.17 1.03
CA ILE B 124 -41.53 37.05 0.47
C ILE B 124 -42.62 37.26 1.51
N ASP B 125 -43.22 38.45 1.48
CA ASP B 125 -44.12 38.86 2.53
C ASP B 125 -45.33 37.94 2.60
N PRO B 126 -45.88 37.70 3.80
CA PRO B 126 -47.07 36.84 3.90
C PRO B 126 -48.26 37.37 3.13
N GLU B 127 -48.39 38.69 3.01
CA GLU B 127 -49.47 39.30 2.23
C GLU B 127 -48.91 40.11 1.06
N CYS B 128 -47.76 39.68 0.54
CA CYS B 128 -47.29 40.09 -0.78
C CYS B 128 -47.01 41.59 -0.86
N ARG B 129 -46.47 42.17 0.20
CA ARG B 129 -46.09 43.57 0.16
C ARG B 129 -44.63 43.80 -0.18
N MET B 130 -43.75 42.84 0.09
CA MET B 130 -42.33 43.06 -0.15
C MET B 130 -41.62 41.73 -0.37
N ILE B 131 -40.49 41.80 -1.06
CA ILE B 131 -39.52 40.71 -1.15
C ILE B 131 -38.36 41.05 -0.23
N GLY B 132 -37.86 40.05 0.47
CA GLY B 132 -36.73 40.22 1.38
C GLY B 132 -35.56 39.38 0.91
N LEU B 133 -34.37 39.99 0.94
CA LEU B 133 -33.14 39.37 0.50
C LEU B 133 -32.11 39.39 1.64
N ARG B 134 -31.24 38.37 1.64
CA ARG B 134 -30.15 38.27 2.59
C ARG B 134 -28.87 37.88 1.83
N LEU B 135 -28.46 38.77 0.92
CA LEU B 135 -27.34 38.46 0.05
C LEU B 135 -26.02 38.49 0.80
N TYR B 136 -25.77 39.58 1.54
CA TYR B 136 -24.51 39.78 2.24
C TYR B 136 -24.76 39.95 3.73
N ASP B 137 -23.72 39.67 4.51
CA ASP B 137 -23.82 39.82 5.96
C ASP B 137 -24.06 41.27 6.33
N GLY B 138 -24.93 41.49 7.32
CA GLY B 138 -25.19 42.82 7.82
C GLY B 138 -26.01 43.71 6.91
N LEU B 139 -26.50 43.18 5.79
CA LEU B 139 -27.32 43.95 4.86
C LEU B 139 -28.56 43.14 4.50
N PHE B 140 -29.70 43.53 5.05
CA PHE B 140 -30.98 42.99 4.61
C PHE B 140 -31.56 43.93 3.56
N LYS B 141 -31.78 43.42 2.37
CA LYS B 141 -32.28 44.21 1.26
C LYS B 141 -33.79 44.01 1.13
N VAL B 142 -34.50 45.11 0.90
CA VAL B 142 -35.95 45.09 0.73
C VAL B 142 -36.28 45.53 -0.69
N ILE B 143 -37.21 44.82 -1.32
CA ILE B 143 -37.70 45.17 -2.64
C ILE B 143 -39.21 45.36 -2.55
N PRO B 144 -39.71 46.55 -2.24
CA PRO B 144 -41.15 46.73 -2.11
C PRO B 144 -41.89 46.41 -3.40
N LEU B 145 -43.14 45.98 -3.27
CA LEU B 145 -43.96 45.57 -4.40
C LEU B 145 -45.07 46.60 -4.61
N ASP B 146 -44.80 47.57 -5.46
CA ASP B 146 -45.82 48.46 -6.01
C ASP B 146 -45.66 48.49 -7.52
N ARG B 147 -46.80 48.60 -8.22
CA ARG B 147 -46.83 48.26 -9.64
C ARG B 147 -45.80 49.03 -10.45
N ASP B 148 -45.47 50.26 -10.06
CA ASP B 148 -44.53 51.05 -10.84
C ASP B 148 -43.10 50.55 -10.73
N ASN B 149 -42.79 49.72 -9.74
CA ASN B 149 -41.43 49.27 -9.50
C ASN B 149 -41.05 48.13 -10.43
N LYS B 150 -41.18 48.33 -11.74
CA LYS B 150 -41.01 47.24 -12.70
C LYS B 150 -39.55 46.99 -13.05
N GLU B 151 -38.69 47.99 -12.94
CA GLU B 151 -37.24 47.74 -13.00
C GLU B 151 -36.71 47.19 -11.67
N LEU B 152 -37.58 46.66 -10.83
CA LEU B 152 -37.23 46.10 -9.52
C LEU B 152 -36.18 46.95 -8.82
N LYS B 153 -36.58 48.12 -8.35
CA LYS B 153 -35.70 48.99 -7.59
C LYS B 153 -35.81 48.64 -6.12
N ALA B 154 -34.71 48.87 -5.39
CA ALA B 154 -34.61 48.37 -4.03
C ALA B 154 -33.72 49.29 -3.21
N PHE B 155 -33.75 49.07 -1.90
CA PHE B 155 -32.88 49.78 -0.96
C PHE B 155 -32.42 48.80 0.11
N ASN B 156 -31.30 49.12 0.72
CA ASN B 156 -30.74 48.32 1.80
C ASN B 156 -31.13 48.91 3.15
N ILE B 157 -31.54 48.05 4.08
CA ILE B 157 -31.55 48.39 5.50
C ILE B 157 -30.22 47.87 6.02
N ARG B 158 -29.87 48.21 7.27
CA ARG B 158 -28.70 47.66 7.92
C ARG B 158 -29.12 46.69 9.02
N LEU B 159 -28.44 45.56 9.11
CA LEU B 159 -28.76 44.49 10.04
C LEU B 159 -27.62 44.36 11.04
N GLU B 160 -27.85 44.83 12.28
CA GLU B 160 -26.78 44.81 13.27
C GLU B 160 -26.32 43.41 13.58
N GLU B 161 -27.21 42.41 13.47
CA GLU B 161 -26.83 41.02 13.68
C GLU B 161 -26.03 40.54 12.48
N LEU B 162 -24.78 40.14 12.72
CA LEU B 162 -23.80 40.01 11.64
C LEU B 162 -23.87 38.65 10.95
N HIS B 163 -23.80 37.56 11.72
CA HIS B 163 -23.87 36.21 11.15
C HIS B 163 -25.28 35.67 11.37
N VAL B 164 -26.01 35.46 10.28
CA VAL B 164 -27.41 35.10 10.32
C VAL B 164 -27.59 33.75 9.62
N ILE B 165 -28.42 32.89 10.21
CA ILE B 165 -28.60 31.53 9.72
C ILE B 165 -29.77 31.46 8.74
N ASP B 166 -30.99 31.64 9.25
CA ASP B 166 -32.19 31.52 8.44
C ASP B 166 -33.19 32.58 8.86
N VAL B 167 -33.84 33.20 7.87
CA VAL B 167 -34.75 34.31 8.09
C VAL B 167 -36.12 33.94 7.52
N LYS B 168 -37.17 34.43 8.17
CA LYS B 168 -38.53 34.16 7.74
C LYS B 168 -39.42 35.33 8.10
N PHE B 169 -40.44 35.54 7.26
CA PHE B 169 -41.47 36.53 7.52
C PHE B 169 -42.56 35.90 8.38
N LEU B 170 -42.86 36.53 9.52
CA LEU B 170 -43.85 35.99 10.43
C LEU B 170 -45.27 36.23 9.91
N TYR B 171 -46.14 35.27 10.18
CA TYR B 171 -47.55 35.39 9.83
C TYR B 171 -48.33 36.09 10.93
N GLY B 172 -49.43 36.72 10.55
CA GLY B 172 -50.36 37.32 11.49
C GLY B 172 -49.73 38.36 12.40
N CYS B 173 -49.26 39.46 11.82
CA CYS B 173 -48.72 40.58 12.58
C CYS B 173 -49.40 41.86 12.11
N GLN B 174 -49.24 42.91 12.92
CA GLN B 174 -49.84 44.21 12.59
C GLN B 174 -49.23 44.82 11.35
N ALA B 175 -48.00 44.46 10.99
CA ALA B 175 -47.34 44.89 9.77
C ALA B 175 -46.18 43.94 9.51
N PRO B 176 -45.49 44.06 8.37
CA PRO B 176 -44.34 43.18 8.12
C PRO B 176 -43.44 43.01 9.34
N THR B 177 -43.11 41.76 9.65
CA THR B 177 -42.26 41.41 10.78
C THR B 177 -41.37 40.25 10.34
N ILE B 178 -40.14 40.25 10.82
CA ILE B 178 -39.13 39.29 10.36
C ILE B 178 -38.65 38.48 11.55
N CYS B 179 -38.44 37.18 11.33
CA CYS B 179 -37.95 36.27 12.35
C CYS B 179 -36.74 35.55 11.80
N PHE B 180 -35.63 35.59 12.55
CA PHE B 180 -34.39 34.99 12.08
C PHE B 180 -33.61 34.42 13.26
N VAL B 181 -32.61 33.61 12.93
CA VAL B 181 -31.67 33.05 13.88
C VAL B 181 -30.29 33.57 13.51
N TYR B 182 -29.62 34.22 14.45
CA TYR B 182 -28.30 34.79 14.22
C TYR B 182 -27.34 34.31 15.30
N GLN B 183 -26.05 34.38 15.00
CA GLN B 183 -25.01 33.93 15.92
C GLN B 183 -24.06 35.07 16.24
N ASP B 184 -23.60 35.09 17.49
CA ASP B 184 -22.53 35.95 17.98
C ASP B 184 -21.85 35.14 19.08
N PRO B 185 -20.92 35.70 19.85
CA PRO B 185 -20.49 35.01 21.07
C PRO B 185 -21.67 34.71 21.97
N GLN B 186 -21.51 33.69 22.81
CA GLN B 186 -22.56 33.22 23.70
C GLN B 186 -23.75 32.68 22.90
N GLY B 187 -23.47 31.67 22.09
CA GLY B 187 -24.50 30.95 21.38
C GLY B 187 -25.17 31.78 20.32
N ARG B 188 -26.29 31.24 19.82
CA ARG B 188 -27.12 31.91 18.83
C ARG B 188 -28.54 32.00 19.36
N HIS B 189 -29.29 32.98 18.83
CA HIS B 189 -30.58 33.35 19.40
C HIS B 189 -31.58 33.55 18.27
N VAL B 190 -32.80 33.93 18.65
CA VAL B 190 -33.86 34.30 17.71
C VAL B 190 -34.33 35.70 18.08
N LYS B 191 -34.16 36.64 17.17
CA LYS B 191 -34.60 38.02 17.36
C LYS B 191 -35.70 38.34 16.37
N THR B 192 -36.49 39.36 16.69
CA THR B 192 -37.61 39.79 15.86
C THR B 192 -37.47 41.27 15.51
N TYR B 193 -37.73 41.58 14.24
CA TYR B 193 -37.71 42.95 13.74
C TYR B 193 -38.98 43.20 12.93
N GLU B 194 -39.31 44.48 12.76
CA GLU B 194 -40.40 44.89 11.89
C GLU B 194 -39.83 45.68 10.72
N VAL B 195 -40.13 45.23 9.51
CA VAL B 195 -39.65 45.89 8.31
C VAL B 195 -40.62 47.03 7.98
N SER B 196 -40.08 48.23 7.81
CA SER B 196 -40.89 49.41 7.50
C SER B 196 -40.47 49.93 6.14
N LEU B 197 -41.21 49.52 5.10
CA LEU B 197 -40.98 50.05 3.76
C LEU B 197 -41.46 51.48 3.61
N ARG B 198 -41.85 52.12 4.71
CA ARG B 198 -42.24 53.52 4.70
C ARG B 198 -41.12 54.45 5.13
N GLU B 199 -40.19 53.99 5.99
CA GLU B 199 -39.08 54.80 6.44
C GLU B 199 -37.73 54.13 6.24
N LYS B 200 -37.69 52.96 5.60
CA LYS B 200 -36.43 52.26 5.31
C LYS B 200 -35.63 51.98 6.57
N GLU B 201 -36.30 51.46 7.61
CA GLU B 201 -35.64 51.25 8.89
C GLU B 201 -36.17 49.98 9.54
N PHE B 202 -35.49 49.59 10.61
CA PHE B 202 -35.90 48.46 11.44
C PHE B 202 -36.52 48.99 12.73
N ASN B 203 -37.65 48.40 13.10
CA ASN B 203 -38.36 48.76 14.32
C ASN B 203 -38.38 47.55 15.27
N LYS B 204 -38.60 47.83 16.55
CA LYS B 204 -38.62 46.77 17.53
C LYS B 204 -39.78 45.81 17.24
N GLY B 205 -39.48 44.52 17.27
CA GLY B 205 -40.39 43.52 16.77
C GLY B 205 -41.36 42.99 17.83
N PRO B 206 -42.44 42.34 17.38
CA PRO B 206 -43.42 41.79 18.31
C PRO B 206 -42.94 40.92 19.47
N TRP B 207 -41.70 40.46 19.60
CA TRP B 207 -41.42 39.85 20.89
C TRP B 207 -39.93 39.68 21.17
N LYS B 208 -39.69 39.22 22.40
CA LYS B 208 -38.41 39.25 23.09
C LYS B 208 -37.34 38.44 22.37
N GLN B 209 -36.09 38.76 22.71
CA GLN B 209 -34.97 37.93 22.32
C GLN B 209 -34.95 36.67 23.17
N GLU B 210 -34.96 35.51 22.51
CA GLU B 210 -34.90 34.23 23.17
C GLU B 210 -33.64 33.48 22.74
N ASN B 211 -33.00 32.81 23.70
CA ASN B 211 -31.89 31.95 23.38
C ASN B 211 -32.41 30.61 22.89
N VAL B 212 -31.78 30.08 21.84
CA VAL B 212 -32.23 28.84 21.21
C VAL B 212 -31.11 27.81 21.29
N GLU B 213 -31.28 26.70 20.60
CA GLU B 213 -30.27 25.66 20.58
C GLU B 213 -29.01 26.15 19.88
N ALA B 214 -27.87 25.56 20.27
CA ALA B 214 -26.60 25.93 19.67
C ALA B 214 -26.55 25.63 18.18
N GLU B 215 -27.39 24.72 17.69
CA GLU B 215 -27.35 24.27 16.31
C GLU B 215 -28.64 24.61 15.56
N ALA B 216 -29.35 25.65 15.99
CA ALA B 216 -30.55 26.07 15.29
C ALA B 216 -30.22 26.40 13.84
N SER B 217 -30.89 25.71 12.91
CA SER B 217 -30.54 25.81 11.49
C SER B 217 -31.69 26.20 10.58
N MET B 218 -32.95 26.15 11.05
CA MET B 218 -34.09 26.41 10.17
C MET B 218 -35.19 27.11 10.94
N VAL B 219 -35.89 28.00 10.24
CA VAL B 219 -37.02 28.75 10.79
C VAL B 219 -38.22 28.50 9.88
N ILE B 220 -39.36 28.14 10.48
CA ILE B 220 -40.57 27.82 9.74
C ILE B 220 -41.62 28.87 10.04
N ALA B 221 -42.17 29.48 8.97
CA ALA B 221 -43.28 30.41 9.10
C ALA B 221 -44.57 29.63 9.31
N VAL B 222 -45.20 29.82 10.47
CA VAL B 222 -46.40 29.07 10.82
C VAL B 222 -47.63 29.88 10.42
N PRO B 223 -48.61 29.29 9.70
CA PRO B 223 -49.73 30.08 9.18
C PRO B 223 -50.61 30.74 10.23
N GLU B 224 -51.77 31.23 9.77
CA GLU B 224 -52.60 32.14 10.56
C GLU B 224 -53.27 31.47 11.75
N PRO B 225 -53.97 30.33 11.60
CA PRO B 225 -54.72 29.79 12.75
C PRO B 225 -53.88 29.61 14.00
N PHE B 226 -52.57 29.35 13.84
CA PHE B 226 -51.65 29.25 14.97
C PHE B 226 -50.76 30.49 15.08
N GLY B 227 -50.09 30.86 13.99
CA GLY B 227 -49.14 31.95 14.02
C GLY B 227 -47.91 31.57 14.82
N GLY B 228 -46.76 32.17 14.50
CA GLY B 228 -45.54 31.89 15.23
C GLY B 228 -44.41 31.42 14.34
N ALA B 229 -43.39 30.84 14.96
CA ALA B 229 -42.22 30.35 14.24
C ALA B 229 -41.72 29.06 14.88
N ILE B 230 -41.34 28.10 14.04
CA ILE B 230 -40.77 26.83 14.48
C ILE B 230 -39.29 26.84 14.13
N ILE B 231 -38.45 26.47 15.09
CA ILE B 231 -37.00 26.47 14.93
C ILE B 231 -36.52 25.03 15.03
N ILE B 232 -35.86 24.55 13.98
CA ILE B 232 -35.34 23.20 13.92
C ILE B 232 -33.83 23.27 14.10
N GLY B 233 -33.35 22.76 15.22
CA GLY B 233 -31.94 22.58 15.46
C GLY B 233 -31.48 21.19 15.12
N GLN B 234 -30.41 20.74 15.78
CA GLN B 234 -29.93 19.38 15.55
C GLN B 234 -30.66 18.35 16.40
N GLU B 235 -31.16 18.73 17.57
CA GLU B 235 -31.84 17.79 18.45
C GLU B 235 -33.16 18.26 19.03
N SER B 236 -33.43 19.57 19.07
CA SER B 236 -34.67 20.09 19.66
C SER B 236 -35.44 20.91 18.64
N ILE B 237 -36.75 20.65 18.56
CA ILE B 237 -37.67 21.45 17.76
C ILE B 237 -38.47 22.34 18.71
N THR B 238 -38.45 23.65 18.45
CA THR B 238 -39.08 24.62 19.33
C THR B 238 -40.13 25.42 18.58
N TYR B 239 -41.10 25.95 19.33
CA TYR B 239 -42.13 26.82 18.81
C TYR B 239 -42.12 28.13 19.58
N HIS B 240 -42.12 29.25 18.85
CA HIS B 240 -42.09 30.58 19.45
C HIS B 240 -43.28 31.38 18.96
N ASN B 241 -44.03 31.97 19.90
CA ASN B 241 -45.04 32.97 19.56
C ASN B 241 -45.28 33.82 20.81
N GLY B 242 -44.65 35.00 20.84
CA GLY B 242 -44.82 35.92 21.94
C GLY B 242 -44.38 35.32 23.26
N ASP B 243 -45.35 35.16 24.18
CA ASP B 243 -45.06 34.54 25.47
C ASP B 243 -45.23 33.03 25.45
N LYS B 244 -46.15 32.53 24.63
CA LYS B 244 -46.28 31.09 24.43
C LYS B 244 -45.00 30.51 23.87
N TYR B 245 -44.65 29.31 24.33
CA TYR B 245 -43.38 28.68 23.93
C TYR B 245 -43.43 27.19 24.22
N LEU B 246 -43.15 26.38 23.21
CA LEU B 246 -43.10 24.94 23.35
C LEU B 246 -41.83 24.41 22.67
N ALA B 247 -41.39 23.24 23.13
CA ALA B 247 -40.18 22.64 22.60
C ALA B 247 -40.02 21.19 23.05
N ILE B 248 -39.73 20.29 22.10
CA ILE B 248 -39.46 18.89 22.40
C ILE B 248 -38.13 18.50 21.76
N ALA B 249 -37.38 17.62 22.43
CA ALA B 249 -36.08 17.14 21.95
C ALA B 249 -36.09 15.62 21.96
N PRO B 250 -36.63 15.00 20.92
CA PRO B 250 -36.58 13.54 20.82
C PRO B 250 -35.20 13.08 20.35
N PRO B 251 -34.60 12.08 21.01
CA PRO B 251 -33.28 11.59 20.54
C PRO B 251 -33.33 10.92 19.18
N ILE B 252 -34.53 10.70 18.64
CA ILE B 252 -34.68 10.12 17.31
C ILE B 252 -34.14 11.04 16.23
N ILE B 253 -33.77 12.27 16.58
CA ILE B 253 -33.45 13.31 15.62
C ILE B 253 -31.95 13.55 15.51
N LYS B 254 -31.22 13.49 16.64
CA LYS B 254 -29.83 13.95 16.64
C LYS B 254 -28.97 13.16 15.66
N GLN B 255 -29.31 11.91 15.40
CA GLN B 255 -28.45 11.06 14.57
C GLN B 255 -28.13 11.70 13.24
N SER B 256 -29.06 12.46 12.66
CA SER B 256 -28.84 13.15 11.40
C SER B 256 -29.41 14.56 11.50
N THR B 257 -28.76 15.50 10.83
CA THR B 257 -29.22 16.87 10.80
C THR B 257 -30.47 16.99 9.93
N ILE B 258 -31.49 17.65 10.44
CA ILE B 258 -32.67 17.96 9.64
C ILE B 258 -32.34 19.10 8.70
N VAL B 259 -32.63 18.92 7.41
CA VAL B 259 -32.12 19.80 6.37
C VAL B 259 -33.24 20.59 5.70
N CYS B 260 -34.39 19.96 5.45
CA CYS B 260 -35.47 20.60 4.73
C CYS B 260 -36.79 20.37 5.44
N HIS B 261 -37.77 21.21 5.11
CA HIS B 261 -39.09 21.12 5.70
C HIS B 261 -40.12 21.60 4.69
N ASN B 262 -41.33 21.05 4.77
CA ASN B 262 -42.41 21.44 3.88
C ASN B 262 -43.73 21.38 4.63
N ARG B 263 -44.59 22.36 4.37
CA ARG B 263 -45.89 22.47 5.02
C ARG B 263 -46.91 21.63 4.27
N VAL B 264 -47.66 20.82 5.02
CA VAL B 264 -48.63 19.91 4.45
C VAL B 264 -49.98 20.61 4.37
N ASP B 265 -50.64 20.75 5.51
CA ASP B 265 -51.97 21.36 5.56
C ASP B 265 -51.86 22.88 5.40
N PRO B 266 -52.93 23.53 4.90
CA PRO B 266 -52.92 25.00 4.86
C PRO B 266 -52.74 25.64 6.22
N ASN B 267 -53.32 25.06 7.27
CA ASN B 267 -52.98 25.49 8.62
C ASN B 267 -51.62 24.90 9.02
N GLY B 268 -51.17 25.20 10.23
CA GLY B 268 -49.81 24.88 10.59
C GLY B 268 -49.60 23.61 11.37
N SER B 269 -50.47 22.61 11.22
CA SER B 269 -50.39 21.43 12.07
C SER B 269 -49.31 20.45 11.61
N ARG B 270 -49.48 19.90 10.42
CA ARG B 270 -48.61 18.84 9.92
C ARG B 270 -47.52 19.40 9.03
N TYR B 271 -46.27 18.98 9.28
CA TYR B 271 -45.12 19.37 8.49
C TYR B 271 -44.30 18.13 8.15
N LEU B 272 -43.56 18.23 7.05
CA LEU B 272 -42.64 17.18 6.62
C LEU B 272 -41.21 17.65 6.86
N LEU B 273 -40.36 16.73 7.33
CA LEU B 273 -38.97 17.03 7.62
C LEU B 273 -38.09 16.00 6.95
N GLY B 274 -36.83 16.37 6.74
CA GLY B 274 -35.89 15.53 6.01
C GLY B 274 -34.53 15.41 6.66
N ASP B 275 -34.02 14.19 6.75
CA ASP B 275 -32.70 13.93 7.30
C ASP B 275 -31.67 13.82 6.19
N MET B 276 -30.40 13.99 6.58
CA MET B 276 -29.31 13.63 5.69
C MET B 276 -29.10 12.12 5.63
N GLU B 277 -29.67 11.39 6.58
CA GLU B 277 -29.75 9.93 6.49
C GLU B 277 -30.85 9.46 5.57
N GLY B 278 -31.59 10.39 4.95
CA GLY B 278 -32.62 10.06 4.00
C GLY B 278 -33.86 9.59 4.73
N ARG B 279 -34.21 10.22 5.86
CA ARG B 279 -35.48 9.95 6.52
C ARG B 279 -36.56 10.93 6.04
N LEU B 280 -37.76 10.75 6.58
CA LEU B 280 -38.87 11.66 6.34
C LEU B 280 -39.74 11.66 7.58
N PHE B 281 -39.71 12.74 8.35
CA PHE B 281 -40.49 12.86 9.57
C PHE B 281 -41.78 13.61 9.30
N MET B 282 -42.67 13.56 10.29
CA MET B 282 -43.93 14.30 10.26
C MET B 282 -44.03 15.09 11.57
N LEU B 283 -43.76 16.38 11.51
CA LEU B 283 -43.92 17.26 12.67
C LEU B 283 -45.38 17.62 12.84
N LEU B 284 -45.91 17.36 14.04
CA LEU B 284 -47.32 17.58 14.34
C LEU B 284 -47.46 18.72 15.33
N LEU B 285 -48.43 19.60 15.08
CA LEU B 285 -48.84 20.64 16.03
C LEU B 285 -50.30 20.33 16.35
N GLU B 286 -50.52 19.46 17.34
CA GLU B 286 -51.87 19.00 17.63
C GLU B 286 -52.71 20.12 18.23
N LYS B 287 -53.98 20.17 17.82
CA LYS B 287 -54.85 21.28 18.16
C LYS B 287 -55.50 21.08 19.53
N GLU B 288 -56.33 22.03 19.89
CA GLU B 288 -57.02 22.08 21.17
C GLU B 288 -58.18 23.06 21.05
N GLU B 289 -59.27 22.63 20.41
CA GLU B 289 -60.39 23.52 20.20
C GLU B 289 -61.08 23.79 21.53
N GLN B 290 -61.16 25.06 21.91
CA GLN B 290 -61.76 25.45 23.17
C GLN B 290 -63.25 25.72 22.95
N MET B 291 -63.94 26.04 24.04
CA MET B 291 -65.37 26.30 23.95
C MET B 291 -65.69 27.76 23.65
N ASP B 292 -64.69 28.63 23.66
CA ASP B 292 -64.85 29.98 23.14
C ASP B 292 -64.61 30.03 21.63
N GLY B 293 -64.97 28.97 20.90
CA GLY B 293 -64.92 28.97 19.46
C GLY B 293 -63.53 28.94 18.86
N THR B 294 -62.51 29.35 19.63
CA THR B 294 -61.16 29.43 19.10
C THR B 294 -60.48 28.07 19.13
N VAL B 295 -59.48 27.93 18.27
CA VAL B 295 -58.58 26.78 18.26
C VAL B 295 -57.21 27.25 18.70
N THR B 296 -56.53 26.44 19.49
CA THR B 296 -55.18 26.71 19.96
C THR B 296 -54.32 25.48 19.73
N LEU B 297 -53.03 25.60 20.01
CA LEU B 297 -52.09 24.49 19.84
C LEU B 297 -51.41 24.22 21.18
N LYS B 298 -51.34 22.95 21.55
CA LYS B 298 -50.89 22.57 22.89
C LYS B 298 -49.55 21.84 22.92
N ASP B 299 -49.22 21.04 21.91
CA ASP B 299 -48.02 20.21 21.99
C ASP B 299 -47.41 20.04 20.61
N LEU B 300 -46.20 19.47 20.62
CA LEU B 300 -45.50 19.06 19.42
C LEU B 300 -45.25 17.56 19.50
N ARG B 301 -45.41 16.87 18.37
CA ARG B 301 -45.10 15.44 18.29
C ARG B 301 -44.42 15.15 16.96
N VAL B 302 -43.34 14.38 17.02
CA VAL B 302 -42.57 13.98 15.84
C VAL B 302 -42.55 12.47 15.81
N GLU B 303 -43.03 11.88 14.71
CA GLU B 303 -42.94 10.45 14.51
C GLU B 303 -42.52 10.17 13.08
N LEU B 304 -41.68 9.16 12.92
CA LEU B 304 -40.99 8.89 11.67
C LEU B 304 -41.91 8.16 10.70
N LEU B 305 -41.88 8.60 9.43
CA LEU B 305 -42.72 8.02 8.40
C LEU B 305 -42.05 6.91 7.62
N GLY B 306 -40.72 6.89 7.59
CA GLY B 306 -39.98 6.00 6.73
C GLY B 306 -38.75 6.69 6.18
N GLU B 307 -38.30 6.32 4.99
CA GLU B 307 -37.15 6.99 4.39
C GLU B 307 -37.35 7.16 2.90
N THR B 308 -37.05 8.36 2.42
CA THR B 308 -36.95 8.66 1.00
C THR B 308 -35.48 8.64 0.61
N SER B 309 -35.14 9.25 -0.52
CA SER B 309 -33.75 9.49 -0.83
C SER B 309 -33.32 10.79 -0.17
N ILE B 310 -32.03 11.12 -0.28
CA ILE B 310 -31.53 12.34 0.35
C ILE B 310 -32.26 13.52 -0.27
N ALA B 311 -32.93 14.30 0.56
CA ALA B 311 -33.84 15.34 0.09
C ALA B 311 -33.20 16.72 0.26
N GLU B 312 -33.12 17.46 -0.85
CA GLU B 312 -32.78 18.87 -0.82
C GLU B 312 -34.01 19.76 -0.97
N CYS B 313 -35.04 19.26 -1.62
CA CYS B 313 -36.35 19.89 -1.66
C CYS B 313 -37.38 18.92 -1.11
N LEU B 314 -38.52 19.45 -0.71
CA LEU B 314 -39.59 18.63 -0.15
C LEU B 314 -40.91 19.32 -0.41
N THR B 315 -41.93 18.55 -0.82
CA THR B 315 -43.13 19.16 -1.38
C THR B 315 -44.23 18.12 -1.41
N TYR B 316 -45.30 18.37 -0.64
CA TYR B 316 -46.54 17.62 -0.78
C TYR B 316 -47.31 18.15 -1.99
N LEU B 317 -47.79 17.24 -2.83
CA LEU B 317 -48.58 17.64 -4.00
C LEU B 317 -50.07 17.49 -3.73
N ASP B 318 -50.57 16.26 -3.73
CA ASP B 318 -52.00 16.04 -3.62
C ASP B 318 -52.25 14.55 -3.40
N ASN B 319 -53.31 14.25 -2.65
CA ASN B 319 -53.75 12.88 -2.42
C ASN B 319 -52.64 12.03 -1.80
N GLY B 320 -52.06 12.54 -0.72
CA GLY B 320 -51.07 11.80 0.04
C GLY B 320 -49.79 11.52 -0.72
N VAL B 321 -49.43 12.37 -1.67
CA VAL B 321 -48.24 12.17 -2.50
C VAL B 321 -47.30 13.34 -2.31
N VAL B 322 -46.01 13.03 -2.19
CA VAL B 322 -44.97 14.01 -1.92
C VAL B 322 -43.89 13.85 -2.97
N PHE B 323 -43.49 14.97 -3.59
CA PHE B 323 -42.35 14.96 -4.51
C PHE B 323 -41.07 15.22 -3.72
N VAL B 324 -40.11 14.30 -3.86
CA VAL B 324 -38.85 14.37 -3.14
C VAL B 324 -37.79 14.83 -4.13
N GLY B 325 -37.38 16.09 -4.01
CA GLY B 325 -36.33 16.63 -4.85
C GLY B 325 -34.95 16.33 -4.28
N SER B 326 -34.23 15.42 -4.93
CA SER B 326 -32.96 14.92 -4.41
C SER B 326 -31.80 15.54 -5.21
N ARG B 327 -30.80 16.03 -4.49
CA ARG B 327 -29.58 16.54 -5.10
C ARG B 327 -28.42 15.56 -5.03
N LEU B 328 -28.33 14.78 -3.95
CA LEU B 328 -27.29 13.77 -3.82
C LEU B 328 -27.69 12.44 -4.44
N GLY B 329 -28.95 12.28 -4.84
CA GLY B 329 -29.37 11.04 -5.47
C GLY B 329 -30.59 11.22 -6.35
N ASP B 330 -31.26 10.10 -6.66
CA ASP B 330 -32.41 10.14 -7.54
C ASP B 330 -33.58 10.84 -6.86
N SER B 331 -34.17 11.82 -7.55
CA SER B 331 -35.44 12.39 -7.13
C SER B 331 -36.55 11.39 -7.47
N GLN B 332 -37.64 11.49 -6.72
CA GLN B 332 -38.66 10.44 -6.79
C GLN B 332 -40.02 11.00 -6.42
N LEU B 333 -41.03 10.17 -6.63
CA LEU B 333 -42.40 10.46 -6.24
C LEU B 333 -42.85 9.37 -5.26
N VAL B 334 -43.55 9.80 -4.21
CA VAL B 334 -43.75 8.97 -3.03
C VAL B 334 -45.19 9.11 -2.56
N LYS B 335 -45.82 7.97 -2.26
CA LYS B 335 -47.16 7.93 -1.69
C LYS B 335 -47.07 7.57 -0.21
N LEU B 336 -47.65 8.40 0.64
CA LEU B 336 -47.73 8.14 2.07
C LEU B 336 -49.06 7.51 2.39
N ASN B 337 -49.03 6.39 3.10
CA ASN B 337 -50.22 5.60 3.38
C ASN B 337 -50.50 5.58 4.87
N VAL B 338 -51.78 5.68 5.22
CA VAL B 338 -52.17 5.65 6.63
C VAL B 338 -51.78 4.31 7.25
N ASP B 339 -52.21 3.21 6.63
CA ASP B 339 -51.83 1.89 7.10
C ASP B 339 -50.35 1.68 6.88
N SER B 340 -49.58 1.52 7.96
CA SER B 340 -48.26 0.94 7.82
C SER B 340 -48.36 -0.31 6.93
N ASN B 341 -47.62 -0.33 5.84
CA ASN B 341 -47.70 -1.43 4.89
C ASN B 341 -46.64 -2.48 5.14
N GLU B 342 -45.37 -2.07 5.23
CA GLU B 342 -44.27 -2.99 5.47
C GLU B 342 -43.38 -2.44 6.56
N GLN B 343 -43.18 -3.25 7.60
CA GLN B 343 -42.18 -3.01 8.65
C GLN B 343 -42.07 -1.52 9.01
N GLY B 344 -43.20 -0.93 9.34
CA GLY B 344 -43.25 0.38 9.96
C GLY B 344 -43.06 1.56 9.04
N SER B 345 -42.71 1.34 7.76
CA SER B 345 -42.48 2.43 6.83
C SER B 345 -43.80 2.81 6.17
N TYR B 346 -44.32 3.97 6.52
CA TYR B 346 -45.52 4.52 5.88
C TYR B 346 -45.25 5.09 4.50
N VAL B 347 -44.07 4.82 3.93
CA VAL B 347 -43.62 5.44 2.69
C VAL B 347 -43.54 4.37 1.61
N VAL B 348 -44.01 4.72 0.41
CA VAL B 348 -43.93 3.83 -0.75
C VAL B 348 -43.52 4.65 -1.96
N ALA B 349 -42.47 4.22 -2.63
CA ALA B 349 -41.98 4.91 -3.82
C ALA B 349 -42.84 4.54 -5.03
N MET B 350 -43.13 5.54 -5.86
CA MET B 350 -43.97 5.37 -7.05
C MET B 350 -43.20 5.56 -8.34
N GLU B 351 -42.35 6.58 -8.43
CA GLU B 351 -41.60 6.87 -9.62
C GLU B 351 -40.30 7.56 -9.20
N THR B 352 -39.20 7.20 -9.87
CA THR B 352 -37.91 7.81 -9.60
C THR B 352 -37.42 8.53 -10.85
N PHE B 353 -36.65 9.59 -10.64
CA PHE B 353 -36.17 10.45 -11.70
C PHE B 353 -34.64 10.44 -11.71
N THR B 354 -34.07 10.09 -12.86
CA THR B 354 -32.63 9.92 -12.96
C THR B 354 -31.90 11.20 -12.56
N ASN B 355 -31.09 11.10 -11.52
CA ASN B 355 -30.18 12.18 -11.13
C ASN B 355 -28.76 11.61 -11.18
N LEU B 356 -27.96 12.09 -12.11
CA LEU B 356 -26.55 11.71 -12.14
C LEU B 356 -25.77 12.29 -10.96
N GLY B 357 -26.48 12.93 -10.03
CA GLY B 357 -25.94 13.32 -8.76
C GLY B 357 -24.65 14.08 -8.88
N PRO B 358 -23.93 14.21 -7.76
CA PRO B 358 -22.58 14.78 -7.83
C PRO B 358 -21.62 13.83 -8.53
N ILE B 359 -21.28 14.16 -9.78
CA ILE B 359 -20.34 13.34 -10.54
C ILE B 359 -18.94 13.58 -9.97
N VAL B 360 -18.44 12.62 -9.21
CA VAL B 360 -17.15 12.77 -8.53
C VAL B 360 -15.99 12.42 -9.47
N ASP B 361 -16.12 11.34 -10.22
CA ASP B 361 -15.09 10.94 -11.18
C ASP B 361 -15.75 10.13 -12.28
N MET B 362 -15.03 9.95 -13.38
CA MET B 362 -15.60 9.22 -14.51
C MET B 362 -14.47 8.81 -15.45
N CYS B 363 -14.85 8.03 -16.47
CA CYS B 363 -13.92 7.52 -17.47
C CYS B 363 -14.73 6.99 -18.63
N VAL B 364 -14.14 7.04 -19.82
CA VAL B 364 -14.80 6.65 -21.06
C VAL B 364 -14.29 5.29 -21.47
N VAL B 365 -15.21 4.37 -21.79
CA VAL B 365 -14.86 3.02 -22.19
C VAL B 365 -15.72 2.63 -23.40
N ASP B 366 -15.14 1.79 -24.26
CA ASP B 366 -15.89 1.14 -25.33
C ASP B 366 -16.29 -0.25 -24.83
N LEU B 367 -17.31 -0.26 -23.97
CA LEU B 367 -17.82 -1.51 -23.42
C LEU B 367 -18.24 -2.46 -24.55
N ARG B 369 -18.26 -3.58 -28.57
CA ARG B 369 -17.13 -2.64 -28.63
C ARG B 369 -17.41 -1.48 -29.58
N GLN B 370 -17.26 -1.74 -30.89
CA GLN B 370 -17.56 -0.81 -31.96
C GLN B 370 -17.15 0.65 -31.68
N GLY B 371 -16.04 0.85 -30.99
CA GLY B 371 -15.51 2.20 -30.81
C GLY B 371 -16.56 3.21 -30.40
N GLN B 372 -17.53 2.78 -29.60
CA GLN B 372 -18.61 3.62 -29.11
C GLN B 372 -18.33 3.96 -27.66
N GLY B 373 -18.22 5.26 -27.36
CA GLY B 373 -17.90 5.67 -26.02
C GLY B 373 -19.09 5.56 -25.08
N GLN B 374 -18.79 5.26 -23.81
CA GLN B 374 -19.80 5.17 -22.76
C GLN B 374 -19.20 5.72 -21.48
N LEU B 375 -19.94 6.59 -20.81
CA LEU B 375 -19.46 7.22 -19.59
C LEU B 375 -19.85 6.38 -18.39
N VAL B 376 -18.87 6.11 -17.53
CA VAL B 376 -19.08 5.40 -16.28
C VAL B 376 -18.67 6.36 -15.17
N THR B 377 -19.66 6.84 -14.40
CA THR B 377 -19.44 7.88 -13.41
C THR B 377 -19.53 7.29 -12.01
N CYS B 378 -19.05 8.09 -11.05
CA CYS B 378 -19.23 7.82 -9.63
C CYS B 378 -20.23 8.84 -9.11
N SER B 379 -21.51 8.56 -9.33
CA SER B 379 -22.57 9.50 -9.03
C SER B 379 -23.08 9.29 -7.61
N GLY B 380 -23.64 10.36 -7.04
CA GLY B 380 -24.27 10.28 -5.74
C GLY B 380 -23.29 10.12 -4.60
N ALA B 381 -23.76 10.39 -3.38
CA ALA B 381 -22.97 10.20 -2.18
C ALA B 381 -23.81 9.51 -1.12
N PHE B 382 -23.14 8.92 -0.15
CA PHE B 382 -23.81 8.21 0.95
C PHE B 382 -24.68 7.12 0.33
N LYS B 383 -25.90 6.90 0.85
CA LYS B 383 -26.68 5.73 0.45
C LYS B 383 -27.14 5.80 -0.99
N GLU B 384 -27.22 6.99 -1.58
CA GLU B 384 -27.66 7.13 -2.96
C GLU B 384 -26.51 7.04 -3.95
N GLY B 385 -25.32 6.64 -3.50
CA GLY B 385 -24.19 6.55 -4.40
C GLY B 385 -24.32 5.38 -5.35
N SER B 386 -24.02 5.62 -6.62
CA SER B 386 -24.18 4.61 -7.65
C SER B 386 -23.13 4.82 -8.73
N LEU B 387 -23.09 3.88 -9.66
CA LEU B 387 -22.39 4.04 -10.93
C LEU B 387 -23.42 4.23 -12.04
N ARG B 388 -23.11 5.13 -12.97
CA ARG B 388 -24.00 5.43 -14.07
C ARG B 388 -23.29 5.13 -15.38
N ILE B 389 -23.91 4.31 -16.22
CA ILE B 389 -23.33 3.93 -17.50
C ILE B 389 -24.12 4.58 -18.62
N ILE B 390 -23.72 5.79 -19.01
CA ILE B 390 -24.44 6.55 -20.03
C ILE B 390 -24.12 5.96 -21.39
N ARG B 391 -25.07 5.25 -21.98
CA ARG B 391 -24.96 4.74 -23.33
C ARG B 391 -25.75 5.64 -24.27
N ASN B 392 -25.14 5.96 -25.42
CA ASN B 392 -25.68 6.96 -26.33
C ASN B 392 -26.24 6.28 -27.56
N GLY B 393 -27.53 6.41 -27.77
CA GLY B 393 -28.18 5.87 -28.95
C GLY B 393 -28.93 4.58 -28.66
N ILE B 394 -29.99 4.36 -29.44
CA ILE B 394 -30.77 3.14 -29.33
C ILE B 394 -29.92 1.96 -29.81
N GLY B 395 -29.99 0.85 -29.08
CA GLY B 395 -29.22 -0.34 -29.39
C GLY B 395 -30.12 -1.55 -29.59
N ILE B 396 -29.53 -2.60 -30.17
CA ILE B 396 -30.21 -3.88 -30.33
C ILE B 396 -29.34 -4.97 -29.70
N HIS B 397 -29.96 -6.13 -29.50
CA HIS B 397 -29.31 -7.29 -28.90
C HIS B 397 -29.46 -8.44 -29.89
N GLU B 398 -28.48 -8.58 -30.79
CA GLU B 398 -28.57 -9.59 -31.82
C GLU B 398 -28.80 -10.97 -31.22
N HIS B 399 -29.65 -11.76 -31.89
CA HIS B 399 -29.97 -13.13 -31.49
C HIS B 399 -29.65 -14.13 -32.57
N ALA B 400 -29.20 -13.68 -33.74
CA ALA B 400 -28.98 -14.55 -34.89
C ALA B 400 -28.39 -13.74 -36.03
N SER B 401 -28.22 -14.35 -37.19
CA SER B 401 -27.70 -13.65 -38.36
C SER B 401 -27.59 -14.60 -39.53
N ILE B 402 -27.75 -14.08 -40.75
CA ILE B 402 -27.73 -14.88 -41.97
C ILE B 402 -27.13 -14.03 -43.10
N ILE B 407 -30.94 -8.75 -50.07
CA ILE B 407 -32.35 -8.72 -49.71
C ILE B 407 -32.99 -7.45 -50.25
N LYS B 408 -34.30 -7.52 -50.53
CA LYS B 408 -35.05 -6.39 -51.09
C LYS B 408 -36.38 -6.16 -50.40
N GLY B 409 -36.54 -6.65 -49.17
CA GLY B 409 -37.78 -6.46 -48.47
C GLY B 409 -37.96 -7.47 -47.36
N LEU B 410 -38.69 -7.07 -46.33
CA LEU B 410 -38.96 -7.90 -45.19
C LEU B 410 -40.44 -7.78 -44.83
N TRP B 411 -41.06 -8.92 -44.56
CA TRP B 411 -42.49 -8.92 -44.24
C TRP B 411 -42.83 -10.03 -43.27
N PRO B 412 -43.43 -9.73 -42.11
CA PRO B 412 -43.87 -10.80 -41.22
C PRO B 412 -45.09 -11.50 -41.79
N LEU B 413 -45.26 -12.75 -41.37
CA LEU B 413 -46.42 -13.52 -41.80
C LEU B 413 -46.79 -14.51 -40.72
N ARG B 414 -48.10 -14.64 -40.50
CA ARG B 414 -48.65 -15.48 -39.44
C ARG B 414 -49.51 -16.57 -40.08
N SER B 415 -49.16 -17.82 -39.81
CA SER B 415 -49.86 -18.96 -40.39
C SER B 415 -50.42 -19.89 -39.32
N ARG B 419 -52.01 -18.13 -34.26
CA ARG B 419 -51.82 -18.35 -32.83
C ARG B 419 -51.15 -17.14 -32.16
N GLU B 420 -51.23 -15.99 -32.83
CA GLU B 420 -50.70 -14.71 -32.36
C GLU B 420 -49.18 -14.68 -32.33
N THR B 421 -48.49 -15.78 -32.66
CA THR B 421 -47.04 -15.82 -32.73
C THR B 421 -46.67 -16.05 -34.19
N ASP B 422 -46.21 -14.99 -34.86
CA ASP B 422 -45.79 -15.12 -36.25
C ASP B 422 -44.85 -16.30 -36.42
N ASP B 423 -45.17 -17.15 -37.41
CA ASP B 423 -44.39 -18.35 -37.66
C ASP B 423 -43.72 -18.35 -39.03
N THR B 424 -43.91 -17.31 -39.83
CA THR B 424 -43.32 -17.26 -41.16
C THR B 424 -42.67 -15.91 -41.38
N LEU B 425 -41.43 -15.93 -41.89
CA LEU B 425 -40.75 -14.74 -42.36
C LEU B 425 -40.53 -14.87 -43.86
N VAL B 426 -40.91 -13.85 -44.61
CA VAL B 426 -40.85 -13.88 -46.06
C VAL B 426 -39.90 -12.77 -46.52
N LEU B 427 -38.91 -13.14 -47.32
CA LEU B 427 -37.91 -12.22 -47.83
C LEU B 427 -38.13 -12.02 -49.33
N SER B 428 -37.33 -11.13 -49.91
CA SER B 428 -37.43 -10.85 -51.34
C SER B 428 -36.10 -10.36 -51.86
N PHE B 429 -35.67 -10.92 -52.98
CA PHE B 429 -34.53 -10.46 -53.75
C PHE B 429 -35.06 -9.81 -55.03
N VAL B 430 -34.16 -9.22 -55.82
CA VAL B 430 -34.60 -8.34 -56.90
C VAL B 430 -35.67 -9.01 -57.75
N GLY B 431 -35.50 -10.30 -58.01
CA GLY B 431 -36.47 -11.02 -58.82
C GLY B 431 -36.81 -12.38 -58.23
N GLN B 432 -36.99 -12.44 -56.91
CA GLN B 432 -37.23 -13.72 -56.26
C GLN B 432 -38.04 -13.52 -54.97
N THR B 433 -38.50 -14.64 -54.43
CA THR B 433 -39.16 -14.70 -53.14
C THR B 433 -38.93 -16.08 -52.56
N ARG B 434 -38.66 -16.12 -51.26
CA ARG B 434 -38.43 -17.39 -50.57
C ARG B 434 -39.10 -17.34 -49.21
N VAL B 435 -40.09 -18.19 -49.01
CA VAL B 435 -40.93 -18.18 -47.81
C VAL B 435 -40.25 -19.07 -46.78
N LEU B 436 -39.58 -18.44 -45.80
CA LEU B 436 -38.89 -19.18 -44.77
C LEU B 436 -39.88 -19.94 -43.89
N MET B 437 -39.87 -21.26 -44.00
CA MET B 437 -40.62 -22.10 -43.07
C MET B 437 -39.87 -22.16 -41.75
N LEU B 438 -40.55 -21.86 -40.66
CA LEU B 438 -39.92 -21.71 -39.36
C LEU B 438 -40.38 -22.80 -38.42
N ASN B 439 -39.42 -23.39 -37.71
CA ASN B 439 -39.67 -24.37 -36.67
C ASN B 439 -39.50 -23.65 -35.35
N GLY B 440 -38.23 -23.46 -34.98
CA GLY B 440 -37.79 -22.44 -34.07
C GLY B 440 -36.44 -22.13 -34.70
N GLU B 441 -36.21 -20.89 -35.11
CA GLU B 441 -34.90 -20.48 -35.59
C GLU B 441 -34.40 -21.39 -36.71
N GLU B 442 -35.26 -21.63 -37.70
CA GLU B 442 -34.90 -22.51 -38.82
C GLU B 442 -35.35 -21.95 -40.17
N LEU B 448 -45.73 -21.96 -48.71
CA LEU B 448 -47.07 -21.95 -49.29
C LEU B 448 -46.92 -21.67 -50.78
N MET B 449 -47.99 -21.73 -51.58
CA MET B 449 -47.78 -21.68 -53.03
C MET B 449 -48.91 -21.01 -53.81
N GLY B 450 -49.60 -20.04 -53.21
CA GLY B 450 -50.34 -19.09 -54.02
C GLY B 450 -49.43 -17.91 -54.25
N PHE B 451 -48.37 -17.85 -53.44
CA PHE B 451 -47.35 -16.82 -53.53
C PHE B 451 -46.54 -17.01 -54.81
N VAL B 452 -45.57 -16.12 -55.01
CA VAL B 452 -44.76 -16.12 -56.21
C VAL B 452 -43.39 -16.68 -55.90
N ASP B 453 -42.75 -17.18 -56.95
CA ASP B 453 -41.47 -17.87 -56.87
C ASP B 453 -40.31 -16.98 -57.31
N ASP B 454 -40.44 -16.36 -58.47
CA ASP B 454 -39.40 -15.46 -58.99
C ASP B 454 -40.03 -14.21 -59.60
N GLN B 456 -40.42 -11.31 -57.54
CA GLN B 456 -40.16 -10.53 -56.34
C GLN B 456 -41.39 -10.55 -55.42
N THR B 457 -41.60 -9.44 -54.70
CA THR B 457 -42.65 -9.29 -53.70
C THR B 457 -42.61 -7.85 -53.22
N PHE B 458 -43.76 -7.23 -53.02
CA PHE B 458 -43.81 -5.87 -52.51
C PHE B 458 -44.55 -5.74 -51.19
N PHE B 459 -45.46 -6.67 -50.87
CA PHE B 459 -46.10 -6.68 -49.57
C PHE B 459 -46.49 -8.11 -49.24
N CYS B 460 -46.45 -8.42 -47.94
CA CYS B 460 -46.85 -9.74 -47.46
C CYS B 460 -47.34 -9.58 -46.03
N GLY B 461 -48.65 -9.58 -45.86
CA GLY B 461 -49.25 -9.43 -44.54
C GLY B 461 -50.34 -10.44 -44.28
N ASN B 462 -51.15 -10.19 -43.26
CA ASN B 462 -52.26 -11.06 -42.89
C ASN B 462 -53.55 -10.24 -42.99
N VAL B 463 -54.17 -10.30 -44.18
CA VAL B 463 -55.37 -9.51 -44.43
C VAL B 463 -56.57 -10.15 -43.71
N ALA B 464 -57.59 -9.32 -43.47
CA ALA B 464 -58.78 -9.76 -42.76
C ALA B 464 -59.51 -10.83 -43.59
N HIS B 465 -60.70 -11.22 -43.12
CA HIS B 465 -61.41 -12.36 -43.68
C HIS B 465 -60.55 -13.62 -43.61
N GLN B 466 -59.68 -13.66 -42.59
CA GLN B 466 -58.72 -14.73 -42.36
C GLN B 466 -58.07 -15.21 -43.65
N GLN B 467 -57.47 -14.26 -44.37
CA GLN B 467 -56.71 -14.56 -45.57
C GLN B 467 -55.31 -13.96 -45.44
N LEU B 468 -54.46 -14.30 -46.42
CA LEU B 468 -53.07 -13.88 -46.43
C LEU B 468 -52.74 -13.45 -47.86
N ILE B 469 -52.45 -12.16 -48.04
CA ILE B 469 -52.24 -11.61 -49.37
C ILE B 469 -50.74 -11.48 -49.62
N GLN B 470 -50.39 -11.46 -50.90
CA GLN B 470 -49.03 -11.16 -51.34
C GLN B 470 -49.10 -10.34 -52.62
N ILE B 471 -48.45 -9.19 -52.61
CA ILE B 471 -48.27 -8.37 -53.80
C ILE B 471 -46.87 -8.65 -54.32
N THR B 472 -46.63 -8.27 -55.58
CA THR B 472 -45.34 -8.57 -56.19
C THR B 472 -45.18 -7.74 -57.46
N SER B 473 -44.16 -8.10 -58.22
CA SER B 473 -43.82 -7.55 -59.53
C SER B 473 -44.73 -8.02 -60.61
N ALA B 474 -45.87 -8.64 -60.28
CA ALA B 474 -46.68 -9.31 -61.29
C ALA B 474 -48.15 -9.06 -61.04
N SER B 475 -48.61 -9.29 -59.80
CA SER B 475 -50.01 -9.16 -59.46
C SER B 475 -50.23 -9.55 -58.01
N VAL B 476 -51.34 -9.08 -57.44
CA VAL B 476 -51.70 -9.54 -56.12
C VAL B 476 -52.04 -11.03 -56.18
N ARG B 477 -51.95 -11.68 -55.01
CA ARG B 477 -52.31 -13.08 -54.89
C ARG B 477 -52.98 -13.25 -53.52
N LEU B 478 -54.16 -13.85 -53.50
CA LEU B 478 -54.88 -14.06 -52.26
C LEU B 478 -54.83 -15.54 -51.92
N VAL B 479 -54.07 -15.86 -50.88
CA VAL B 479 -53.96 -17.21 -50.35
C VAL B 479 -54.79 -17.27 -49.07
N SER B 480 -55.55 -18.35 -48.93
CA SER B 480 -56.49 -18.49 -47.82
C SER B 480 -55.81 -19.14 -46.61
N GLN B 481 -56.40 -18.91 -45.44
CA GLN B 481 -55.86 -19.44 -44.20
C GLN B 481 -56.36 -20.84 -43.88
N GLU B 482 -57.50 -21.24 -44.44
CA GLU B 482 -58.10 -22.53 -44.08
C GLU B 482 -57.44 -23.66 -44.87
N PRO B 483 -57.48 -23.67 -46.20
CA PRO B 483 -56.81 -24.73 -46.96
C PRO B 483 -55.41 -24.38 -47.47
N LYS B 484 -54.94 -23.15 -47.29
CA LYS B 484 -53.57 -22.78 -47.62
C LYS B 484 -53.33 -22.83 -49.13
N ALA B 485 -54.26 -22.25 -49.89
CA ALA B 485 -54.17 -22.29 -51.34
C ALA B 485 -54.62 -20.95 -51.92
N LEU B 486 -54.26 -20.75 -53.19
CA LEU B 486 -54.61 -19.54 -53.91
C LEU B 486 -56.11 -19.50 -54.18
N VAL B 487 -56.78 -18.45 -53.72
CA VAL B 487 -58.22 -18.33 -53.89
C VAL B 487 -58.63 -17.13 -54.72
N SER B 488 -57.76 -16.15 -54.94
CA SER B 488 -58.10 -14.99 -55.75
C SER B 488 -56.83 -14.33 -56.25
N GLU B 489 -56.95 -13.61 -57.35
CA GLU B 489 -55.78 -12.99 -57.98
C GLU B 489 -56.25 -11.87 -58.90
N TRP B 490 -55.59 -10.71 -58.83
CA TRP B 490 -55.86 -9.58 -59.71
C TRP B 490 -54.62 -9.38 -60.57
N LYS B 491 -54.65 -9.92 -61.79
CA LYS B 491 -53.60 -9.67 -62.75
C LYS B 491 -53.78 -8.26 -63.33
N GLU B 492 -52.93 -7.89 -64.28
CA GLU B 492 -53.02 -6.52 -64.73
C GLU B 492 -53.83 -6.41 -66.02
N PRO B 493 -54.65 -5.36 -66.16
CA PRO B 493 -55.36 -5.15 -67.44
C PRO B 493 -54.46 -5.30 -68.65
N GLN B 494 -53.44 -4.46 -68.76
CA GLN B 494 -52.46 -4.58 -69.83
C GLN B 494 -51.49 -5.73 -69.61
N ALA B 495 -51.60 -6.43 -68.48
CA ALA B 495 -50.83 -7.64 -68.19
C ALA B 495 -49.35 -7.35 -67.96
N LYS B 496 -49.02 -6.17 -67.46
CA LYS B 496 -47.64 -5.83 -67.14
C LYS B 496 -47.49 -5.54 -65.65
N ASN B 497 -46.23 -5.42 -65.24
CA ASN B 497 -45.86 -5.52 -63.83
C ASN B 497 -46.48 -4.39 -63.01
N ILE B 498 -46.48 -4.59 -61.69
CA ILE B 498 -46.84 -3.55 -60.73
C ILE B 498 -45.56 -2.92 -60.21
N SER B 499 -45.57 -1.61 -60.02
CA SER B 499 -44.40 -0.88 -59.55
C SER B 499 -44.48 -0.63 -58.05
N VAL B 500 -45.44 0.20 -57.64
CA VAL B 500 -45.62 0.53 -56.23
C VAL B 500 -46.75 -0.31 -55.67
N ALA B 501 -46.63 -0.68 -54.39
CA ALA B 501 -47.64 -1.47 -53.72
C ALA B 501 -47.88 -0.91 -52.32
N SER B 502 -49.13 -0.96 -51.88
CA SER B 502 -49.52 -0.43 -50.58
C SER B 502 -50.73 -1.21 -50.11
N CYS B 503 -50.57 -1.99 -49.04
CA CYS B 503 -51.60 -2.90 -48.56
C CYS B 503 -51.78 -2.73 -47.06
N ASN B 504 -53.04 -2.66 -46.62
CA ASN B 504 -53.35 -2.65 -45.20
C ASN B 504 -54.27 -3.81 -44.87
N SER B 505 -55.09 -3.67 -43.81
CA SER B 505 -55.83 -4.82 -43.30
C SER B 505 -56.84 -5.33 -44.32
N SER B 506 -57.63 -4.44 -44.92
CA SER B 506 -58.73 -4.89 -45.79
C SER B 506 -58.86 -4.04 -47.05
N GLN B 507 -57.78 -3.42 -47.50
CA GLN B 507 -57.78 -2.79 -48.81
C GLN B 507 -56.35 -2.68 -49.33
N VAL B 508 -56.24 -2.46 -50.64
CA VAL B 508 -54.95 -2.46 -51.34
C VAL B 508 -54.96 -1.36 -52.38
N VAL B 509 -53.87 -0.60 -52.44
CA VAL B 509 -53.63 0.37 -53.50
C VAL B 509 -52.32 0.00 -54.18
N VAL B 510 -52.39 -0.25 -55.49
CA VAL B 510 -51.21 -0.57 -56.29
C VAL B 510 -51.09 0.48 -57.39
N ALA B 511 -49.96 0.45 -58.09
CA ALA B 511 -49.70 1.44 -59.12
C ALA B 511 -48.88 0.82 -60.24
N VAL B 512 -49.24 1.16 -61.47
CA VAL B 512 -48.47 0.81 -62.66
C VAL B 512 -48.26 2.09 -63.46
N GLY B 513 -47.00 2.47 -63.67
CA GLY B 513 -46.70 3.71 -64.35
C GLY B 513 -47.36 4.90 -63.67
N ARG B 514 -48.41 5.43 -64.28
CA ARG B 514 -49.18 6.53 -63.71
C ARG B 514 -50.51 6.07 -63.12
N ALA B 515 -50.91 4.84 -63.34
CA ALA B 515 -52.22 4.37 -62.91
C ALA B 515 -52.22 4.04 -61.42
N LEU B 516 -53.37 4.26 -60.79
CA LEU B 516 -53.58 3.93 -59.38
C LEU B 516 -54.82 3.04 -59.29
N TYR B 517 -54.62 1.76 -59.00
CA TYR B 517 -55.71 0.82 -58.84
C TYR B 517 -56.01 0.60 -57.36
N TYR B 518 -57.30 0.57 -57.03
CA TYR B 518 -57.78 0.38 -55.69
C TYR B 518 -58.42 -1.00 -55.58
N LEU B 519 -58.10 -1.73 -54.52
CA LEU B 519 -58.64 -3.07 -54.32
C LEU B 519 -59.18 -3.22 -52.91
N GLN B 520 -60.22 -4.03 -52.78
CA GLN B 520 -60.83 -4.33 -51.49
C GLN B 520 -60.76 -5.83 -51.23
N ILE B 521 -60.47 -6.19 -49.98
CA ILE B 521 -60.29 -7.59 -49.59
C ILE B 521 -61.63 -8.11 -49.07
N HIS B 522 -62.14 -9.15 -49.71
CA HIS B 522 -63.38 -9.79 -49.29
C HIS B 522 -63.28 -11.29 -49.54
N PRO B 523 -64.15 -12.08 -48.91
CA PRO B 523 -64.03 -13.53 -49.04
C PRO B 523 -64.00 -13.99 -50.48
N GLN B 524 -63.00 -14.80 -50.82
CA GLN B 524 -62.83 -15.44 -52.12
C GLN B 524 -62.54 -14.47 -53.26
N GLU B 525 -62.57 -13.17 -53.04
CA GLU B 525 -62.57 -12.22 -54.14
C GLU B 525 -61.70 -11.01 -53.83
N LEU B 526 -61.19 -10.40 -54.90
CA LEU B 526 -60.44 -9.15 -54.85
C LEU B 526 -61.15 -8.13 -55.71
N ARG B 527 -61.77 -7.14 -55.08
CA ARG B 527 -62.62 -6.17 -55.76
C ARG B 527 -61.86 -4.88 -56.03
N GLN B 528 -62.05 -4.35 -57.23
CA GLN B 528 -61.39 -3.13 -57.67
C GLN B 528 -62.43 -2.02 -57.78
N ILE B 529 -62.26 -0.96 -56.98
CA ILE B 529 -63.27 0.10 -56.87
C ILE B 529 -62.82 1.40 -57.53
N SER B 530 -62.04 2.20 -56.80
CA SER B 530 -61.52 3.43 -57.36
C SER B 530 -60.15 3.32 -58.03
N HIS B 531 -60.01 4.09 -59.11
CA HIS B 531 -59.26 3.92 -60.34
C HIS B 531 -58.97 5.29 -60.94
N THR B 532 -57.72 5.74 -60.82
CA THR B 532 -57.30 6.98 -61.47
C THR B 532 -55.98 6.77 -62.19
N GLU B 533 -55.63 7.81 -62.93
CA GLU B 533 -54.29 7.99 -63.48
C GLU B 533 -53.78 9.33 -62.98
N MET B 534 -52.73 9.30 -62.16
CA MET B 534 -52.17 10.55 -61.68
C MET B 534 -51.43 11.25 -62.82
N GLU B 535 -50.98 12.47 -62.53
CA GLU B 535 -50.28 13.25 -63.55
C GLU B 535 -48.96 12.60 -63.94
N HIS B 536 -48.19 12.14 -62.96
CA HIS B 536 -46.84 11.62 -63.17
C HIS B 536 -46.76 10.18 -62.68
N GLU B 537 -45.53 9.66 -62.64
CA GLU B 537 -45.31 8.27 -62.26
C GLU B 537 -45.28 8.13 -60.75
N VAL B 538 -45.94 7.09 -60.25
CA VAL B 538 -46.07 6.86 -58.81
C VAL B 538 -44.74 6.33 -58.29
N ALA B 539 -44.26 6.91 -57.19
CA ALA B 539 -43.00 6.51 -56.57
C ALA B 539 -43.18 5.81 -55.24
N CYS B 540 -44.18 6.19 -54.44
CA CYS B 540 -44.37 5.61 -53.12
C CYS B 540 -45.80 5.83 -52.70
N LEU B 541 -46.39 4.81 -52.07
CA LEU B 541 -47.75 4.86 -51.58
C LEU B 541 -47.79 4.50 -50.10
N ASP B 542 -48.88 4.90 -49.45
CA ASP B 542 -49.13 4.48 -48.08
C ASP B 542 -50.63 4.59 -47.82
N ILE B 543 -51.22 3.51 -47.31
CA ILE B 543 -52.62 3.54 -46.90
C ILE B 543 -52.73 3.05 -45.47
N THR B 544 -51.64 3.14 -44.71
CA THR B 544 -51.62 2.73 -43.30
C THR B 544 -52.80 3.39 -42.59
N PRO B 545 -53.83 2.64 -42.17
CA PRO B 545 -54.93 3.25 -41.41
C PRO B 545 -54.47 4.20 -40.31
N GLY B 551 -59.05 -2.47 -40.19
CA GLY B 551 -60.06 -1.56 -40.69
C GLY B 551 -59.70 -0.95 -42.04
N LEU B 552 -60.36 0.15 -42.39
CA LEU B 552 -60.18 0.79 -43.68
C LEU B 552 -59.69 2.22 -43.49
N SER B 553 -59.20 2.81 -44.58
CA SER B 553 -58.51 4.09 -44.52
C SER B 553 -59.21 5.13 -45.39
N PRO B 554 -59.57 6.29 -44.86
CA PRO B 554 -60.09 7.36 -45.73
C PRO B 554 -59.04 7.93 -46.67
N LEU B 555 -57.77 7.98 -46.26
CA LEU B 555 -56.74 8.71 -46.97
C LEU B 555 -55.79 7.78 -47.71
N CYS B 556 -55.02 8.36 -48.63
CA CYS B 556 -54.04 7.63 -49.42
C CYS B 556 -52.96 8.62 -49.84
N ALA B 557 -51.79 8.55 -49.20
CA ALA B 557 -50.69 9.43 -49.54
C ALA B 557 -49.89 8.87 -50.71
N ILE B 558 -49.30 9.78 -51.49
CA ILE B 558 -48.59 9.39 -52.71
C ILE B 558 -47.45 10.37 -52.97
N GLY B 559 -46.43 9.89 -53.70
CA GLY B 559 -45.36 10.73 -54.18
C GLY B 559 -45.03 10.40 -55.63
N LEU B 560 -44.76 11.43 -56.43
CA LEU B 560 -44.62 11.27 -57.87
C LEU B 560 -43.17 11.47 -58.31
N TRP B 561 -42.88 10.93 -59.50
CA TRP B 561 -41.52 10.71 -59.98
C TRP B 561 -40.90 11.92 -60.68
N THR B 562 -41.71 12.91 -61.06
CA THR B 562 -41.24 14.05 -61.84
C THR B 562 -41.11 15.31 -61.02
N ASP B 563 -41.63 15.31 -59.80
CA ASP B 563 -41.50 16.41 -58.86
C ASP B 563 -41.25 15.79 -57.50
N ILE B 564 -41.57 16.52 -56.44
CA ILE B 564 -41.65 15.93 -55.11
C ILE B 564 -42.95 16.46 -54.51
N SER B 565 -44.07 15.85 -54.88
CA SER B 565 -45.38 16.33 -54.50
C SER B 565 -45.95 15.46 -53.39
N ALA B 566 -46.15 16.05 -52.22
CA ALA B 566 -46.96 15.46 -51.17
C ALA B 566 -48.41 15.66 -51.58
N ARG B 567 -48.97 14.68 -52.28
CA ARG B 567 -50.34 14.73 -52.75
C ARG B 567 -51.17 13.72 -51.96
N ILE B 568 -52.35 14.16 -51.52
CA ILE B 568 -53.21 13.36 -50.66
C ILE B 568 -54.52 13.12 -51.39
N LEU B 569 -54.98 11.87 -51.38
CA LEU B 569 -56.18 11.46 -52.08
C LEU B 569 -57.09 10.69 -51.14
N LYS B 570 -58.40 10.96 -51.23
CA LYS B 570 -59.35 10.03 -50.66
C LYS B 570 -59.25 8.71 -51.40
N LEU B 571 -59.92 7.67 -50.88
CA LEU B 571 -59.81 6.38 -51.55
C LEU B 571 -61.10 5.91 -52.21
N PRO B 572 -62.28 6.11 -51.60
CA PRO B 572 -63.53 5.76 -52.31
C PRO B 572 -63.62 6.45 -53.67
N SER B 573 -62.84 7.50 -53.80
CA SER B 573 -62.53 8.14 -55.07
C SER B 573 -61.09 8.63 -54.95
N PHE B 574 -60.61 9.32 -55.97
CA PHE B 574 -59.23 9.80 -55.90
C PHE B 574 -59.16 11.32 -56.06
N GLU B 575 -60.00 12.01 -55.30
CA GLU B 575 -59.99 13.47 -55.27
C GLU B 575 -58.74 13.98 -54.55
N LEU B 576 -57.99 14.85 -55.21
CA LEU B 576 -56.80 15.43 -54.62
C LEU B 576 -57.19 16.37 -53.49
N LEU B 577 -56.60 16.16 -52.31
CA LEU B 577 -56.94 16.93 -51.12
C LEU B 577 -55.84 17.86 -50.65
N HIS B 578 -54.62 17.73 -51.16
CA HIS B 578 -53.57 18.68 -50.84
C HIS B 578 -52.42 18.52 -51.83
N LYS B 579 -51.72 19.62 -52.07
CA LYS B 579 -50.62 19.67 -53.01
C LYS B 579 -49.40 20.28 -52.34
N GLU B 580 -48.22 19.99 -52.90
CA GLU B 580 -46.98 20.55 -52.37
C GLU B 580 -45.89 20.41 -53.42
N MET B 581 -45.51 21.52 -54.05
CA MET B 581 -44.44 21.50 -55.05
C MET B 581 -43.10 21.85 -54.43
N LEU B 582 -42.71 21.02 -53.44
CA LEU B 582 -41.37 21.07 -52.88
C LEU B 582 -40.44 20.17 -53.68
N GLY B 583 -39.20 20.08 -53.23
CA GLY B 583 -38.26 19.09 -53.74
C GLY B 583 -37.39 19.55 -54.89
N GLY B 584 -36.13 19.12 -54.86
CA GLY B 584 -35.19 19.41 -55.92
C GLY B 584 -35.28 18.45 -57.08
N GLU B 585 -34.70 17.26 -56.94
CA GLU B 585 -34.60 16.35 -58.08
C GLU B 585 -34.86 14.89 -57.73
N ILE B 586 -34.22 14.39 -56.67
CA ILE B 586 -34.31 12.96 -56.38
C ILE B 586 -35.78 12.60 -56.09
N ILE B 587 -36.14 11.36 -56.38
CA ILE B 587 -37.50 10.89 -56.19
C ILE B 587 -37.78 10.76 -54.70
N PRO B 588 -39.01 11.01 -54.24
CA PRO B 588 -39.40 10.55 -52.91
C PRO B 588 -39.41 9.03 -52.88
N ARG B 589 -38.72 8.46 -51.90
CA ARG B 589 -38.49 7.02 -51.87
C ARG B 589 -39.45 6.30 -50.94
N SER B 590 -39.70 6.83 -49.75
CA SER B 590 -40.63 6.24 -48.82
C SER B 590 -41.61 7.31 -48.34
N ILE B 591 -42.85 6.89 -48.14
CA ILE B 591 -43.89 7.76 -47.60
C ILE B 591 -44.67 6.94 -46.58
N LEU B 592 -45.06 7.60 -45.49
CA LEU B 592 -45.74 6.89 -44.42
C LEU B 592 -46.46 7.88 -43.53
N MET B 593 -47.66 7.52 -43.10
CA MET B 593 -48.42 8.32 -42.13
C MET B 593 -48.84 7.40 -40.99
N THR B 594 -48.39 7.74 -39.79
CA THR B 594 -48.72 7.02 -38.59
C THR B 594 -49.00 8.08 -37.55
N THR B 595 -49.58 7.68 -36.41
CA THR B 595 -49.96 8.66 -35.41
C THR B 595 -49.26 8.42 -34.09
N PHE B 596 -48.67 9.49 -33.55
CA PHE B 596 -47.95 9.44 -32.28
C PHE B 596 -48.84 10.02 -31.19
N GLU B 597 -48.99 11.35 -31.18
CA GLU B 597 -49.70 12.03 -30.10
C GLU B 597 -50.28 13.36 -30.58
N HIS B 600 -51.72 13.59 -35.56
CA HIS B 600 -51.24 12.86 -36.72
C HIS B 600 -50.22 13.70 -37.49
N TYR B 601 -49.23 13.03 -38.08
CA TYR B 601 -48.22 13.67 -38.91
C TYR B 601 -47.95 12.80 -40.12
N LEU B 602 -47.50 13.45 -41.19
CA LEU B 602 -47.17 12.77 -42.44
C LEU B 602 -45.66 12.82 -42.65
N LEU B 603 -45.08 11.66 -42.92
CA LEU B 603 -43.64 11.54 -43.15
C LEU B 603 -43.37 11.21 -44.61
N CYS B 604 -42.24 11.72 -45.11
CA CYS B 604 -41.81 11.45 -46.47
C CYS B 604 -40.29 11.49 -46.51
N ALA B 605 -39.68 10.53 -47.19
CA ALA B 605 -38.24 10.34 -47.18
C ALA B 605 -37.71 10.48 -48.60
N LEU B 606 -36.90 11.50 -48.85
CA LEU B 606 -36.29 11.70 -50.15
C LEU B 606 -35.20 10.66 -50.40
N GLY B 607 -34.89 10.46 -51.68
CA GLY B 607 -33.84 9.53 -52.05
C GLY B 607 -32.44 10.03 -51.76
N ASP B 608 -32.27 11.34 -51.59
CA ASP B 608 -30.94 11.88 -51.31
C ASP B 608 -30.53 11.59 -49.88
N GLY B 609 -31.48 11.60 -48.94
CA GLY B 609 -31.19 11.30 -47.55
C GLY B 609 -31.94 12.17 -46.57
N ALA B 610 -32.74 13.10 -47.07
CA ALA B 610 -33.49 14.02 -46.23
C ALA B 610 -34.89 13.49 -45.97
N LEU B 611 -35.55 14.08 -44.97
CA LEU B 611 -36.88 13.66 -44.55
C LEU B 611 -37.70 14.86 -44.13
N PHE B 612 -38.97 14.89 -44.53
CA PHE B 612 -39.91 15.94 -44.15
C PHE B 612 -40.96 15.35 -43.22
N TYR B 613 -41.49 16.19 -42.33
CA TYR B 613 -42.65 15.84 -41.53
C TYR B 613 -43.68 16.97 -41.61
N PHE B 614 -44.95 16.57 -41.56
CA PHE B 614 -46.07 17.50 -41.67
C PHE B 614 -47.15 17.10 -40.67
N GLY B 615 -48.19 17.92 -40.58
CA GLY B 615 -49.27 17.68 -39.65
C GLY B 615 -50.62 17.79 -40.32
N LEU B 616 -51.61 17.19 -39.66
CA LEU B 616 -53.01 17.15 -40.08
C LEU B 616 -53.68 16.24 -39.07
N ASN B 617 -55.01 16.20 -39.12
CA ASN B 617 -55.73 15.15 -38.41
C ASN B 617 -56.12 14.07 -39.42
N ILE B 618 -57.22 14.25 -40.16
CA ILE B 618 -57.57 13.25 -41.18
C ILE B 618 -58.21 13.90 -42.40
N GLU B 619 -58.82 15.06 -42.22
CA GLU B 619 -60.09 15.33 -42.91
C GLU B 619 -59.98 16.33 -44.05
N THR B 620 -58.95 17.15 -44.09
CA THR B 620 -58.88 18.26 -45.04
C THR B 620 -57.41 17.86 -45.08
N GLY B 621 -56.58 18.72 -45.66
CA GLY B 621 -55.14 18.78 -45.47
C GLY B 621 -54.50 19.96 -44.79
N LEU B 622 -53.66 19.69 -43.78
CA LEU B 622 -53.05 20.72 -42.96
C LEU B 622 -51.55 20.45 -43.12
N LEU B 623 -50.97 20.65 -44.24
CA LEU B 623 -49.58 20.29 -44.47
C LEU B 623 -48.97 21.67 -44.28
N ASP B 625 -45.70 21.77 -41.84
CA ASP B 625 -44.66 21.73 -40.82
C ASP B 625 -43.34 21.28 -41.43
N ARG B 626 -43.03 21.82 -42.60
CA ARG B 626 -41.84 21.39 -43.32
C ARG B 626 -40.58 21.66 -42.51
N LYS B 627 -39.70 20.67 -42.45
CA LYS B 627 -38.33 20.88 -41.99
C LYS B 627 -37.46 19.81 -42.64
N LYS B 628 -36.43 20.25 -43.35
CA LYS B 628 -35.55 19.35 -44.12
C LYS B 628 -34.54 18.72 -43.16
N VAL B 629 -35.02 17.74 -42.41
CA VAL B 629 -34.15 16.99 -41.50
C VAL B 629 -33.47 15.88 -42.29
N THR B 630 -32.16 15.78 -42.15
CA THR B 630 -31.36 14.80 -42.88
C THR B 630 -30.90 13.71 -41.93
N LEU B 631 -31.19 12.45 -42.29
CA LEU B 631 -30.79 11.31 -41.47
C LEU B 631 -29.52 10.69 -42.04
N GLY B 632 -29.68 9.87 -43.07
CA GLY B 632 -28.57 9.27 -43.78
C GLY B 632 -28.33 9.94 -45.12
N THR B 633 -27.54 9.27 -45.94
CA THR B 633 -27.24 9.73 -47.29
C THR B 633 -27.83 8.82 -48.36
N GLN B 634 -28.47 7.73 -47.97
CA GLN B 634 -29.07 6.78 -48.88
C GLN B 634 -30.58 6.74 -48.66
N PRO B 635 -31.36 6.39 -49.69
CA PRO B 635 -32.82 6.44 -49.55
C PRO B 635 -33.34 5.78 -48.29
N THR B 636 -33.86 6.59 -47.36
CA THR B 636 -34.30 6.11 -46.06
C THR B 636 -35.68 5.48 -46.19
N VAL B 637 -35.76 4.18 -45.95
CA VAL B 637 -37.01 3.44 -46.02
C VAL B 637 -37.66 3.42 -44.64
N LEU B 638 -38.84 4.04 -44.53
CA LEU B 638 -39.55 4.10 -43.27
C LEU B 638 -40.33 2.80 -43.04
N ARG B 639 -40.63 2.55 -41.76
CA ARG B 639 -41.43 1.39 -41.41
C ARG B 639 -41.95 1.54 -39.98
N THR B 640 -43.18 1.07 -39.75
CA THR B 640 -43.84 1.20 -38.47
C THR B 640 -43.49 0.05 -37.54
N PHE B 641 -43.39 0.36 -36.25
CA PHE B 641 -43.20 -0.65 -35.22
C PHE B 641 -43.69 -0.08 -33.89
N ARG B 642 -44.07 -0.98 -32.98
CA ARG B 642 -44.64 -0.57 -31.71
C ARG B 642 -44.30 -1.64 -30.68
N SER B 643 -43.40 -1.32 -29.75
CA SER B 643 -42.91 -2.27 -28.76
C SER B 643 -43.57 -2.04 -27.40
N LEU B 644 -44.87 -2.23 -27.38
CA LEU B 644 -45.68 -2.10 -26.18
C LEU B 644 -45.69 -0.70 -25.62
N SER B 645 -45.39 0.29 -26.44
CA SER B 645 -45.37 1.64 -25.92
C SER B 645 -45.98 2.75 -26.76
N THR B 646 -45.33 3.10 -27.86
CA THR B 646 -45.85 4.16 -28.70
C THR B 646 -45.70 3.81 -30.17
N THR B 647 -46.74 3.92 -30.97
CA THR B 647 -46.56 3.51 -32.35
C THR B 647 -45.35 4.39 -32.60
N ASN B 648 -44.24 3.81 -33.05
CA ASN B 648 -43.10 4.50 -33.62
C ASN B 648 -42.78 3.94 -34.99
N VAL B 649 -41.91 4.64 -35.71
CA VAL B 649 -41.50 4.24 -37.05
C VAL B 649 -39.99 4.02 -37.05
N PHE B 650 -39.56 3.00 -37.78
CA PHE B 650 -38.15 2.67 -37.94
C PHE B 650 -37.68 3.21 -39.28
N ALA B 651 -36.54 3.91 -39.26
CA ALA B 651 -36.03 4.60 -40.45
C ALA B 651 -34.82 3.83 -40.97
N CYS B 652 -35.07 2.86 -41.83
CA CYS B 652 -33.99 2.11 -42.45
C CYS B 652 -33.10 3.03 -43.27
N SER B 653 -31.83 3.10 -42.90
CA SER B 653 -30.87 3.94 -43.60
C SER B 653 -29.47 3.49 -43.19
N ASP B 654 -28.46 4.13 -43.78
CA ASP B 654 -27.09 3.88 -43.36
C ASP B 654 -26.77 4.53 -42.02
N ARG B 655 -27.70 5.29 -41.46
CA ARG B 655 -27.61 5.81 -40.10
C ARG B 655 -28.98 5.63 -39.46
N PRO B 656 -29.39 4.39 -39.17
CA PRO B 656 -30.77 4.12 -38.78
C PRO B 656 -31.25 4.99 -37.62
N THR B 657 -32.22 5.85 -37.91
CA THR B 657 -32.87 6.69 -36.92
C THR B 657 -34.18 6.07 -36.49
N VAL B 658 -34.65 6.47 -35.31
CA VAL B 658 -35.95 6.06 -34.78
C VAL B 658 -36.70 7.31 -34.36
N ILE B 659 -37.95 7.43 -34.80
CA ILE B 659 -38.75 8.61 -34.51
C ILE B 659 -39.58 8.35 -33.26
N LEU B 666 -41.12 15.20 -31.57
CA LEU B 666 -40.25 14.40 -32.42
C LEU B 666 -38.91 14.15 -31.75
N VAL B 667 -38.57 12.88 -31.55
CA VAL B 667 -37.24 12.47 -31.10
C VAL B 667 -36.55 11.75 -32.24
N PHE B 668 -35.29 12.08 -32.47
CA PHE B 668 -34.48 11.49 -33.53
C PHE B 668 -33.27 10.83 -32.88
N SER B 669 -33.46 9.59 -32.43
CA SER B 669 -32.43 8.86 -31.70
C SER B 669 -31.71 7.90 -32.65
N ASN B 670 -30.39 8.05 -32.74
CA ASN B 670 -29.60 7.17 -33.58
C ASN B 670 -29.67 5.74 -33.05
N VAL B 671 -29.44 4.78 -33.95
CA VAL B 671 -29.33 3.37 -33.61
C VAL B 671 -27.87 2.97 -33.80
N ASN B 672 -27.32 2.28 -32.80
CA ASN B 672 -25.91 1.90 -32.80
C ASN B 672 -25.68 0.71 -33.73
N LEU B 673 -26.01 0.90 -34.99
CA LEU B 673 -25.76 -0.09 -36.03
C LEU B 673 -25.17 0.58 -37.26
N LYS B 674 -24.44 -0.20 -38.04
CA LYS B 674 -23.74 0.31 -39.20
C LYS B 674 -24.73 0.77 -40.27
N GLU B 675 -25.46 -0.17 -40.86
CA GLU B 675 -26.36 0.17 -41.96
C GLU B 675 -27.49 -0.85 -42.03
N VAL B 676 -28.70 -0.35 -42.30
CA VAL B 676 -29.89 -1.18 -42.48
C VAL B 676 -30.69 -0.59 -43.63
N ASN B 677 -31.16 -1.44 -44.54
CA ASN B 677 -31.93 -1.01 -45.68
C ASN B 677 -33.40 -1.40 -45.62
N TYR B 678 -33.72 -2.54 -45.00
CA TYR B 678 -35.10 -2.99 -44.86
C TYR B 678 -35.29 -3.64 -43.49
N MET B 679 -36.50 -3.50 -42.95
CA MET B 679 -36.79 -3.97 -41.60
C MET B 679 -38.29 -4.14 -41.47
N CYS B 680 -38.68 -5.01 -40.54
CA CYS B 680 -40.08 -5.22 -40.19
C CYS B 680 -40.15 -5.74 -38.77
N PRO B 681 -41.21 -5.43 -38.02
CA PRO B 681 -41.34 -5.98 -36.66
C PRO B 681 -41.54 -7.49 -36.70
N LEU B 682 -41.48 -8.10 -35.52
CA LEU B 682 -41.62 -9.55 -35.44
C LEU B 682 -42.00 -9.94 -34.02
N ASN B 683 -43.08 -10.72 -33.89
CA ASN B 683 -43.48 -11.34 -32.63
C ASN B 683 -43.61 -12.84 -32.93
N SER B 684 -42.52 -13.57 -32.71
CA SER B 684 -42.35 -14.90 -33.26
C SER B 684 -42.49 -15.97 -32.19
N ASP B 685 -42.80 -17.19 -32.65
CA ASP B 685 -42.86 -18.34 -31.77
C ASP B 685 -41.49 -18.71 -31.23
N GLY B 686 -40.42 -18.37 -31.97
CA GLY B 686 -39.07 -18.71 -31.56
C GLY B 686 -38.23 -17.47 -31.28
N TYR B 687 -38.69 -16.30 -31.73
CA TYR B 687 -37.98 -15.04 -31.55
C TYR B 687 -38.95 -14.01 -30.97
N PRO B 688 -39.22 -14.07 -29.67
CA PRO B 688 -40.31 -13.28 -29.07
C PRO B 688 -40.05 -11.77 -29.08
N ASP B 689 -40.95 -11.04 -29.73
CA ASP B 689 -41.00 -9.57 -29.69
C ASP B 689 -39.70 -8.92 -30.19
N SER B 690 -38.96 -9.62 -31.06
CA SER B 690 -37.64 -9.19 -31.49
C SER B 690 -37.71 -8.65 -32.92
N LEU B 691 -37.27 -7.41 -33.11
CA LEU B 691 -37.30 -6.79 -34.43
C LEU B 691 -36.36 -7.51 -35.39
N ALA B 692 -36.76 -7.57 -36.66
CA ALA B 692 -35.95 -8.14 -37.72
C ALA B 692 -35.36 -7.03 -38.58
N LEU B 693 -34.03 -7.05 -38.75
CA LEU B 693 -33.31 -6.06 -39.52
C LEU B 693 -32.53 -6.76 -40.63
N ALA B 694 -32.62 -6.20 -41.84
CA ALA B 694 -31.90 -6.75 -42.99
C ALA B 694 -31.14 -5.63 -43.71
N ASN B 695 -30.08 -6.04 -44.41
CA ASN B 695 -29.36 -5.15 -45.31
C ASN B 695 -29.02 -5.96 -46.56
N ASN B 696 -28.18 -5.41 -47.42
CA ASN B 696 -27.74 -6.10 -48.62
C ASN B 696 -26.65 -7.14 -48.32
N SER B 697 -26.49 -7.55 -47.07
CA SER B 697 -25.44 -8.49 -46.70
C SER B 697 -25.96 -9.59 -45.78
N THR B 698 -26.60 -9.21 -44.68
CA THR B 698 -26.90 -10.13 -43.59
C THR B 698 -28.32 -9.88 -43.09
N LEU B 699 -28.81 -10.79 -42.24
CA LEU B 699 -30.19 -10.78 -41.75
C LEU B 699 -30.17 -11.05 -40.25
N THR B 700 -30.12 -9.98 -39.45
CA THR B 700 -30.06 -10.09 -38.00
C THR B 700 -31.44 -9.89 -37.38
N ILE B 701 -31.53 -10.23 -36.09
CA ILE B 701 -32.74 -10.05 -35.30
C ILE B 701 -32.32 -9.79 -33.86
N GLY B 702 -33.03 -8.88 -33.21
CA GLY B 702 -32.70 -8.52 -31.85
C GLY B 702 -33.82 -7.76 -31.18
N THR B 703 -33.45 -6.96 -30.18
CA THR B 703 -34.43 -6.20 -29.43
C THR B 703 -34.11 -4.71 -29.48
N ILE B 704 -34.70 -3.94 -28.56
CA ILE B 704 -34.55 -2.49 -28.50
C ILE B 704 -34.40 -2.11 -27.03
N ASP B 705 -33.99 -0.87 -26.80
CA ASP B 705 -33.74 -0.42 -25.44
C ASP B 705 -34.88 0.44 -24.92
N GLU B 706 -35.06 1.58 -25.56
CA GLU B 706 -36.00 2.63 -25.20
C GLU B 706 -36.10 3.47 -26.47
N ILE B 707 -36.73 4.63 -26.41
CA ILE B 707 -36.51 5.56 -27.52
C ILE B 707 -36.29 6.96 -26.95
N GLN B 708 -35.05 7.21 -26.59
CA GLN B 708 -34.54 8.54 -26.24
C GLN B 708 -33.02 8.45 -26.36
N LYS B 709 -32.38 9.61 -26.31
CA LYS B 709 -30.97 9.69 -26.65
C LYS B 709 -30.15 8.70 -25.82
N LEU B 710 -30.11 8.91 -24.51
CA LEU B 710 -29.22 8.16 -23.64
C LEU B 710 -29.97 7.04 -22.93
N HIS B 711 -29.28 5.92 -22.71
CA HIS B 711 -29.78 4.84 -21.87
C HIS B 711 -28.88 4.77 -20.64
N ILE B 712 -29.35 5.34 -19.54
CA ILE B 712 -28.55 5.47 -18.32
C ILE B 712 -28.81 4.26 -17.44
N ARG B 713 -27.85 3.35 -17.39
CA ARG B 713 -27.90 2.22 -16.46
C ARG B 713 -27.36 2.65 -15.10
N THR B 714 -27.91 2.08 -14.05
CA THR B 714 -27.55 2.41 -12.68
C THR B 714 -27.05 1.16 -11.97
N VAL B 715 -25.98 1.31 -11.21
CA VAL B 715 -25.44 0.23 -10.38
C VAL B 715 -25.38 0.73 -8.94
N PRO B 716 -26.42 0.51 -8.14
CA PRO B 716 -26.43 1.06 -6.78
C PRO B 716 -25.29 0.48 -5.94
N LEU B 717 -24.56 1.38 -5.27
CA LEU B 717 -23.51 0.99 -4.34
C LEU B 717 -23.88 1.19 -2.88
N TYR B 718 -24.86 2.04 -2.60
CA TYR B 718 -25.32 2.30 -1.23
C TYR B 718 -24.23 2.92 -0.37
N GLU B 719 -23.20 3.47 -1.01
CA GLU B 719 -22.13 4.19 -0.31
C GLU B 719 -21.55 5.20 -1.30
N SER B 720 -20.50 5.90 -0.88
CA SER B 720 -19.98 7.03 -1.64
C SER B 720 -18.82 6.59 -2.51
N PRO B 721 -18.94 6.66 -3.86
CA PRO B 721 -17.78 6.34 -4.72
C PRO B 721 -17.01 7.59 -5.12
N ARG B 722 -15.68 7.55 -4.98
CA ARG B 722 -14.84 8.72 -5.17
C ARG B 722 -14.03 8.70 -6.46
N LYS B 723 -13.28 7.64 -6.71
CA LYS B 723 -12.44 7.54 -7.90
C LYS B 723 -12.78 6.26 -8.65
N ILE B 724 -12.48 6.27 -9.95
CA ILE B 724 -12.79 5.13 -10.82
C ILE B 724 -11.72 5.02 -11.89
N CYS B 725 -11.34 3.78 -12.19
CA CYS B 725 -10.45 3.47 -13.30
C CYS B 725 -11.02 2.29 -14.08
N TYR B 726 -10.51 2.09 -15.28
CA TYR B 726 -10.87 0.93 -16.09
C TYR B 726 -9.62 0.13 -16.44
N GLN B 727 -9.73 -1.18 -16.34
CA GLN B 727 -8.62 -2.10 -16.57
C GLN B 727 -9.06 -3.12 -17.62
N GLU B 728 -8.53 -2.97 -18.84
CA GLU B 728 -8.97 -3.84 -19.93
C GLU B 728 -8.51 -5.27 -19.73
N VAL B 729 -7.30 -5.46 -19.18
CA VAL B 729 -6.75 -6.80 -19.08
C VAL B 729 -7.59 -7.67 -18.14
N SER B 730 -8.15 -7.07 -17.09
CA SER B 730 -8.98 -7.80 -16.14
C SER B 730 -10.45 -7.82 -16.53
N GLN B 731 -10.85 -7.05 -17.53
CA GLN B 731 -12.25 -6.93 -17.92
C GLN B 731 -13.10 -6.58 -16.70
N CYS B 732 -12.73 -5.49 -16.02
CA CYS B 732 -13.44 -5.04 -14.84
C CYS B 732 -12.97 -3.65 -14.47
N PHE B 733 -13.83 -2.92 -13.77
CA PHE B 733 -13.53 -1.56 -13.34
C PHE B 733 -12.91 -1.58 -11.94
N GLY B 734 -12.15 -0.52 -11.66
CA GLY B 734 -11.63 -0.29 -10.32
C GLY B 734 -12.21 0.99 -9.74
N VAL B 735 -12.76 0.92 -8.53
CA VAL B 735 -13.47 2.04 -7.93
C VAL B 735 -13.05 2.17 -6.48
N LEU B 736 -12.67 3.39 -6.09
CA LEU B 736 -12.45 3.71 -4.68
C LEU B 736 -13.72 4.31 -4.11
N SER B 737 -14.00 4.00 -2.84
CA SER B 737 -15.25 4.41 -2.23
C SER B 737 -15.10 4.41 -0.72
N SER B 738 -15.89 5.26 -0.07
CA SER B 738 -15.89 5.35 1.37
C SER B 738 -17.32 5.20 1.90
N ARG B 739 -17.44 4.62 3.08
CA ARG B 739 -18.71 4.50 3.79
C ARG B 739 -18.54 5.07 5.19
N ILE B 740 -19.65 5.23 5.89
CA ILE B 740 -19.68 5.87 7.20
C ILE B 740 -19.91 4.82 8.27
N GLU B 741 -19.24 4.99 9.41
CA GLU B 741 -19.39 4.10 10.54
C GLU B 741 -19.33 4.91 11.83
N VAL B 742 -20.15 4.51 12.80
CA VAL B 742 -20.29 5.22 14.06
C VAL B 742 -19.69 4.36 15.17
N GLN B 743 -19.14 5.02 16.18
CA GLN B 743 -18.49 4.30 17.27
C GLN B 743 -19.54 3.46 17.99
N ASP B 744 -19.27 2.16 18.09
CA ASP B 744 -20.24 1.18 18.52
C ASP B 744 -20.35 1.10 20.04
N GLY B 748 -15.16 0.54 19.17
CA GLY B 748 -14.99 0.49 17.74
C GLY B 748 -16.19 1.02 17.00
N THR B 749 -16.26 0.74 15.70
CA THR B 749 -17.27 1.28 14.80
C THR B 749 -18.28 0.21 14.41
N THR B 750 -19.22 0.59 13.54
CA THR B 750 -20.20 -0.34 12.99
C THR B 750 -20.66 0.16 11.63
N ALA B 751 -21.26 -0.75 10.86
CA ALA B 751 -21.83 -0.41 9.56
C ALA B 751 -23.26 0.07 9.74
N LEU B 752 -23.59 1.20 9.11
CA LEU B 752 -24.92 1.76 9.25
C LEU B 752 -25.95 0.95 8.46
N ARG B 753 -25.72 0.80 7.16
CA ARG B 753 -26.59 0.03 6.29
C ARG B 753 -25.76 -0.91 5.44
N PRO B 754 -26.30 -2.07 5.08
CA PRO B 754 -25.55 -3.00 4.23
C PRO B 754 -25.21 -2.38 2.88
N SER B 755 -23.98 -1.90 2.73
CA SER B 755 -23.55 -1.27 1.50
C SER B 755 -22.76 -2.26 0.65
N ALA B 756 -22.36 -1.81 -0.54
CA ALA B 756 -21.75 -2.72 -1.52
C ALA B 756 -20.42 -3.25 -1.03
N SER B 757 -19.60 -2.40 -0.38
CA SER B 757 -18.29 -2.84 0.08
C SER B 757 -18.37 -3.93 1.14
N THR B 758 -19.47 -4.00 1.89
CA THR B 758 -19.62 -4.98 2.95
C THR B 758 -20.26 -6.28 2.48
N GLN B 759 -20.99 -6.25 1.37
CA GLN B 759 -21.62 -7.43 0.80
C GLN B 759 -20.94 -7.84 -0.50
N ALA B 760 -19.62 -7.73 -0.54
CA ALA B 760 -18.84 -8.14 -1.69
C ALA B 760 -18.55 -9.64 -1.63
N LEU B 761 -18.11 -10.18 -2.76
CA LEU B 761 -17.89 -11.62 -2.85
C LEU B 761 -16.55 -12.03 -2.21
N SER B 762 -15.50 -11.23 -2.40
CA SER B 762 -14.19 -11.60 -1.88
C SER B 762 -13.75 -10.93 -0.59
N SER B 763 -13.66 -9.59 -0.58
CA SER B 763 -13.70 -8.76 0.62
C SER B 763 -12.48 -8.92 1.54
N SER B 764 -11.26 -8.73 1.02
CA SER B 764 -10.07 -8.81 1.88
C SER B 764 -9.87 -7.50 2.65
N VAL B 765 -8.83 -7.49 3.51
CA VAL B 765 -8.50 -6.32 4.33
C VAL B 765 -7.01 -6.04 4.21
N SER B 766 -6.44 -5.34 5.20
CA SER B 766 -5.11 -4.77 5.07
C SER B 766 -4.16 -5.44 6.05
N SER B 767 -4.02 -4.94 7.28
CA SER B 767 -3.03 -5.44 8.24
C SER B 767 -1.61 -5.17 7.73
N SER B 768 -1.27 -3.89 7.57
CA SER B 768 0.06 -3.47 7.11
C SER B 768 0.71 -2.66 8.22
N LYS B 769 1.73 -3.25 8.86
CA LYS B 769 2.47 -2.56 9.90
C LYS B 769 3.42 -1.54 9.28
N LEU B 770 2.96 -0.29 9.16
CA LEU B 770 3.86 0.81 8.80
C LEU B 770 3.71 2.00 9.73
N PHE B 771 2.84 1.92 10.73
CA PHE B 771 2.52 3.08 11.56
C PHE B 771 2.42 2.66 13.01
N SER B 772 2.63 3.63 13.90
CA SER B 772 2.44 3.45 15.33
C SER B 772 1.88 4.68 16.03
N SER B 773 2.02 5.87 15.46
CA SER B 773 1.56 7.10 16.09
C SER B 773 0.23 7.56 15.52
N SER B 781 -13.00 8.45 20.54
CA SER B 781 -14.13 9.13 21.18
C SER B 781 -15.41 8.32 21.01
N PHE B 782 -16.56 8.99 21.02
CA PHE B 782 -17.85 8.32 20.92
C PHE B 782 -18.70 8.97 19.83
N GLY B 783 -19.32 8.12 19.00
CA GLY B 783 -20.36 8.53 18.07
C GLY B 783 -19.97 9.59 17.06
N GLU B 784 -18.73 9.61 16.59
CA GLU B 784 -18.23 10.70 15.76
C GLU B 784 -18.22 10.39 14.26
N GLU B 785 -18.76 9.24 13.82
CA GLU B 785 -19.04 8.99 12.41
C GLU B 785 -17.74 8.99 11.60
N VAL B 786 -16.96 7.92 11.78
CA VAL B 786 -15.69 7.83 11.07
C VAL B 786 -15.93 7.16 9.72
N GLU B 787 -15.06 7.46 8.75
CA GLU B 787 -15.16 6.95 7.40
C GLU B 787 -14.30 5.71 7.20
N VAL B 788 -14.76 4.84 6.30
CA VAL B 788 -14.10 3.59 5.95
C VAL B 788 -13.94 3.55 4.44
N HIS B 789 -12.72 3.27 3.98
CA HIS B 789 -12.40 3.34 2.56
C HIS B 789 -11.97 1.98 2.04
N ASN B 790 -12.44 1.65 0.84
CA ASN B 790 -12.12 0.38 0.21
C ASN B 790 -11.75 0.62 -1.24
N LEU B 791 -11.19 -0.41 -1.85
CA LEU B 791 -10.99 -0.48 -3.30
C LEU B 791 -11.94 -1.53 -3.85
N LEU B 792 -12.86 -1.11 -4.69
CA LEU B 792 -13.91 -1.99 -5.20
C LEU B 792 -13.50 -2.52 -6.57
N ILE B 793 -13.55 -3.85 -6.72
CA ILE B 793 -13.29 -4.48 -8.00
C ILE B 793 -14.64 -4.81 -8.64
N ILE B 794 -15.31 -3.78 -9.16
CA ILE B 794 -16.56 -3.97 -9.88
C ILE B 794 -16.28 -4.72 -11.18
N ASP B 795 -17.15 -5.66 -11.51
CA ASP B 795 -17.07 -6.35 -12.79
C ASP B 795 -17.73 -5.49 -13.88
N GLN B 796 -17.33 -5.72 -15.13
CA GLN B 796 -17.71 -4.81 -16.20
C GLN B 796 -18.93 -5.24 -17.00
N HIS B 797 -19.30 -6.52 -16.95
CA HIS B 797 -20.52 -6.97 -17.62
C HIS B 797 -21.62 -7.15 -16.58
N THR B 798 -21.49 -8.16 -15.73
CA THR B 798 -22.37 -8.34 -14.58
C THR B 798 -21.84 -7.48 -13.45
N PHE B 799 -22.16 -6.18 -13.52
CA PHE B 799 -21.67 -5.23 -12.53
C PHE B 799 -21.85 -6.14 -11.33
N GLU B 800 -20.81 -6.24 -10.50
CA GLU B 800 -20.87 -6.84 -9.17
C GLU B 800 -19.57 -6.54 -8.45
N VAL B 801 -19.64 -6.50 -7.13
CA VAL B 801 -18.44 -6.26 -6.35
C VAL B 801 -17.69 -7.59 -6.19
N LEU B 802 -16.86 -7.91 -7.18
CA LEU B 802 -16.02 -9.10 -7.08
C LEU B 802 -15.20 -9.09 -5.80
N HIS B 803 -14.37 -8.06 -5.65
CA HIS B 803 -13.49 -7.93 -4.51
C HIS B 803 -13.69 -6.56 -3.88
N ALA B 804 -13.52 -6.51 -2.55
CA ALA B 804 -13.63 -5.25 -1.80
C ALA B 804 -12.53 -5.24 -0.75
N HIS B 805 -11.40 -4.64 -1.10
CA HIS B 805 -10.26 -4.54 -0.19
C HIS B 805 -10.38 -3.31 0.68
N GLN B 806 -10.33 -3.51 1.99
CA GLN B 806 -10.50 -2.42 2.95
C GLN B 806 -9.14 -1.88 3.39
N PHE B 807 -9.07 -0.56 3.54
CA PHE B 807 -7.84 0.11 3.95
C PHE B 807 -7.79 0.18 5.48
N LEU B 808 -6.82 0.93 6.00
CA LEU B 808 -6.68 1.10 7.44
C LEU B 808 -7.58 2.21 7.93
N GLN B 809 -7.81 2.21 9.24
CA GLN B 809 -8.64 3.25 9.85
C GLN B 809 -7.94 4.60 9.75
N ASN B 810 -8.73 5.65 9.54
CA ASN B 810 -8.22 7.01 9.37
C ASN B 810 -7.37 7.15 8.11
N GLU B 811 -7.45 6.18 7.20
CA GLU B 811 -6.75 6.23 5.92
C GLU B 811 -7.77 6.45 4.82
N TYR B 812 -7.68 7.59 4.14
CA TYR B 812 -8.61 7.95 3.09
C TYR B 812 -7.92 7.79 1.74
N ALA B 813 -8.56 7.08 0.83
CA ALA B 813 -8.06 6.96 -0.54
C ALA B 813 -8.39 8.21 -1.34
N LEU B 814 -7.43 8.66 -2.14
CA LEU B 814 -7.57 9.91 -2.86
C LEU B 814 -7.22 9.84 -4.34
N SER B 815 -6.60 8.76 -4.80
CA SER B 815 -6.20 8.66 -6.21
C SER B 815 -6.16 7.20 -6.62
N LEU B 816 -6.46 6.95 -7.89
CA LEU B 816 -6.55 5.61 -8.43
C LEU B 816 -5.95 5.58 -9.84
N VAL B 817 -5.16 4.55 -10.11
CA VAL B 817 -4.48 4.39 -11.40
C VAL B 817 -4.46 2.92 -11.75
N SER B 818 -4.75 2.62 -13.02
CA SER B 818 -4.70 1.26 -13.55
C SER B 818 -3.81 1.27 -14.80
N CYS B 819 -2.55 0.90 -14.64
CA CYS B 819 -1.57 1.02 -15.71
C CYS B 819 -0.50 -0.05 -15.55
N LYS B 820 0.44 -0.06 -16.48
CA LYS B 820 1.68 -0.81 -16.34
C LYS B 820 2.81 0.16 -16.04
N LEU B 821 3.83 -0.33 -15.35
CA LEU B 821 4.97 0.49 -14.97
C LEU B 821 6.26 -0.20 -15.40
N GLY B 822 7.16 0.59 -15.99
CA GLY B 822 8.40 0.06 -16.51
C GLY B 822 8.15 -0.98 -17.59
N LYS B 823 9.05 -1.95 -17.67
CA LYS B 823 8.89 -3.09 -18.55
C LYS B 823 8.24 -4.26 -17.84
N ASP B 824 7.52 -4.01 -16.75
CA ASP B 824 6.82 -5.08 -16.04
C ASP B 824 5.61 -5.51 -16.85
N PRO B 825 5.48 -6.80 -17.17
CA PRO B 825 4.34 -7.21 -18.02
C PRO B 825 2.98 -6.99 -17.39
N ASN B 826 2.89 -6.95 -16.07
CA ASN B 826 1.61 -6.91 -15.38
C ASN B 826 0.99 -5.52 -15.45
N THR B 827 -0.34 -5.49 -15.44
CA THR B 827 -1.10 -4.27 -15.26
C THR B 827 -1.65 -4.24 -13.84
N TYR B 828 -1.39 -3.15 -13.13
CA TYR B 828 -1.66 -3.07 -11.70
C TYR B 828 -2.73 -2.03 -11.40
N PHE B 829 -3.36 -2.18 -10.24
CA PHE B 829 -4.19 -1.14 -9.64
C PHE B 829 -3.34 -0.43 -8.59
N ILE B 830 -2.94 0.80 -8.89
CA ILE B 830 -2.14 1.62 -7.98
C ILE B 830 -3.09 2.55 -7.24
N VAL B 831 -3.00 2.56 -5.91
CA VAL B 831 -3.85 3.38 -5.06
C VAL B 831 -2.96 4.21 -4.14
N GLY B 832 -3.20 5.52 -4.10
CA GLY B 832 -2.47 6.42 -3.23
C GLY B 832 -3.41 7.00 -2.19
N THR B 833 -3.01 6.85 -0.92
CA THR B 833 -3.89 7.13 0.21
C THR B 833 -3.35 8.32 1.01
N ALA B 834 -4.02 8.59 2.12
CA ALA B 834 -3.65 9.70 3.00
C ALA B 834 -4.20 9.43 4.39
N MET B 835 -3.33 9.48 5.40
CA MET B 835 -3.75 9.30 6.78
C MET B 835 -4.36 10.61 7.28
N VAL B 836 -5.64 10.55 7.63
CA VAL B 836 -6.39 11.74 8.04
C VAL B 836 -6.73 11.58 9.51
N TYR B 837 -6.14 12.42 10.35
CA TYR B 837 -6.56 12.49 11.74
C TYR B 837 -7.53 13.66 11.90
N PRO B 838 -8.73 13.46 12.44
CA PRO B 838 -9.76 14.51 12.37
C PRO B 838 -9.38 15.80 13.09
N GLU B 839 -8.43 15.75 14.01
CA GLU B 839 -8.14 16.90 14.86
C GLU B 839 -7.25 17.92 14.16
N GLU B 840 -6.09 17.50 13.65
CA GLU B 840 -5.17 18.39 12.94
C GLU B 840 -5.46 18.27 11.45
N ALA B 841 -5.93 19.36 10.85
CA ALA B 841 -6.39 19.34 9.46
C ALA B 841 -5.26 19.46 8.44
N GLU B 842 -4.16 18.74 8.64
CA GLU B 842 -3.12 18.66 7.64
C GLU B 842 -2.47 17.27 7.70
N PRO B 843 -2.51 16.48 6.62
CA PRO B 843 -1.99 15.12 6.70
C PRO B 843 -0.46 15.09 6.81
N LYS B 844 0.04 14.19 7.66
CA LYS B 844 1.47 13.93 7.78
C LYS B 844 1.89 12.63 7.12
N GLN B 845 1.01 11.63 7.12
CA GLN B 845 1.35 10.28 6.66
C GLN B 845 0.51 9.91 5.44
N GLY B 846 1.12 9.14 4.54
CA GLY B 846 0.43 8.64 3.37
C GLY B 846 0.89 7.26 2.96
N ARG B 847 0.47 6.80 1.80
CA ARG B 847 0.85 5.49 1.30
C ARG B 847 0.55 5.41 -0.19
N ILE B 848 1.48 4.79 -0.93
CA ILE B 848 1.23 4.35 -2.30
C ILE B 848 1.25 2.84 -2.29
N VAL B 849 0.14 2.22 -2.69
CA VAL B 849 -0.01 0.77 -2.68
C VAL B 849 -0.22 0.29 -4.11
N VAL B 850 0.39 -0.84 -4.43
CA VAL B 850 0.29 -1.44 -5.76
C VAL B 850 -0.37 -2.79 -5.62
N PHE B 851 -1.54 -2.95 -6.22
CA PHE B 851 -2.29 -4.19 -6.20
C PHE B 851 -2.26 -4.85 -7.57
N GLN B 852 -2.70 -6.11 -7.61
CA GLN B 852 -2.89 -6.81 -8.87
C GLN B 852 -4.07 -7.77 -8.73
N TYR B 853 -4.96 -7.73 -9.72
CA TYR B 853 -6.07 -8.68 -9.78
C TYR B 853 -5.62 -9.84 -10.66
N SER B 854 -5.09 -10.87 -10.02
CA SER B 854 -4.50 -12.01 -10.74
C SER B 854 -5.58 -12.82 -11.41
N ASP B 855 -6.37 -13.56 -10.63
CA ASP B 855 -7.51 -14.29 -11.16
C ASP B 855 -8.76 -13.87 -10.44
N GLY B 856 -8.93 -14.35 -9.21
CA GLY B 856 -10.01 -13.92 -8.35
C GLY B 856 -9.49 -13.27 -7.08
N LYS B 857 -8.17 -13.28 -6.92
CA LYS B 857 -7.52 -12.70 -5.76
C LYS B 857 -6.98 -11.32 -6.09
N LEU B 858 -6.69 -10.57 -5.03
CA LEU B 858 -6.24 -9.18 -5.12
C LEU B 858 -4.88 -9.09 -4.43
N GLN B 859 -3.84 -9.51 -5.14
CA GLN B 859 -2.49 -9.54 -4.56
C GLN B 859 -2.01 -8.12 -4.26
N THR B 860 -1.29 -7.99 -3.15
CA THR B 860 -0.61 -6.74 -2.80
C THR B 860 0.86 -6.88 -3.20
N VAL B 861 1.27 -6.12 -4.21
CA VAL B 861 2.62 -6.21 -4.73
C VAL B 861 3.57 -5.39 -3.87
N ALA B 862 3.49 -4.07 -3.96
CA ALA B 862 4.48 -3.19 -3.35
C ALA B 862 3.79 -2.18 -2.45
N GLU B 863 4.60 -1.34 -1.79
CA GLU B 863 4.12 -0.38 -0.81
C GLU B 863 5.53 0.16 -0.59
N LYS B 864 5.67 1.48 -0.47
CA LYS B 864 6.20 2.82 -0.69
C LYS B 864 5.75 3.81 0.38
N GLU B 865 6.26 3.64 1.60
CA GLU B 865 5.86 4.52 2.69
C GLU B 865 6.06 6.01 2.42
N VAL B 866 5.00 6.78 2.66
CA VAL B 866 4.89 8.16 2.21
C VAL B 866 4.46 9.01 3.40
N LYS B 867 4.96 10.24 3.43
CA LYS B 867 4.62 11.19 4.49
C LYS B 867 4.01 12.42 3.82
N GLY B 868 2.67 12.45 3.78
CA GLY B 868 1.92 13.43 3.04
C GLY B 868 0.67 12.82 2.44
N ALA B 869 -0.16 13.61 1.76
CA ALA B 869 -1.41 13.12 1.19
C ALA B 869 -1.22 12.94 -0.32
N VAL B 870 -1.48 11.72 -0.81
CA VAL B 870 -1.26 11.40 -2.23
C VAL B 870 -2.54 11.84 -2.94
N TYR B 871 -2.58 13.13 -3.30
CA TYR B 871 -3.81 13.70 -3.82
C TYR B 871 -4.18 13.11 -5.18
N SER B 872 -3.24 13.12 -6.12
CA SER B 872 -3.48 12.55 -7.45
C SER B 872 -2.20 11.91 -7.96
N MET B 873 -2.35 11.13 -9.03
CA MET B 873 -1.22 10.48 -9.67
C MET B 873 -1.69 9.90 -11.00
N VAL B 874 -0.75 9.78 -11.94
CA VAL B 874 -1.07 9.34 -13.29
C VAL B 874 0.14 8.63 -13.87
N GLU B 875 -0.12 7.62 -14.70
CA GLU B 875 0.95 6.99 -15.45
C GLU B 875 1.54 8.00 -16.42
N PHE B 876 2.88 8.06 -16.46
CA PHE B 876 3.56 9.08 -17.24
C PHE B 876 4.24 8.56 -18.49
N ASN B 877 5.33 7.78 -18.37
CA ASN B 877 6.01 7.18 -19.52
C ASN B 877 6.59 5.89 -18.95
N GLY B 878 5.70 4.98 -18.54
CA GLY B 878 6.12 3.82 -17.76
C GLY B 878 6.53 4.15 -16.35
N LYS B 879 6.46 5.40 -15.94
CA LYS B 879 6.78 5.86 -14.60
C LYS B 879 5.52 6.32 -13.90
N LEU B 880 5.56 6.29 -12.56
CA LEU B 880 4.40 6.62 -11.74
C LEU B 880 4.53 8.05 -11.24
N LEU B 881 4.00 8.99 -12.00
CA LEU B 881 3.92 10.37 -11.56
C LEU B 881 2.90 10.49 -10.44
N ALA B 882 3.32 11.06 -9.31
CA ALA B 882 2.48 11.12 -8.12
C ALA B 882 2.58 12.50 -7.49
N SER B 883 1.49 12.90 -6.83
CA SER B 883 1.37 14.22 -6.21
C SER B 883 1.13 14.04 -4.72
N ILE B 884 2.00 14.64 -3.91
CA ILE B 884 1.89 14.59 -2.45
C ILE B 884 1.79 16.02 -1.94
N ASN B 885 1.38 16.15 -0.67
CA ASN B 885 1.33 17.44 0.00
C ASN B 885 2.62 18.21 -0.21
N SER B 886 2.56 19.26 -1.05
CA SER B 886 3.68 20.15 -1.34
C SER B 886 4.79 19.46 -2.13
N THR B 887 4.56 18.27 -2.65
CA THR B 887 5.59 17.50 -3.34
C THR B 887 4.98 16.78 -4.53
N VAL B 888 5.68 16.81 -5.66
CA VAL B 888 5.25 16.12 -6.88
C VAL B 888 6.42 15.25 -7.32
N ARG B 889 6.39 13.98 -6.96
CA ARG B 889 7.46 13.05 -7.31
C ARG B 889 7.16 12.37 -8.66
N LEU B 890 8.22 11.87 -9.28
CA LEU B 890 8.12 10.95 -10.41
C LEU B 890 8.79 9.66 -9.99
N TYR B 891 8.00 8.64 -9.69
CA TYR B 891 8.52 7.36 -9.25
C TYR B 891 8.97 6.54 -10.46
N GLU B 892 9.53 5.36 -10.19
CA GLU B 892 10.06 4.50 -11.23
C GLU B 892 9.98 3.06 -10.76
N TRP B 893 9.51 2.18 -11.64
CA TRP B 893 9.24 0.78 -11.29
C TRP B 893 10.51 -0.03 -11.46
N THR B 894 11.15 -0.40 -10.35
CA THR B 894 12.34 -1.22 -10.40
C THR B 894 11.98 -2.67 -10.65
N THR B 895 12.92 -3.40 -11.25
CA THR B 895 12.71 -4.82 -11.51
C THR B 895 12.43 -5.59 -10.24
N GLU B 896 12.85 -5.06 -9.09
CA GLU B 896 12.60 -5.66 -7.79
C GLU B 896 11.19 -5.39 -7.28
N LYS B 897 10.35 -4.74 -8.08
CA LYS B 897 8.94 -4.50 -7.73
C LYS B 897 8.83 -3.66 -6.46
N GLU B 898 9.55 -2.55 -6.44
CA GLU B 898 9.37 -1.51 -5.43
C GLU B 898 9.53 -0.18 -6.14
N LEU B 899 8.43 0.51 -6.42
CA LEU B 899 8.54 1.79 -7.10
C LEU B 899 9.32 2.76 -6.23
N ARG B 900 10.39 3.31 -6.80
CA ARG B 900 11.25 4.23 -6.08
C ARG B 900 11.76 5.28 -7.07
N THR B 901 12.25 6.38 -6.51
CA THR B 901 12.98 7.36 -7.29
C THR B 901 14.20 7.86 -6.52
N HIS B 905 12.58 14.74 -4.95
CA HIS B 905 12.46 14.55 -6.38
C HIS B 905 11.24 15.29 -6.90
N TYR B 906 11.16 16.58 -6.59
CA TYR B 906 9.91 17.31 -6.75
C TYR B 906 10.13 18.70 -7.31
N ASN B 907 9.06 19.23 -7.89
CA ASN B 907 8.80 20.66 -7.84
C ASN B 907 8.10 20.94 -6.51
N ASN B 908 8.57 21.96 -5.79
CA ASN B 908 8.07 22.22 -4.45
C ASN B 908 6.77 23.00 -4.55
N ILE B 909 5.67 22.27 -4.68
CA ILE B 909 4.34 22.87 -4.83
C ILE B 909 3.31 21.83 -4.40
N MET B 910 2.12 22.30 -4.00
CA MET B 910 1.08 21.42 -3.46
C MET B 910 0.07 21.12 -4.56
N ALA B 911 0.27 20.01 -5.26
CA ALA B 911 -0.60 19.65 -6.37
C ALA B 911 -1.84 18.92 -5.87
N LEU B 912 -3.02 19.42 -6.26
CA LEU B 912 -4.28 18.72 -6.02
C LEU B 912 -4.67 17.85 -7.21
N TYR B 913 -4.55 18.38 -8.41
CA TYR B 913 -4.93 17.66 -9.63
C TYR B 913 -3.76 17.68 -10.59
N LEU B 914 -3.74 16.69 -11.48
CA LEU B 914 -2.57 16.40 -12.30
C LEU B 914 -3.03 15.75 -13.58
N LYS B 915 -2.43 16.16 -14.70
CA LYS B 915 -2.73 15.58 -15.99
C LYS B 915 -1.42 15.48 -16.77
N THR B 916 -1.52 15.08 -18.04
CA THR B 916 -0.32 14.79 -18.79
C THR B 916 -0.55 14.62 -20.30
N LYS B 917 0.25 15.34 -21.10
CA LYS B 917 0.36 15.04 -22.51
C LYS B 917 1.81 14.72 -22.77
N GLY B 918 2.34 13.79 -21.97
CA GLY B 918 3.74 13.48 -21.92
C GLY B 918 4.03 13.46 -23.40
N ASP B 919 4.85 14.40 -23.85
CA ASP B 919 6.18 14.44 -24.44
C ASP B 919 7.22 14.82 -23.42
N PHE B 920 6.94 14.44 -22.18
CA PHE B 920 7.55 14.92 -20.96
C PHE B 920 6.96 16.26 -20.52
N ILE B 921 5.80 16.65 -21.06
CA ILE B 921 5.09 17.86 -20.67
C ILE B 921 4.02 17.48 -19.66
N LEU B 922 4.04 18.11 -18.49
CA LEU B 922 3.08 17.87 -17.42
C LEU B 922 2.15 19.06 -17.26
N VAL B 923 1.02 18.82 -16.60
CA VAL B 923 0.19 19.88 -16.04
C VAL B 923 -0.17 19.49 -14.63
N GLY B 924 0.15 20.37 -13.69
CA GLY B 924 -0.19 20.16 -12.29
C GLY B 924 -1.14 21.25 -11.84
N ASP B 925 -2.19 20.84 -11.13
CA ASP B 925 -3.15 21.80 -10.60
C ASP B 925 -2.78 22.10 -9.17
N LEU B 926 -3.53 23.03 -8.57
CA LEU B 926 -3.17 23.65 -7.31
C LEU B 926 -4.34 24.54 -6.93
N MET B 927 -4.39 24.91 -5.66
CA MET B 927 -5.38 25.89 -5.24
C MET B 927 -5.19 27.21 -6.00
N ARG B 928 -3.98 27.46 -6.50
CA ARG B 928 -3.65 28.71 -7.20
C ARG B 928 -3.22 28.39 -8.63
N SER B 929 -4.20 28.38 -9.54
CA SER B 929 -4.03 28.17 -10.98
C SER B 929 -3.18 26.97 -11.42
N VAL B 930 -2.33 27.16 -12.43
CA VAL B 930 -1.62 26.04 -13.05
C VAL B 930 -0.16 26.43 -13.30
N LEU B 931 0.69 25.41 -13.39
CA LEU B 931 2.03 25.55 -13.93
C LEU B 931 2.27 24.47 -14.98
N LEU B 932 3.42 24.54 -15.64
CA LEU B 932 3.76 23.65 -16.74
C LEU B 932 5.15 23.10 -16.49
N LEU B 933 5.25 21.79 -16.29
CA LEU B 933 6.51 21.12 -16.03
C LEU B 933 6.90 20.25 -17.20
N ALA B 934 8.21 20.19 -17.45
CA ALA B 934 8.77 19.30 -18.46
C ALA B 934 9.81 18.39 -17.81
N TYR B 935 9.71 17.11 -18.11
CA TYR B 935 10.73 16.14 -17.72
C TYR B 935 11.76 16.03 -18.84
N LYS B 936 13.00 15.80 -18.46
CA LYS B 936 14.10 15.74 -19.42
C LYS B 936 14.90 14.47 -19.18
N PRO B 937 15.00 13.56 -20.17
CA PRO B 937 15.94 12.44 -20.03
C PRO B 937 17.37 12.95 -19.87
N MET B 938 17.58 13.64 -18.75
CA MET B 938 18.77 14.44 -18.52
C MET B 938 19.06 14.07 -17.07
N GLU B 939 18.17 14.53 -16.18
CA GLU B 939 18.29 14.37 -14.75
C GLU B 939 16.92 13.97 -14.24
N GLY B 940 16.86 13.56 -12.97
CA GLY B 940 15.58 13.20 -12.40
C GLY B 940 14.61 14.35 -12.23
N ASN B 941 15.05 15.58 -12.47
CA ASN B 941 14.27 16.77 -12.13
C ASN B 941 13.47 17.26 -13.34
N PHE B 942 12.33 17.88 -13.04
CA PHE B 942 11.56 18.62 -14.03
C PHE B 942 12.09 20.05 -14.12
N GLU B 943 11.70 20.73 -15.19
CA GLU B 943 11.94 22.16 -15.34
C GLU B 943 10.60 22.88 -15.46
N GLU B 944 10.46 23.98 -14.72
CA GLU B 944 9.24 24.79 -14.76
C GLU B 944 9.26 25.62 -16.03
N ILE B 945 8.45 25.21 -17.01
CA ILE B 945 8.38 25.93 -18.28
C ILE B 945 7.74 27.30 -18.07
N ALA B 946 6.47 27.31 -17.71
CA ALA B 946 5.70 28.54 -17.64
C ALA B 946 4.49 28.30 -16.76
N ARG B 947 4.35 29.09 -15.70
CA ARG B 947 3.21 28.94 -14.80
C ARG B 947 2.20 30.06 -15.05
N ASP B 948 1.14 30.05 -14.24
CA ASP B 948 0.06 31.02 -14.36
C ASP B 948 -0.14 31.72 -13.02
N PHE B 949 -0.21 33.03 -13.09
CA PHE B 949 -0.26 33.85 -11.90
C PHE B 949 -1.54 34.50 -11.41
N ASN B 950 -2.62 34.59 -12.20
CA ASN B 950 -3.82 35.16 -11.62
C ASN B 950 -4.29 33.93 -10.94
N PRO B 951 -4.58 34.04 -9.58
CA PRO B 951 -4.93 32.79 -8.94
C PRO B 951 -6.35 32.39 -9.07
N ASN B 952 -6.58 31.11 -9.11
CA ASN B 952 -7.89 30.59 -9.21
C ASN B 952 -7.94 29.39 -8.32
N TRP B 953 -8.97 29.25 -7.50
CA TRP B 953 -9.11 28.08 -6.63
C TRP B 953 -9.67 26.94 -7.47
N MET B 954 -8.80 26.06 -7.93
CA MET B 954 -9.12 25.14 -9.00
C MET B 954 -9.83 23.89 -8.48
N SER B 955 -10.51 23.21 -9.40
CA SER B 955 -11.19 21.95 -9.12
C SER B 955 -11.05 20.92 -10.22
N ALA B 956 -10.42 21.25 -11.35
CA ALA B 956 -10.27 20.29 -12.45
C ALA B 956 -9.24 20.85 -13.43
N VAL B 957 -8.72 19.96 -14.27
CA VAL B 957 -7.63 20.30 -15.20
C VAL B 957 -7.68 19.34 -16.37
N GLU B 958 -7.27 19.84 -17.54
CA GLU B 958 -7.17 19.01 -18.74
C GLU B 958 -6.25 19.69 -19.74
N ILE B 959 -5.73 18.89 -20.67
CA ILE B 959 -4.88 19.37 -21.75
C ILE B 959 -5.61 19.17 -23.06
N LEU B 960 -5.69 20.23 -23.87
CA LEU B 960 -6.21 20.11 -25.22
C LEU B 960 -5.10 19.75 -26.20
N ASP B 961 -3.98 20.46 -26.15
CA ASP B 961 -2.80 20.10 -26.91
C ASP B 961 -1.59 20.75 -26.21
N ASP B 962 -0.48 20.88 -26.94
CA ASP B 962 0.77 21.29 -26.32
C ASP B 962 0.76 22.73 -25.83
N ASP B 963 -0.12 23.58 -26.37
CA ASP B 963 -0.17 24.99 -25.96
C ASP B 963 -1.60 25.39 -25.60
N ASN B 964 -2.42 24.45 -25.16
CA ASN B 964 -3.79 24.74 -24.75
C ASN B 964 -4.12 23.89 -23.53
N PHE B 965 -4.39 24.55 -22.41
CA PHE B 965 -4.61 23.88 -21.13
C PHE B 965 -5.93 24.35 -20.55
N LEU B 966 -6.83 23.41 -20.29
CA LEU B 966 -8.19 23.71 -19.87
C LEU B 966 -8.26 23.76 -18.35
N GLY B 967 -8.91 24.79 -17.82
CA GLY B 967 -9.03 24.97 -16.38
C GLY B 967 -10.46 25.06 -15.91
N ALA B 968 -10.68 24.77 -14.63
CA ALA B 968 -12.00 24.86 -14.01
C ALA B 968 -11.82 25.18 -12.54
N GLU B 969 -12.51 26.21 -12.07
CA GLU B 969 -12.29 26.81 -10.77
C GLU B 969 -13.59 26.74 -9.97
N ASN B 970 -13.48 26.76 -8.64
CA ASN B 970 -14.67 26.64 -7.81
C ASN B 970 -15.43 27.96 -7.72
N ALA B 971 -15.32 28.77 -8.78
CA ALA B 971 -16.44 29.58 -9.21
C ALA B 971 -17.06 28.65 -10.24
N PHE B 972 -17.88 29.16 -11.16
CA PHE B 972 -18.46 28.30 -12.18
C PHE B 972 -18.11 28.73 -13.59
N ASN B 973 -16.85 29.11 -13.78
CA ASN B 973 -16.32 29.53 -15.05
C ASN B 973 -15.13 28.66 -15.45
N LEU B 974 -14.89 28.60 -16.74
CA LEU B 974 -13.77 27.88 -17.33
C LEU B 974 -12.76 28.87 -17.87
N PHE B 975 -11.56 28.36 -18.16
CA PHE B 975 -10.54 29.21 -18.77
C PHE B 975 -9.45 28.33 -19.37
N VAL B 976 -8.85 28.83 -20.45
CA VAL B 976 -7.78 28.14 -21.15
C VAL B 976 -6.52 28.99 -21.06
N CYS B 977 -5.39 28.33 -20.84
CA CYS B 977 -4.09 28.96 -20.80
C CYS B 977 -3.29 28.58 -22.04
N GLN B 978 -2.23 29.34 -22.30
CA GLN B 978 -1.44 29.15 -23.51
C GLN B 978 -0.08 29.81 -23.33
N LYS B 979 0.98 29.12 -23.75
CA LYS B 979 2.32 29.64 -23.62
C LYS B 979 2.45 30.89 -24.42
N ASP B 980 3.02 31.92 -23.81
CA ASP B 980 3.16 33.18 -24.53
C ASP B 980 4.30 33.25 -25.52
N SER B 981 4.19 34.15 -26.46
CA SER B 981 5.22 34.29 -27.46
C SER B 981 6.41 35.27 -27.61
N ALA B 982 6.14 36.47 -28.09
CA ALA B 982 7.02 37.61 -27.97
C ALA B 982 6.69 38.13 -26.63
N ALA B 983 7.66 38.70 -25.93
CA ALA B 983 9.08 38.59 -26.24
C ALA B 983 10.57 38.30 -26.22
N THR B 984 11.12 38.16 -25.02
CA THR B 984 12.04 38.00 -23.90
C THR B 984 12.00 36.69 -23.19
N THR B 985 12.73 36.60 -22.09
CA THR B 985 12.80 35.37 -21.38
C THR B 985 12.26 34.57 -20.26
N ASP B 986 12.28 35.20 -19.11
CA ASP B 986 11.73 34.54 -17.96
C ASP B 986 10.72 35.63 -17.91
N GLU B 987 9.51 35.22 -17.69
CA GLU B 987 8.40 36.13 -17.39
C GLU B 987 7.61 36.77 -18.52
N GLU B 988 7.90 36.31 -19.73
CA GLU B 988 7.34 36.85 -20.96
C GLU B 988 6.72 35.69 -21.72
N ARG B 989 7.45 34.59 -21.76
CA ARG B 989 6.95 33.26 -22.04
C ARG B 989 7.01 32.34 -20.83
N GLN B 990 7.91 32.60 -19.86
CA GLN B 990 7.92 31.85 -18.60
C GLN B 990 6.53 31.92 -17.94
N HIS B 991 5.80 32.96 -18.34
CA HIS B 991 4.41 33.15 -17.94
C HIS B 991 3.52 32.54 -19.02
N LEU B 992 2.25 32.39 -18.71
CA LEU B 992 1.28 32.08 -19.76
C LEU B 992 -0.03 32.76 -19.42
N GLN B 993 -0.64 33.38 -20.43
CA GLN B 993 -1.84 34.18 -20.27
C GLN B 993 -3.07 33.33 -20.57
N GLU B 994 -4.25 33.96 -20.47
CA GLU B 994 -5.52 33.26 -20.53
C GLU B 994 -6.26 33.71 -21.80
N VAL B 995 -5.97 33.01 -22.91
CA VAL B 995 -6.66 33.25 -24.17
C VAL B 995 -8.13 32.87 -24.14
N GLY B 996 -8.61 32.27 -23.06
CA GLY B 996 -10.00 31.88 -22.97
C GLY B 996 -10.60 32.05 -21.59
N LEU B 997 -11.78 32.68 -21.52
CA LEU B 997 -12.55 32.81 -20.29
C LEU B 997 -14.01 32.53 -20.61
N PHE B 998 -14.71 31.88 -19.69
CA PHE B 998 -16.08 31.45 -19.95
C PHE B 998 -16.71 31.02 -18.65
N HIS B 999 -17.96 31.41 -18.44
CA HIS B 999 -18.70 31.09 -17.23
C HIS B 999 -19.68 29.97 -17.54
N LEU B 1000 -19.52 28.83 -16.87
CA LEU B 1000 -20.33 27.66 -17.13
C LEU B 1000 -21.57 27.58 -16.24
N GLY B 1001 -21.45 27.96 -14.98
CA GLY B 1001 -22.52 27.78 -14.01
C GLY B 1001 -22.50 26.45 -13.32
N GLU B 1002 -21.62 25.53 -13.72
CA GLU B 1002 -21.51 24.21 -13.13
C GLU B 1002 -20.17 24.05 -12.43
N PHE B 1003 -20.14 23.16 -11.45
CA PHE B 1003 -18.94 22.88 -10.67
C PHE B 1003 -18.29 21.63 -11.23
N VAL B 1004 -17.30 21.82 -12.11
CA VAL B 1004 -16.64 20.68 -12.74
C VAL B 1004 -15.78 19.96 -11.72
N ASN B 1005 -15.83 18.63 -11.74
CA ASN B 1005 -14.97 17.79 -10.91
C ASN B 1005 -13.91 17.04 -11.69
N VAL B 1006 -14.21 16.62 -12.92
CA VAL B 1006 -13.33 15.73 -13.66
C VAL B 1006 -13.41 16.07 -15.13
N PHE B 1007 -12.25 16.12 -15.77
CA PHE B 1007 -12.12 16.17 -17.22
C PHE B 1007 -11.60 14.83 -17.73
N CYS B 1008 -12.00 14.47 -18.95
CA CYS B 1008 -11.46 13.28 -19.59
C CYS B 1008 -11.73 13.36 -21.09
N HIS B 1009 -11.00 12.56 -21.83
CA HIS B 1009 -11.07 12.56 -23.29
C HIS B 1009 -12.02 11.47 -23.78
N GLY B 1010 -12.57 11.68 -24.96
CA GLY B 1010 -13.46 10.72 -25.59
C GLY B 1010 -14.72 11.38 -26.13
N SER B 1011 -15.47 10.57 -26.88
CA SER B 1011 -16.72 11.03 -27.48
C SER B 1011 -17.75 9.91 -27.40
N LEU B 1012 -19.01 10.30 -27.18
CA LEU B 1012 -20.07 9.31 -27.08
C LEU B 1012 -20.55 8.85 -28.46
N VAL B 1013 -20.50 9.73 -29.46
CA VAL B 1013 -20.84 9.34 -30.82
C VAL B 1013 -19.65 8.63 -31.45
N MET B 1014 -19.94 7.78 -32.42
CA MET B 1014 -18.90 6.99 -33.07
C MET B 1014 -17.99 7.89 -33.91
N GLN B 1015 -16.69 7.63 -33.83
CA GLN B 1015 -15.71 8.41 -34.59
C GLN B 1015 -15.82 9.89 -34.24
N PRO B 1023 -14.89 16.66 -40.00
CA PRO B 1023 -15.78 17.60 -39.32
C PRO B 1023 -15.00 18.76 -38.70
N THR B 1024 -15.18 19.00 -37.40
CA THR B 1024 -14.30 19.87 -36.64
C THR B 1024 -13.31 18.99 -35.88
N GLN B 1025 -12.71 19.52 -34.80
CA GLN B 1025 -11.40 19.02 -34.38
C GLN B 1025 -11.40 18.14 -33.15
N GLY B 1026 -11.60 18.70 -31.95
CA GLY B 1026 -11.26 18.03 -30.71
C GLY B 1026 -12.39 17.24 -30.06
N SER B 1027 -12.16 16.89 -28.78
CA SER B 1027 -13.17 16.25 -27.95
C SER B 1027 -12.59 16.22 -26.53
N VAL B 1028 -13.39 16.65 -25.54
CA VAL B 1028 -13.00 16.61 -24.13
C VAL B 1028 -14.30 16.67 -23.35
N LEU B 1029 -14.56 15.66 -22.52
CA LEU B 1029 -15.77 15.58 -21.72
C LEU B 1029 -15.48 15.97 -20.27
N PHE B 1030 -16.49 16.51 -19.60
CA PHE B 1030 -16.39 16.86 -18.19
C PHE B 1030 -17.72 16.61 -17.49
N GLY B 1031 -17.63 16.21 -16.23
CA GLY B 1031 -18.80 16.04 -15.38
C GLY B 1031 -18.83 17.05 -14.26
N THR B 1032 -20.01 17.32 -13.71
CA THR B 1032 -20.17 18.39 -12.74
C THR B 1032 -21.02 17.91 -11.57
N VAL B 1033 -21.11 18.75 -10.55
CA VAL B 1033 -21.82 18.39 -9.32
C VAL B 1033 -23.31 18.22 -9.60
N ASN B 1034 -23.88 19.10 -10.41
CA ASN B 1034 -25.31 19.05 -10.72
C ASN B 1034 -25.65 17.93 -11.69
N GLY B 1035 -24.73 17.01 -11.97
CA GLY B 1035 -25.01 15.94 -12.91
C GLY B 1035 -24.99 16.36 -14.35
N MET B 1036 -24.40 17.51 -14.66
CA MET B 1036 -24.33 17.99 -16.03
C MET B 1036 -23.07 17.46 -16.70
N ILE B 1037 -23.20 17.10 -17.98
CA ILE B 1037 -22.10 16.56 -18.76
C ILE B 1037 -21.92 17.44 -19.98
N GLY B 1038 -20.67 17.84 -20.24
CA GLY B 1038 -20.40 18.76 -21.33
C GLY B 1038 -19.15 18.35 -22.09
N LEU B 1039 -19.05 18.87 -23.30
CA LEU B 1039 -17.98 18.55 -24.23
C LEU B 1039 -17.24 19.83 -24.60
N VAL B 1040 -15.93 19.74 -24.77
CA VAL B 1040 -15.09 20.87 -25.15
C VAL B 1040 -14.34 20.50 -26.43
N THR B 1041 -14.25 21.45 -27.34
CA THR B 1041 -13.60 21.23 -28.62
C THR B 1041 -12.73 22.42 -28.99
N SER B 1042 -12.12 22.34 -30.17
CA SER B 1042 -11.37 23.44 -30.75
C SER B 1042 -11.83 23.64 -32.18
N LEU B 1043 -11.84 24.90 -32.62
CA LEU B 1043 -12.27 25.24 -33.96
C LEU B 1043 -11.24 26.13 -34.62
N SER B 1044 -11.31 26.20 -35.95
CA SER B 1044 -10.45 27.05 -36.75
C SER B 1044 -11.14 28.38 -37.03
N GLU B 1045 -10.37 29.46 -36.94
CA GLU B 1045 -10.88 30.81 -37.16
C GLU B 1045 -11.94 30.88 -38.25
N SER B 1046 -11.79 30.08 -39.30
CA SER B 1046 -12.80 30.01 -40.36
C SER B 1046 -14.13 29.53 -39.78
N TRP B 1047 -14.13 29.16 -38.51
CA TRP B 1047 -15.31 28.76 -37.74
C TRP B 1047 -15.59 29.72 -36.60
N TYR B 1048 -14.56 30.00 -35.80
CA TYR B 1048 -14.73 30.73 -34.56
C TYR B 1048 -15.36 32.10 -34.81
N ASN B 1049 -14.75 32.90 -35.69
CA ASN B 1049 -15.32 34.20 -36.00
C ASN B 1049 -16.63 34.08 -36.78
N LEU B 1050 -16.89 32.93 -37.39
CA LEU B 1050 -18.21 32.65 -37.92
C LEU B 1050 -19.21 32.47 -36.78
N LEU B 1051 -18.87 31.62 -35.81
CA LEU B 1051 -19.75 31.37 -34.67
C LEU B 1051 -19.72 32.52 -33.66
N LEU B 1052 -18.59 33.22 -33.55
CA LEU B 1052 -18.55 34.44 -32.75
C LEU B 1052 -19.55 35.45 -33.27
N ASP B 1053 -19.65 35.59 -34.59
CA ASP B 1053 -20.67 36.45 -35.18
C ASP B 1053 -22.06 35.84 -35.03
N MET B 1054 -22.15 34.51 -34.95
CA MET B 1054 -23.44 33.86 -34.75
C MET B 1054 -23.93 33.98 -33.32
N GLN B 1055 -23.05 34.26 -32.36
CA GLN B 1055 -23.49 34.57 -31.00
C GLN B 1055 -23.93 36.02 -30.89
N ASN B 1056 -23.02 36.94 -31.23
CA ASN B 1056 -23.29 38.37 -31.09
C ASN B 1056 -24.34 38.87 -32.04
N ARG B 1057 -25.05 38.00 -32.75
CA ARG B 1057 -26.26 38.39 -33.47
C ARG B 1057 -27.50 37.68 -32.94
N LEU B 1058 -27.36 36.89 -31.87
CA LEU B 1058 -28.50 36.22 -31.25
C LEU B 1058 -28.97 36.88 -29.96
N ASN B 1059 -28.07 37.58 -29.25
CA ASN B 1059 -28.51 38.37 -28.10
C ASN B 1059 -29.54 39.40 -28.53
N LYS B 1060 -29.35 39.97 -29.72
CA LYS B 1060 -30.22 41.01 -30.25
C LYS B 1060 -31.52 40.45 -30.83
N VAL B 1061 -31.63 39.12 -30.93
CA VAL B 1061 -32.79 38.49 -31.55
C VAL B 1061 -33.33 37.38 -30.65
N ILE B 1062 -33.25 37.56 -29.34
CA ILE B 1062 -33.80 36.57 -28.41
C ILE B 1062 -34.24 37.24 -27.12
N LYS B 1063 -35.29 36.69 -26.54
CA LYS B 1063 -35.74 37.01 -25.20
C LYS B 1063 -34.90 36.27 -24.18
N SER B 1064 -34.34 36.98 -23.22
CA SER B 1064 -33.58 36.33 -22.17
C SER B 1064 -34.43 35.86 -20.99
N VAL B 1065 -35.76 35.92 -21.12
CA VAL B 1065 -36.69 35.44 -20.10
C VAL B 1065 -36.18 35.81 -18.71
N GLY B 1066 -36.30 37.09 -18.37
CA GLY B 1066 -35.79 37.59 -17.11
C GLY B 1066 -34.93 38.82 -17.31
N LYS B 1067 -34.65 39.15 -18.57
CA LYS B 1067 -33.87 40.32 -18.96
C LYS B 1067 -32.40 40.18 -18.59
N ILE B 1068 -31.89 38.95 -18.55
CA ILE B 1068 -30.48 38.70 -18.31
C ILE B 1068 -29.78 38.60 -19.66
N GLU B 1069 -28.97 39.59 -20.00
CA GLU B 1069 -28.28 39.54 -21.28
C GLU B 1069 -27.31 38.37 -21.28
N HIS B 1070 -27.46 37.47 -22.26
CA HIS B 1070 -26.53 36.35 -22.41
C HIS B 1070 -25.09 36.83 -22.31
N SER B 1071 -24.81 38.04 -22.80
CA SER B 1071 -23.53 38.68 -22.56
C SER B 1071 -23.13 38.60 -21.09
N PHE B 1072 -24.07 38.85 -20.19
CA PHE B 1072 -23.76 38.91 -18.76
C PHE B 1072 -23.59 37.51 -18.18
N TRP B 1073 -24.35 36.54 -18.67
CA TRP B 1073 -24.32 35.20 -18.08
C TRP B 1073 -22.98 34.52 -18.28
N ARG B 1074 -22.40 34.65 -19.47
CA ARG B 1074 -21.14 33.97 -19.77
C ARG B 1074 -19.92 34.73 -19.27
N SER B 1075 -20.09 35.94 -18.74
CA SER B 1075 -18.95 36.72 -18.30
C SER B 1075 -18.24 36.02 -17.14
N PHE B 1076 -16.91 36.00 -17.22
CA PHE B 1076 -16.06 35.44 -16.18
C PHE B 1076 -16.25 36.18 -14.87
N HIS B 1077 -16.97 35.58 -13.92
CA HIS B 1077 -17.31 36.24 -12.66
C HIS B 1077 -16.63 35.55 -11.50
N THR B 1078 -16.07 36.35 -10.60
CA THR B 1078 -15.56 35.88 -9.31
C THR B 1078 -15.87 36.94 -8.26
N GLU B 1079 -15.25 36.80 -7.10
CA GLU B 1079 -15.28 37.83 -6.07
C GLU B 1079 -14.34 38.98 -6.38
N ARG B 1080 -13.73 39.00 -7.57
CA ARG B 1080 -12.65 39.92 -7.87
C ARG B 1080 -12.78 40.59 -9.23
N LYS B 1081 -12.46 39.87 -10.30
CA LYS B 1081 -12.51 40.42 -11.66
C LYS B 1081 -13.69 39.83 -12.41
N THR B 1082 -14.49 40.70 -13.02
CA THR B 1082 -15.63 40.30 -13.85
C THR B 1082 -15.29 40.68 -15.29
N GLU B 1083 -14.83 39.70 -16.05
CA GLU B 1083 -14.39 39.91 -17.42
C GLU B 1083 -15.45 39.41 -18.40
N PRO B 1084 -15.36 39.81 -19.67
CA PRO B 1084 -16.22 39.20 -20.70
C PRO B 1084 -15.64 37.88 -21.15
N ALA B 1085 -16.38 37.19 -22.02
CA ALA B 1085 -15.91 35.93 -22.55
C ALA B 1085 -14.74 36.16 -23.51
N THR B 1086 -13.96 35.09 -23.71
CA THR B 1086 -12.88 35.11 -24.68
C THR B 1086 -12.67 33.68 -25.17
N GLY B 1087 -12.49 33.54 -26.48
CA GLY B 1087 -12.14 32.26 -27.08
C GLY B 1087 -13.06 31.10 -26.71
N PHE B 1088 -14.31 31.40 -26.35
CA PHE B 1088 -15.26 30.37 -25.96
C PHE B 1088 -16.59 30.59 -26.63
N ILE B 1089 -17.26 29.48 -26.94
CA ILE B 1089 -18.54 29.47 -27.62
C ILE B 1089 -19.38 28.33 -27.06
N ASP B 1090 -20.63 28.61 -26.74
CA ASP B 1090 -21.55 27.58 -26.27
C ASP B 1090 -22.60 27.32 -27.35
N GLY B 1091 -22.59 26.11 -27.90
CA GLY B 1091 -23.60 25.71 -28.85
C GLY B 1091 -24.99 25.67 -28.27
N ASP B 1092 -25.10 25.59 -26.94
CA ASP B 1092 -26.40 25.67 -26.29
C ASP B 1092 -27.10 26.98 -26.60
N LEU B 1093 -26.35 28.02 -26.96
CA LEU B 1093 -26.90 29.28 -27.43
C LEU B 1093 -26.92 29.36 -28.95
N ILE B 1094 -26.36 28.36 -29.65
CA ILE B 1094 -26.24 28.39 -31.11
C ILE B 1094 -27.03 27.24 -31.73
N GLU B 1095 -27.21 26.14 -30.99
CA GLU B 1095 -28.08 25.09 -31.49
C GLU B 1095 -29.55 25.46 -31.35
N SER B 1096 -29.90 26.17 -30.27
CA SER B 1096 -31.26 26.67 -30.11
C SER B 1096 -31.71 27.49 -31.32
N PHE B 1097 -30.75 28.07 -32.04
CA PHE B 1097 -31.01 28.84 -33.25
C PHE B 1097 -31.81 28.08 -34.29
N LEU B 1098 -31.97 26.76 -34.13
CA LEU B 1098 -32.82 25.96 -35.00
C LEU B 1098 -34.25 25.82 -34.49
N ASP B 1099 -34.66 26.66 -33.54
CA ASP B 1099 -36.00 26.60 -32.98
C ASP B 1099 -36.69 27.96 -33.05
N ILE B 1100 -36.32 28.77 -34.04
CA ILE B 1100 -36.83 30.13 -34.17
C ILE B 1100 -37.58 30.24 -35.50
N SER B 1101 -38.17 31.40 -35.76
CA SER B 1101 -38.86 31.65 -37.01
C SER B 1101 -37.84 31.86 -38.13
N ARG B 1102 -38.35 32.07 -39.35
CA ARG B 1102 -37.48 32.31 -40.51
C ARG B 1102 -37.34 33.78 -40.89
N PRO B 1103 -38.33 34.69 -40.62
CA PRO B 1103 -38.06 36.11 -40.86
C PRO B 1103 -36.88 36.58 -40.03
N LYS B 1104 -37.00 36.58 -38.72
CA LYS B 1104 -35.82 36.49 -37.87
C LYS B 1104 -35.23 35.11 -38.07
N MET B 1105 -33.92 34.99 -37.84
CA MET B 1105 -33.10 33.84 -38.22
C MET B 1105 -32.72 33.93 -39.69
N GLN B 1106 -33.33 34.84 -40.46
CA GLN B 1106 -32.72 35.47 -41.62
C GLN B 1106 -32.36 36.91 -41.32
N GLU B 1107 -32.70 37.40 -40.13
CA GLU B 1107 -32.23 38.69 -39.65
C GLU B 1107 -30.81 38.60 -39.13
N VAL B 1108 -30.40 37.41 -38.68
CA VAL B 1108 -29.03 37.16 -38.26
C VAL B 1108 -28.09 37.05 -39.46
N VAL B 1109 -28.62 36.62 -40.60
CA VAL B 1109 -27.82 36.35 -41.78
C VAL B 1109 -27.98 37.51 -42.78
N ALA B 1126 -29.16 30.93 -45.16
CA ALA B 1126 -30.34 30.86 -44.31
C ALA B 1126 -30.96 29.47 -44.36
N ASP B 1127 -30.44 28.66 -45.26
CA ASP B 1127 -30.51 27.21 -45.15
C ASP B 1127 -29.11 26.63 -45.16
N ASP B 1128 -28.10 27.50 -45.03
CA ASP B 1128 -26.70 27.14 -44.86
C ASP B 1128 -26.27 27.19 -43.41
N LEU B 1129 -27.19 27.48 -42.48
CA LEU B 1129 -26.91 27.36 -41.06
C LEU B 1129 -27.71 26.24 -40.39
N ILE B 1130 -28.80 25.77 -41.02
CA ILE B 1130 -29.53 24.64 -40.48
C ILE B 1130 -28.76 23.34 -40.64
N LYS B 1131 -27.73 23.31 -41.51
CA LYS B 1131 -27.03 22.08 -41.91
C LYS B 1131 -25.54 22.20 -41.66
N VAL B 1132 -25.17 22.82 -40.55
CA VAL B 1132 -23.80 23.18 -40.21
C VAL B 1132 -23.91 22.80 -38.76
N VAL B 1133 -24.94 23.38 -38.16
CA VAL B 1133 -25.24 23.15 -36.78
C VAL B 1133 -25.76 21.73 -36.55
N GLU B 1134 -26.71 21.29 -37.38
CA GLU B 1134 -27.13 19.90 -37.40
C GLU B 1134 -25.94 18.96 -37.53
N GLU B 1135 -24.86 19.43 -38.16
CA GLU B 1135 -23.62 18.68 -38.17
C GLU B 1135 -22.82 18.90 -36.89
N LEU B 1136 -23.02 20.03 -36.22
CA LEU B 1136 -22.39 20.29 -34.93
C LEU B 1136 -23.22 19.82 -33.75
N THR B 1137 -24.42 19.29 -33.99
CA THR B 1137 -25.18 18.62 -32.94
C THR B 1137 -24.84 17.15 -32.83
N ARG B 1138 -24.24 16.57 -33.86
CA ARG B 1138 -23.83 15.17 -33.85
C ARG B 1138 -22.45 14.97 -33.25
N ILE B 1139 -22.08 15.76 -32.24
CA ILE B 1139 -20.79 15.63 -31.58
C ILE B 1139 -20.91 14.98 -30.20
N HIS B 1140 -22.12 14.72 -29.73
CA HIS B 1140 -22.33 14.23 -28.37
C HIS B 1140 -23.58 13.36 -28.28
N MET C 1 57.58 -8.83 42.41
CA MET C 1 57.72 -9.59 41.14
C MET C 1 57.55 -11.08 41.43
N ALA C 2 56.71 -11.74 40.62
CA ALA C 2 56.43 -13.15 40.84
C ALA C 2 57.70 -13.97 40.70
N ASP C 3 57.85 -14.95 41.57
CA ASP C 3 58.87 -15.98 41.41
C ASP C 3 58.50 -16.88 40.24
N PHE C 4 57.35 -17.51 40.35
CA PHE C 4 56.83 -18.49 39.40
C PHE C 4 56.41 -17.95 38.03
N LEU C 5 56.74 -16.70 37.73
CA LEU C 5 56.50 -16.16 36.38
C LEU C 5 57.79 -15.90 35.61
N LYS C 6 58.94 -16.07 36.25
CA LYS C 6 60.21 -16.00 35.54
C LYS C 6 60.37 -17.24 34.67
N GLY C 7 60.46 -17.05 33.37
CA GLY C 7 60.77 -18.13 32.46
C GLY C 7 59.57 -18.93 31.98
N LEU C 8 58.56 -18.24 31.47
CA LEU C 8 57.45 -18.95 30.85
C LEU C 8 57.92 -19.58 29.54
N PRO C 9 57.27 -20.65 29.09
CA PRO C 9 57.75 -21.36 27.89
C PRO C 9 57.84 -20.43 26.69
N VAL C 10 58.96 -20.54 25.97
CA VAL C 10 59.17 -19.82 24.72
C VAL C 10 59.45 -20.84 23.64
N TYR C 11 58.49 -21.03 22.74
CA TYR C 11 58.69 -21.88 21.58
C TYR C 11 59.24 -21.09 20.40
N ASN C 12 58.80 -19.84 20.27
CA ASN C 12 59.34 -18.89 19.31
C ASN C 12 59.15 -17.49 19.90
N LYS C 13 60.12 -16.61 19.65
CA LYS C 13 60.08 -15.28 20.24
C LYS C 13 59.44 -14.25 19.33
N SER C 14 59.70 -14.34 18.02
CA SER C 14 58.95 -13.53 17.06
C SER C 14 57.54 -13.99 16.87
N ASN C 15 57.02 -14.78 17.80
CA ASN C 15 55.73 -15.43 17.68
C ASN C 15 54.57 -14.56 18.20
N PHE C 16 54.87 -13.55 19.01
CA PHE C 16 53.80 -12.77 19.63
C PHE C 16 54.14 -11.29 19.78
N SER C 17 55.17 -10.79 19.11
CA SER C 17 55.66 -9.43 19.32
C SER C 17 55.30 -8.57 18.10
N ARG C 18 54.02 -8.26 17.98
CA ARG C 18 53.57 -7.32 16.95
C ARG C 18 52.44 -6.57 17.66
N PHE C 19 51.32 -7.23 17.89
CA PHE C 19 50.14 -6.63 18.54
C PHE C 19 50.11 -5.11 18.55
N MET D 1 -51.40 2.44 13.12
CA MET D 1 -51.58 2.85 11.70
C MET D 1 -51.39 4.34 11.50
N ALA D 2 -50.74 5.00 12.46
CA ALA D 2 -50.42 6.42 12.36
C ALA D 2 -51.70 7.23 12.19
N ASP D 3 -52.54 7.18 13.22
CA ASP D 3 -53.79 7.94 13.19
C ASP D 3 -53.58 9.32 12.58
N PHE D 4 -52.41 9.92 12.83
CA PHE D 4 -52.17 11.29 12.39
C PHE D 4 -52.10 11.42 10.86
N LEU D 5 -52.21 10.33 10.10
CA LEU D 5 -52.18 10.42 8.65
C LEU D 5 -53.57 10.44 8.00
N LYS D 6 -54.63 10.21 8.76
CA LYS D 6 -55.97 10.28 8.19
C LYS D 6 -56.31 11.72 7.84
N GLY D 7 -56.63 11.95 6.58
CA GLY D 7 -57.07 13.26 6.13
C GLY D 7 -55.97 14.15 5.61
N LEU D 8 -55.10 13.62 4.75
CA LEU D 8 -54.13 14.46 4.08
C LEU D 8 -54.86 15.39 3.10
N PRO D 9 -54.28 16.56 2.81
CA PRO D 9 -54.99 17.52 1.95
C PRO D 9 -55.38 16.91 0.62
N VAL D 10 -56.63 17.15 0.23
CA VAL D 10 -57.15 16.75 -1.07
C VAL D 10 -57.57 18.02 -1.80
N TYR D 11 -56.76 18.44 -2.78
CA TYR D 11 -57.13 19.54 -3.64
C TYR D 11 -58.00 19.06 -4.79
N ASN D 12 -57.72 17.86 -5.29
CA ASN D 12 -58.53 17.18 -6.27
C ASN D 12 -58.33 15.69 -6.06
N LYS D 13 -59.37 14.90 -6.31
CA LYS D 13 -59.28 13.46 -6.10
C LYS D 13 -58.90 12.71 -7.36
N SER D 14 -59.38 13.15 -8.51
CA SER D 14 -58.95 12.60 -9.80
C SER D 14 -57.57 13.07 -10.20
N ASN D 15 -56.83 13.65 -9.25
CA ASN D 15 -55.55 14.28 -9.55
C ASN D 15 -54.40 13.29 -9.55
N PHE D 16 -54.53 12.17 -8.83
CA PHE D 16 -53.42 11.23 -8.73
C PHE D 16 -53.87 9.77 -8.73
N SER D 17 -55.14 9.50 -9.03
CA SER D 17 -55.67 8.13 -9.00
C SER D 17 -55.62 7.49 -10.39
N ARG D 18 -54.46 7.58 -11.02
CA ARG D 18 -54.23 6.96 -12.32
C ARG D 18 -52.72 6.94 -12.57
N PHE D 19 -52.23 5.83 -13.11
CA PHE D 19 -50.80 5.68 -13.35
C PHE D 19 -50.53 4.50 -14.27
#